data_7D0L
#
_entry.id   7D0L
#
_entity_poly.entity_id   1
_entity_poly.type   'polypeptide(L)'
_entity_poly.pdbx_seq_one_letter_code
;PISADFSEVENAPSFLSLAENTDEVLKPYTGLEIQTIITNIVGDANPNQSRIFDQDRLRGNQYSAGGLVTQNAVSAIPFT
NLIPRTIRVGNILVNSANRLQITETNVSEYYSNPIIATKLSEMISDQVKNNQFSTWRRDNTSLQGFNAFDIATINTAILP
NGLSLESMLLKLSLLHSIKAMNVDAASINRSQYQVIDHNTVPTIGAPAVVGVNNSPVFGEDCGGNNPVYPFGGGTGAIAF
HVTLQTVPDERKSYAIFVPPAILQATSDANEALALFALSMSEWPHALYTVTKQTTDLAGANAGQQVFIPTQSTIHIGGRR
VLDLIIPRREIAPNPTTLVAANAMCMVRPQAGPDATAGAIPLAAGQLFNMNFIGAPAFEEWPMTSYLYSWAGRFDITTIR
QYMGRLATMVGVKDAYWAAHELNVALSQVAPKMTTAAGGWAAQAANSAQQSDVCYSSLLTVTRSAANFPLANQPAADMRV
YDTDPATWNKVALGLATAANLVPEQSMDVPFVVGDARASFWERLQAIPMCIAWTMYYHSRGITTLAWDNAYTDNTNKWLQ
KMVRNTFSTTQSVGTIIPARYGKIVCNLYKNMFHRAPAYVATSVGGKELHITHFERWLPGGTYANVYSGAGAVVNCFSPV
LIPDIWCQYFTAKLPLFAGAFPPAQGQNSTKGFNSKQGLMIHRNQNNNLVAPYLEKFADNSSYFPVGQGPEINDMATWNG
RLWMTTGNVQYLDYSGAAIVEAVPPAGELPVGKQIPLLAGENAPIELTNAATTCVPRYSNDGRRIFTYLTTAQSVIPVQA
CNRAANLARSCWLLSNVYAEPALQALGDEVEDAFDTLTNSSFLDVAKSVAESAGEVPATKALTDLQAVDVSSLPSTSDPS
NVLSQPAPLMSPPTSSS
;
_entity_poly.pdbx_strand_id   A,B
#
# COMPACT_ATOMS: atom_id res chain seq x y z
N PRO A 1 -15.02 15.09 -1.25
CA PRO A 1 -14.49 14.91 -2.60
C PRO A 1 -14.20 16.23 -3.29
N ILE A 2 -13.15 16.26 -4.11
CA ILE A 2 -12.83 17.44 -4.88
C ILE A 2 -13.73 17.55 -6.11
N SER A 3 -13.95 18.78 -6.59
CA SER A 3 -14.96 18.99 -7.62
C SER A 3 -14.43 19.38 -8.99
N ALA A 4 -14.99 18.74 -10.02
CA ALA A 4 -14.63 18.92 -11.42
C ALA A 4 -15.37 20.05 -12.11
N ASP A 5 -16.37 20.60 -11.45
CA ASP A 5 -17.34 21.45 -12.11
C ASP A 5 -18.09 22.17 -10.99
N PHE A 6 -18.76 23.27 -11.28
CA PHE A 6 -19.45 23.96 -10.19
C PHE A 6 -20.76 23.26 -9.87
N SER A 7 -21.19 22.36 -10.74
CA SER A 7 -22.42 21.60 -10.54
C SER A 7 -22.28 20.72 -9.32
N GLU A 8 -21.05 20.34 -9.05
CA GLU A 8 -20.72 19.48 -7.92
C GLU A 8 -20.64 20.27 -6.62
N VAL A 9 -20.61 21.59 -6.73
CA VAL A 9 -20.66 22.45 -5.57
C VAL A 9 -22.09 22.71 -5.11
N GLU A 10 -22.96 23.02 -6.05
CA GLU A 10 -24.34 23.35 -5.72
C GLU A 10 -25.10 22.18 -5.14
N ASN A 11 -24.70 20.97 -5.52
CA ASN A 11 -25.43 19.79 -5.13
C ASN A 11 -24.87 19.12 -3.90
N ALA A 12 -23.90 19.76 -3.26
CA ALA A 12 -23.29 19.23 -2.04
C ALA A 12 -24.24 19.29 -0.86
N PRO A 13 -24.07 18.39 0.11
CA PRO A 13 -24.88 18.37 1.33
C PRO A 13 -24.73 19.63 2.17
N SER A 14 -25.82 20.04 2.83
CA SER A 14 -25.75 21.11 3.81
C SER A 14 -25.16 20.59 5.10
N PHE A 15 -24.61 21.49 5.91
CA PHE A 15 -23.97 21.10 7.14
C PHE A 15 -24.91 20.44 8.14
N LEU A 16 -26.12 20.96 8.28
CA LEU A 16 -27.07 20.40 9.24
C LEU A 16 -27.52 19.00 8.85
N SER A 17 -27.48 18.70 7.57
CA SER A 17 -27.84 17.38 7.09
C SER A 17 -26.85 16.30 7.53
N LEU A 18 -25.58 16.67 7.66
CA LEU A 18 -24.55 15.74 8.07
C LEU A 18 -24.37 15.70 9.58
N ALA A 19 -24.80 16.76 10.27
CA ALA A 19 -24.69 16.82 11.72
C ALA A 19 -25.83 16.07 12.38
N GLU A 20 -26.73 15.56 11.56
CA GLU A 20 -27.87 14.76 12.01
C GLU A 20 -27.49 13.37 12.52
N ASN A 21 -28.19 12.88 13.53
CA ASN A 21 -27.97 11.55 14.08
C ASN A 21 -28.22 10.42 13.09
N THR A 22 -27.32 9.45 13.06
CA THR A 22 -27.49 8.28 12.20
C THR A 22 -27.55 7.00 13.03
N ASP A 23 -28.44 6.09 12.63
CA ASP A 23 -28.79 4.93 13.45
C ASP A 23 -27.88 3.72 13.19
N GLU A 24 -27.52 3.52 11.93
CA GLU A 24 -26.82 2.30 11.51
C GLU A 24 -25.47 2.09 12.17
N VAL A 25 -25.20 0.84 12.56
CA VAL A 25 -23.91 0.44 13.11
C VAL A 25 -22.85 0.41 12.00
N LEU A 26 -21.64 0.87 12.30
CA LEU A 26 -20.62 1.04 11.28
C LEU A 26 -19.37 0.26 11.64
N LYS A 27 -18.26 0.54 10.95
CA LYS A 27 -17.02 -0.18 11.14
C LYS A 27 -15.88 0.72 11.53
N PRO A 28 -14.89 0.17 12.24
CA PRO A 28 -13.74 0.96 12.67
C PRO A 28 -12.95 1.46 11.48
N TYR A 29 -12.34 2.63 11.60
CA TYR A 29 -11.63 3.17 10.48
C TYR A 29 -10.14 3.01 10.78
N THR A 30 -9.63 1.83 10.44
CA THR A 30 -8.24 1.46 10.67
C THR A 30 -7.34 2.09 9.63
N GLY A 31 -6.07 2.28 9.96
CA GLY A 31 -5.16 3.03 9.12
C GLY A 31 -4.71 2.22 7.93
N LEU A 32 -5.05 0.94 7.95
CA LEU A 32 -4.74 0.04 6.86
C LEU A 32 -5.50 0.35 5.58
N GLU A 33 -6.70 0.92 5.68
CA GLU A 33 -7.41 1.36 4.49
C GLU A 33 -7.27 2.84 4.25
N ILE A 34 -6.69 3.56 5.19
CA ILE A 34 -6.36 4.95 4.95
C ILE A 34 -5.03 4.97 4.23
N GLN A 35 -4.35 3.83 4.28
CA GLN A 35 -3.05 3.65 3.67
C GLN A 35 -3.10 3.76 2.17
N THR A 36 -4.24 3.37 1.62
CA THR A 36 -4.40 3.14 0.20
C THR A 36 -4.73 4.45 -0.51
N ILE A 37 -4.99 5.50 0.25
CA ILE A 37 -5.27 6.80 -0.34
C ILE A 37 -3.97 7.49 -0.73
N ILE A 38 -2.94 7.40 0.11
CA ILE A 38 -1.64 8.00 -0.16
C ILE A 38 -0.96 7.37 -1.35
N THR A 39 -1.04 6.05 -1.41
CA THR A 39 -0.59 5.26 -2.54
C THR A 39 -1.80 5.18 -3.45
N ASN A 40 -1.63 4.69 -4.67
CA ASN A 40 -2.75 4.65 -5.64
C ASN A 40 -3.29 6.03 -5.95
N ILE A 41 -2.38 6.96 -6.20
CA ILE A 41 -2.72 8.33 -6.51
C ILE A 41 -2.63 8.54 -8.04
N VAL A 42 -3.43 9.44 -8.61
CA VAL A 42 -3.33 9.81 -10.02
C VAL A 42 -2.08 10.67 -10.27
N GLY A 43 -1.42 10.48 -11.42
CA GLY A 43 -0.26 11.27 -11.81
C GLY A 43 0.73 10.50 -12.66
N ASP A 44 1.28 11.12 -13.70
CA ASP A 44 2.26 10.45 -14.55
C ASP A 44 3.71 10.78 -14.22
N ALA A 45 3.93 11.81 -13.41
CA ALA A 45 5.28 12.20 -13.00
C ALA A 45 5.78 11.39 -11.81
N ASN A 46 4.89 10.59 -11.23
CA ASN A 46 5.15 9.95 -9.96
C ASN A 46 5.81 8.58 -10.09
N PRO A 47 7.01 8.41 -9.53
CA PRO A 47 7.57 7.07 -9.38
C PRO A 47 6.87 6.43 -8.22
N ASN A 48 6.29 5.27 -8.41
CA ASN A 48 5.51 4.69 -7.33
C ASN A 48 6.35 3.79 -6.46
N GLN A 49 7.07 4.41 -5.52
CA GLN A 49 7.95 3.71 -4.60
C GLN A 49 7.17 2.70 -3.79
N SER A 50 7.79 1.56 -3.50
CA SER A 50 7.12 0.53 -2.72
C SER A 50 7.38 0.66 -1.22
N ARG A 51 8.56 1.18 -0.86
CA ARG A 51 8.94 1.31 0.54
C ARG A 51 8.04 2.29 1.25
N ILE A 52 7.72 2.01 2.50
CA ILE A 52 6.81 2.84 3.27
C ILE A 52 7.56 4.09 3.73
N PHE A 53 8.87 4.05 3.59
CA PHE A 53 9.76 5.16 3.91
C PHE A 53 9.53 6.35 2.98
N ASP A 54 9.12 6.07 1.75
CA ASP A 54 8.94 7.10 0.73
C ASP A 54 7.48 7.50 0.54
N GLN A 55 6.59 6.65 1.02
CA GLN A 55 5.16 6.90 0.91
C GLN A 55 4.64 7.72 2.06
N ASP A 56 5.03 8.98 2.12
CA ASP A 56 4.84 9.79 3.31
C ASP A 56 4.27 11.17 3.02
N ARG A 57 3.50 11.28 1.97
CA ARG A 57 3.37 12.57 1.35
C ARG A 57 2.24 12.58 0.36
N LEU A 58 1.62 13.74 0.12
CA LEU A 58 0.56 13.80 -0.87
C LEU A 58 1.12 14.42 -2.14
N ARG A 59 1.28 13.58 -3.16
CA ARG A 59 1.82 13.99 -4.45
C ARG A 59 0.71 14.24 -5.44
N GLY A 60 0.85 15.25 -6.30
CA GLY A 60 -0.12 15.43 -7.34
C GLY A 60 0.20 16.49 -8.39
N ASN A 61 -0.46 16.42 -9.52
CA ASN A 61 -0.40 17.49 -10.51
C ASN A 61 -1.27 18.65 -10.07
N GLN A 62 -0.93 19.85 -10.50
CA GLN A 62 -1.70 21.04 -10.12
C GLN A 62 -1.91 21.96 -11.30
N TYR A 63 -2.95 22.77 -11.23
CA TYR A 63 -3.30 23.63 -12.34
C TYR A 63 -3.47 25.03 -11.81
N SER A 64 -2.75 25.97 -12.42
CA SER A 64 -2.74 27.37 -12.05
C SER A 64 -3.99 28.12 -12.46
N ALA A 65 -4.26 29.23 -11.78
CA ALA A 65 -5.37 30.10 -12.15
C ALA A 65 -5.14 30.74 -13.51
N GLY A 66 -3.88 30.85 -13.89
CA GLY A 66 -3.52 31.34 -15.20
C GLY A 66 -3.52 30.27 -16.28
N GLY A 67 -3.82 29.04 -15.89
CA GLY A 67 -3.87 27.93 -16.82
C GLY A 67 -2.61 27.15 -17.13
N LEU A 68 -1.55 27.32 -16.34
CA LEU A 68 -0.36 26.47 -16.46
C LEU A 68 -0.50 25.18 -15.65
N VAL A 69 0.29 24.17 -16.00
CA VAL A 69 0.27 22.88 -15.28
C VAL A 69 1.56 22.63 -14.53
N THR A 70 1.45 22.06 -13.33
CA THR A 70 2.59 21.78 -12.48
C THR A 70 2.59 20.33 -12.03
N GLN A 71 3.70 19.63 -12.26
CA GLN A 71 3.74 18.20 -12.03
C GLN A 71 4.41 17.76 -10.75
N ASN A 72 3.74 16.84 -10.08
CA ASN A 72 4.25 16.19 -8.88
C ASN A 72 4.62 17.21 -7.81
N ALA A 73 3.69 18.12 -7.56
CA ALA A 73 3.75 19.03 -6.42
C ALA A 73 3.40 18.29 -5.14
N VAL A 74 3.93 18.80 -4.04
CA VAL A 74 4.01 18.08 -2.77
C VAL A 74 3.17 18.72 -1.66
N SER A 75 2.65 17.88 -0.78
CA SER A 75 1.99 18.34 0.44
C SER A 75 2.32 17.38 1.57
N ALA A 76 3.06 17.88 2.56
CA ALA A 76 3.52 17.08 3.69
C ALA A 76 2.39 16.58 4.55
N ILE A 77 2.54 15.41 5.13
CA ILE A 77 1.60 14.94 6.14
C ILE A 77 1.87 15.71 7.43
N PRO A 78 0.85 16.37 7.95
CA PRO A 78 0.90 17.25 9.12
C PRO A 78 1.34 16.65 10.47
N PHE A 79 1.04 15.39 10.77
CA PHE A 79 1.17 14.89 12.14
C PHE A 79 2.45 14.14 12.47
N THR A 80 2.77 14.08 13.76
CA THR A 80 3.96 13.40 14.26
C THR A 80 3.85 13.16 15.75
N ASN A 81 4.75 12.35 16.31
CA ASN A 81 4.83 12.20 17.75
C ASN A 81 6.21 12.52 18.34
N LEU A 82 7.17 12.85 17.48
CA LEU A 82 8.53 13.10 17.92
C LEU A 82 8.85 14.57 18.12
N ILE A 83 9.30 14.93 19.32
CA ILE A 83 9.75 16.29 19.61
C ILE A 83 11.27 16.36 19.62
N PRO A 84 11.86 17.11 18.69
CA PRO A 84 13.32 17.19 18.59
C PRO A 84 13.96 17.80 19.83
N ARG A 85 15.13 17.33 20.23
CA ARG A 85 15.81 17.96 21.35
C ARG A 85 17.21 18.38 20.95
N THR A 86 17.50 18.30 19.65
CA THR A 86 18.77 18.77 19.11
C THR A 86 18.56 19.33 17.71
N ILE A 87 18.04 20.55 17.63
CA ILE A 87 17.72 21.15 16.34
C ILE A 87 18.97 21.49 15.54
N ARG A 88 18.95 21.23 14.25
CA ARG A 88 20.00 21.77 13.38
C ARG A 88 19.87 23.27 13.21
N VAL A 89 21.01 23.95 13.26
CA VAL A 89 21.09 25.37 12.97
C VAL A 89 22.38 25.57 12.22
N GLY A 90 22.36 26.37 11.17
CA GLY A 90 23.56 26.62 10.40
C GLY A 90 24.10 25.34 9.81
N ASN A 91 23.20 24.42 9.52
CA ASN A 91 23.50 23.08 9.01
C ASN A 91 24.32 22.21 9.96
N ILE A 92 24.24 22.47 11.27
CA ILE A 92 24.91 21.60 12.23
C ILE A 92 24.04 21.37 13.45
N LEU A 93 24.18 20.21 14.06
CA LEU A 93 23.38 19.89 15.24
C LEU A 93 23.70 20.84 16.37
N VAL A 94 22.65 21.34 16.98
CA VAL A 94 22.76 22.35 18.02
C VAL A 94 21.73 22.02 19.08
N ASN A 95 22.13 22.20 20.32
CA ASN A 95 21.31 21.82 21.44
C ASN A 95 20.05 22.68 21.44
N SER A 96 18.91 22.09 21.80
CA SER A 96 17.64 22.79 21.71
C SER A 96 17.53 23.92 22.73
N ALA A 97 16.75 24.94 22.41
CA ALA A 97 16.59 26.09 23.28
C ALA A 97 15.18 26.23 23.84
N ASN A 98 14.38 25.17 23.68
CA ASN A 98 12.95 25.24 23.97
C ASN A 98 12.46 24.11 24.87
N ARG A 99 11.65 24.44 25.85
CA ARG A 99 11.24 23.48 26.86
C ARG A 99 10.25 22.44 26.35
N LEU A 100 10.21 21.29 27.01
CA LEU A 100 9.43 20.14 26.55
C LEU A 100 7.91 20.26 26.81
N GLN A 101 7.12 19.62 25.93
CA GLN A 101 5.66 19.61 26.01
C GLN A 101 5.20 18.67 27.12
N ILE A 102 4.01 18.88 27.68
CA ILE A 102 3.47 17.95 28.67
C ILE A 102 1.95 17.79 28.58
N THR A 103 1.46 16.62 29.02
CA THR A 103 0.04 16.31 29.02
C THR A 103 -0.33 15.75 30.38
N GLU A 104 -1.60 15.82 30.76
CA GLU A 104 -2.06 15.27 32.03
C GLU A 104 -3.39 14.59 31.83
N THR A 105 -3.96 14.05 32.90
CA THR A 105 -5.20 13.29 32.81
C THR A 105 -5.91 13.22 34.15
N ASN A 106 -7.22 13.36 34.19
CA ASN A 106 -7.99 13.03 35.38
C ASN A 106 -8.50 11.62 35.36
N VAL A 107 -7.77 10.71 36.00
CA VAL A 107 -8.23 9.35 36.16
C VAL A 107 -9.45 9.33 37.07
N SER A 108 -10.39 8.45 36.76
CA SER A 108 -11.67 8.42 37.43
C SER A 108 -12.04 7.00 37.84
N GLU A 109 -12.86 6.87 38.86
CA GLU A 109 -13.36 5.55 39.26
C GLU A 109 -14.38 5.03 38.27
N TYR A 110 -14.36 3.72 38.07
CA TYR A 110 -15.26 3.08 37.12
C TYR A 110 -16.33 2.28 37.84
N TYR A 111 -17.49 2.89 38.09
CA TYR A 111 -18.60 2.18 38.70
C TYR A 111 -19.49 1.45 37.72
N SER A 112 -19.28 1.64 36.43
CA SER A 112 -20.10 1.00 35.43
C SER A 112 -19.78 -0.49 35.34
N ASN A 113 -20.75 -1.31 34.93
CA ASN A 113 -20.60 -2.77 34.94
C ASN A 113 -20.10 -3.35 36.25
N PRO A 114 -20.86 -3.21 37.34
CA PRO A 114 -20.49 -3.82 38.62
C PRO A 114 -20.46 -5.35 38.54
N ILE A 115 -19.54 -5.96 39.29
CA ILE A 115 -19.23 -7.39 39.18
C ILE A 115 -20.21 -8.36 39.83
N ILE A 116 -20.23 -9.60 39.36
CA ILE A 116 -21.02 -10.67 39.98
C ILE A 116 -20.13 -11.73 40.63
N ALA A 117 -20.56 -12.21 41.79
CA ALA A 117 -19.88 -13.28 42.52
C ALA A 117 -20.01 -14.63 41.84
N THR A 118 -18.91 -15.38 41.83
CA THR A 118 -18.91 -16.77 41.33
C THR A 118 -19.50 -17.70 42.37
N LYS A 119 -19.92 -18.89 41.96
CA LYS A 119 -20.42 -19.86 42.93
C LYS A 119 -19.35 -20.30 43.90
N LEU A 120 -18.09 -20.25 43.44
CA LEU A 120 -16.97 -20.49 44.32
C LEU A 120 -16.90 -19.50 45.48
N SER A 121 -16.96 -18.20 45.19
CA SER A 121 -16.89 -17.20 46.25
C SER A 121 -18.13 -17.22 47.15
N GLU A 122 -19.24 -17.63 46.55
CA GLU A 122 -20.47 -17.86 47.29
C GLU A 122 -20.36 -18.96 48.32
N MET A 123 -19.85 -20.11 47.90
CA MET A 123 -19.64 -21.18 48.85
C MET A 123 -18.56 -20.83 49.86
N ILE A 124 -17.56 -20.05 49.47
CA ILE A 124 -16.57 -19.63 50.44
C ILE A 124 -17.20 -18.80 51.55
N SER A 125 -18.05 -17.86 51.17
CA SER A 125 -18.68 -17.04 52.20
C SER A 125 -19.63 -17.88 53.05
N ASP A 126 -20.21 -18.91 52.44
CA ASP A 126 -21.07 -19.80 53.22
C ASP A 126 -20.26 -20.53 54.29
N GLN A 127 -19.05 -20.95 53.92
CA GLN A 127 -18.13 -21.60 54.84
C GLN A 127 -17.61 -20.70 55.94
N VAL A 128 -17.46 -19.41 55.63
CA VAL A 128 -17.17 -18.42 56.66
C VAL A 128 -18.37 -18.21 57.60
N LYS A 129 -19.58 -18.28 57.04
CA LYS A 129 -20.78 -18.14 57.85
C LYS A 129 -20.93 -19.28 58.85
N ASN A 130 -20.85 -20.49 58.33
CA ASN A 130 -21.11 -21.69 59.11
C ASN A 130 -19.90 -22.10 59.91
N ASN A 131 -18.83 -21.34 59.75
CA ASN A 131 -17.64 -21.45 60.58
C ASN A 131 -16.91 -22.79 60.39
N GLN A 132 -16.63 -23.11 59.12
CA GLN A 132 -15.95 -24.34 58.74
C GLN A 132 -14.44 -24.18 58.85
N PHE A 133 -13.87 -24.56 59.98
CA PHE A 133 -12.48 -24.27 60.31
C PHE A 133 -11.45 -24.85 59.35
N SER A 134 -11.74 -26.03 58.83
CA SER A 134 -10.78 -26.81 58.06
C SER A 134 -10.38 -26.19 56.74
N THR A 135 -11.29 -25.44 56.13
CA THR A 135 -11.09 -24.98 54.76
C THR A 135 -9.98 -23.95 54.61
N TRP A 136 -9.65 -23.24 55.69
CA TRP A 136 -8.54 -22.29 55.63
C TRP A 136 -7.40 -22.69 56.54
N ARG A 137 -7.04 -23.97 56.53
CA ARG A 137 -5.90 -24.46 57.30
C ARG A 137 -4.60 -23.77 56.91
N ARG A 138 -3.60 -23.93 57.78
CA ARG A 138 -2.36 -23.19 57.72
C ARG A 138 -1.53 -23.43 56.46
N ASP A 139 -1.58 -24.65 55.94
CA ASP A 139 -0.70 -25.03 54.84
C ASP A 139 -1.45 -25.43 53.58
N ASN A 140 -2.75 -25.20 53.55
CA ASN A 140 -3.53 -25.42 52.33
C ASN A 140 -3.22 -24.36 51.28
N THR A 141 -3.05 -24.80 50.03
CA THR A 141 -2.80 -23.88 48.93
C THR A 141 -3.49 -24.40 47.66
N SER A 142 -3.79 -23.51 46.72
CA SER A 142 -4.39 -23.95 45.48
C SER A 142 -3.31 -24.31 44.47
N LEU A 143 -3.70 -24.94 43.35
CA LEU A 143 -2.76 -25.13 42.25
C LEU A 143 -2.38 -23.81 41.61
N GLN A 144 -3.20 -22.79 41.82
CA GLN A 144 -2.90 -21.43 41.40
C GLN A 144 -1.62 -20.94 42.03
N GLY A 145 -1.31 -21.47 43.22
CA GLY A 145 -0.13 -21.07 43.96
C GLY A 145 -0.34 -20.14 45.14
N PHE A 146 -1.60 -19.84 45.48
CA PHE A 146 -1.88 -18.96 46.61
C PHE A 146 -2.53 -19.74 47.74
N ASN A 147 -2.19 -19.44 49.00
CA ASN A 147 -2.80 -20.19 50.11
C ASN A 147 -4.21 -19.72 50.45
N ALA A 148 -4.98 -20.63 51.04
CA ALA A 148 -6.41 -20.47 51.23
C ALA A 148 -6.84 -19.35 52.15
N PHE A 149 -6.02 -19.01 53.15
CA PHE A 149 -6.40 -17.96 54.08
C PHE A 149 -6.46 -16.61 53.38
N ASP A 150 -5.59 -16.42 52.39
CA ASP A 150 -5.60 -15.22 51.59
C ASP A 150 -6.83 -15.11 50.70
N ILE A 151 -7.29 -16.23 50.17
CA ILE A 151 -8.51 -16.21 49.37
C ILE A 151 -9.72 -15.94 50.26
N ALA A 152 -9.73 -16.57 51.42
CA ALA A 152 -10.84 -16.39 52.34
C ALA A 152 -10.89 -14.98 52.89
N THR A 153 -9.75 -14.31 52.94
CA THR A 153 -9.74 -12.91 53.36
C THR A 153 -10.02 -11.92 52.23
N ILE A 154 -9.57 -12.19 51.01
CA ILE A 154 -9.87 -11.33 49.86
C ILE A 154 -11.35 -11.38 49.51
N ASN A 155 -11.98 -12.53 49.69
CA ASN A 155 -13.39 -12.68 49.36
C ASN A 155 -14.34 -11.97 50.31
N THR A 156 -13.89 -11.65 51.52
CA THR A 156 -14.81 -11.16 52.53
C THR A 156 -15.35 -9.76 52.24
N ALA A 157 -14.62 -9.01 51.43
CA ALA A 157 -15.02 -7.66 51.05
C ALA A 157 -16.17 -7.64 50.05
N ILE A 158 -16.97 -6.59 50.10
CA ILE A 158 -18.02 -6.37 49.12
C ILE A 158 -17.64 -5.13 48.32
N LEU A 159 -17.63 -5.25 47.00
CA LEU A 159 -17.28 -4.11 46.16
C LEU A 159 -18.41 -3.73 45.22
N PRO A 160 -18.77 -2.45 45.24
CA PRO A 160 -19.72 -1.91 44.25
C PRO A 160 -19.15 -1.77 42.83
N ASN A 161 -17.91 -1.33 42.73
CA ASN A 161 -17.27 -0.94 41.47
C ASN A 161 -16.87 -2.08 40.53
N GLY A 162 -16.96 -1.83 39.23
CA GLY A 162 -16.55 -2.81 38.24
C GLY A 162 -15.10 -2.64 37.82
N LEU A 163 -14.64 -3.52 36.95
CA LEU A 163 -13.27 -3.46 36.45
C LEU A 163 -13.21 -2.86 35.05
N SER A 164 -12.11 -2.18 34.73
CA SER A 164 -12.01 -1.47 33.45
C SER A 164 -10.89 -1.89 32.49
N LEU A 165 -9.66 -1.93 32.99
CA LEU A 165 -8.48 -2.18 32.16
C LEU A 165 -8.15 -1.06 31.20
N GLU A 166 -8.72 0.11 31.42
CA GLU A 166 -8.50 1.21 30.48
C GLU A 166 -7.13 1.87 30.64
N SER A 167 -6.76 2.27 31.85
CA SER A 167 -5.45 2.89 32.05
C SER A 167 -4.30 1.91 31.85
N MET A 168 -4.58 0.65 32.13
CA MET A 168 -3.62 -0.43 31.95
C MET A 168 -3.26 -0.65 30.49
N LEU A 169 -4.31 -0.87 29.71
CA LEU A 169 -4.16 -1.09 28.29
C LEU A 169 -3.65 0.18 27.64
N LEU A 170 -3.96 1.32 28.25
CA LEU A 170 -3.48 2.56 27.68
C LEU A 170 -1.99 2.71 27.85
N LYS A 171 -1.47 2.34 29.02
CA LYS A 171 -0.04 2.37 29.25
C LYS A 171 0.69 1.36 28.37
N LEU A 172 0.05 0.22 28.13
CA LEU A 172 0.64 -0.77 27.23
C LEU A 172 0.68 -0.29 25.79
N SER A 173 -0.36 0.41 25.37
CA SER A 173 -0.40 1.01 24.05
C SER A 173 0.64 2.11 23.87
N LEU A 174 0.91 2.82 24.96
CA LEU A 174 1.92 3.87 24.92
C LEU A 174 3.32 3.31 24.84
N LEU A 175 3.60 2.28 25.64
CA LEU A 175 4.90 1.64 25.56
C LEU A 175 5.08 1.00 24.20
N HIS A 176 4.00 0.45 23.67
CA HIS A 176 4.07 -0.14 22.35
C HIS A 176 4.43 0.87 21.29
N SER A 177 3.71 1.99 21.28
CA SER A 177 3.97 3.01 20.28
C SER A 177 5.33 3.65 20.46
N ILE A 178 5.93 3.53 21.64
CA ILE A 178 7.34 3.93 21.76
C ILE A 178 8.32 2.88 21.20
N LYS A 179 8.05 1.61 21.49
CA LYS A 179 8.90 0.52 21.02
C LYS A 179 8.83 0.24 19.52
N ALA A 180 7.75 0.69 18.88
CA ALA A 180 7.59 0.49 17.44
C ALA A 180 8.64 1.23 16.64
N MET A 181 9.22 2.27 17.21
CA MET A 181 10.17 3.11 16.50
C MET A 181 11.46 2.38 16.19
N ASN A 182 11.72 1.30 16.92
CA ASN A 182 13.00 0.62 16.85
C ASN A 182 13.15 -0.36 15.69
N VAL A 183 12.05 -0.52 14.94
CA VAL A 183 11.94 -1.37 13.76
C VAL A 183 12.60 -0.80 12.51
N ASP A 184 12.80 -1.65 11.51
CA ASP A 184 13.60 -1.30 10.33
C ASP A 184 13.34 0.13 9.87
N ALA A 185 14.38 0.79 9.41
CA ALA A 185 14.29 2.18 8.98
C ALA A 185 13.37 2.36 7.78
N ALA A 186 13.31 1.34 6.92
CA ALA A 186 12.46 1.37 5.74
C ALA A 186 10.99 1.33 6.11
N SER A 187 10.71 0.85 7.32
CA SER A 187 9.35 0.64 7.79
C SER A 187 8.77 1.90 8.41
N ILE A 188 9.57 2.96 8.46
CA ILE A 188 9.19 4.22 9.08
C ILE A 188 9.55 5.39 8.17
N ASN A 189 8.55 6.15 7.73
CA ASN A 189 8.76 7.21 6.75
C ASN A 189 9.47 8.45 7.26
N ARG A 190 10.31 9.04 6.41
CA ARG A 190 11.22 10.09 6.86
C ARG A 190 10.57 11.42 7.21
N SER A 191 9.37 11.64 6.73
CA SER A 191 8.70 12.91 6.94
C SER A 191 8.50 13.16 8.42
N GLN A 192 8.46 12.07 9.18
CA GLN A 192 8.19 12.13 10.62
C GLN A 192 9.38 12.68 11.41
N TYR A 193 10.56 12.70 10.80
CA TYR A 193 11.72 13.27 11.47
C TYR A 193 11.96 14.70 11.04
N GLN A 194 11.05 15.25 10.25
CA GLN A 194 11.26 16.58 9.70
C GLN A 194 9.99 17.40 9.58
N VAL A 195 9.05 17.15 10.47
CA VAL A 195 7.86 17.99 10.60
C VAL A 195 8.11 19.23 11.49
N ILE A 196 8.73 19.03 12.64
CA ILE A 196 9.14 20.11 13.52
C ILE A 196 10.48 20.69 13.08
N ASP A 197 11.38 19.83 12.65
CA ASP A 197 12.70 20.25 12.19
C ASP A 197 12.85 20.05 10.70
N HIS A 198 12.55 21.08 9.93
CA HIS A 198 12.49 20.99 8.48
C HIS A 198 13.86 21.00 7.83
N ASN A 199 14.91 21.16 8.62
CA ASN A 199 16.26 21.21 8.07
C ASN A 199 17.06 19.92 8.23
N THR A 200 16.39 18.85 8.64
CA THR A 200 17.05 17.60 8.96
C THR A 200 16.64 16.48 8.02
N VAL A 201 17.61 15.67 7.58
CA VAL A 201 17.35 14.58 6.64
C VAL A 201 17.83 13.22 7.15
N PRO A 202 16.91 12.39 7.68
CA PRO A 202 17.28 11.07 8.21
C PRO A 202 17.85 10.08 7.21
N THR A 203 18.76 9.24 7.69
CA THR A 203 19.40 8.18 6.91
C THR A 203 18.59 6.88 6.90
N ILE A 204 18.37 6.30 5.72
CA ILE A 204 17.65 5.04 5.61
C ILE A 204 18.46 3.82 6.06
N GLY A 205 19.79 3.94 6.06
CA GLY A 205 20.63 2.78 6.31
C GLY A 205 20.64 2.26 7.73
N ALA A 206 20.42 3.13 8.71
CA ALA A 206 20.58 2.74 10.10
C ALA A 206 19.33 2.99 10.92
N PRO A 207 18.89 1.99 11.69
CA PRO A 207 17.67 2.04 12.51
C PRO A 207 17.75 3.08 13.62
N ALA A 208 16.61 3.66 13.98
CA ALA A 208 16.55 4.47 15.18
C ALA A 208 16.75 3.59 16.42
N VAL A 209 17.56 4.07 17.35
CA VAL A 209 17.83 3.38 18.60
C VAL A 209 16.92 3.93 19.67
N VAL A 210 16.36 3.09 20.53
CA VAL A 210 15.47 3.60 21.57
C VAL A 210 16.14 3.56 22.94
N GLY A 211 16.72 4.69 23.34
CA GLY A 211 17.35 4.80 24.64
C GLY A 211 16.43 5.33 25.73
N VAL A 212 17.03 5.74 26.84
CA VAL A 212 16.27 6.29 27.95
C VAL A 212 17.17 7.20 28.76
N ASN A 213 16.62 8.31 29.25
CA ASN A 213 17.34 9.28 30.06
C ASN A 213 18.64 9.79 29.44
N ASN A 214 18.60 10.13 28.17
CA ASN A 214 19.78 10.65 27.46
C ASN A 214 19.69 12.11 27.03
N SER A 215 18.59 12.76 27.35
CA SER A 215 18.38 14.13 26.89
C SER A 215 19.44 15.09 27.42
N PRO A 216 19.89 15.99 26.55
CA PRO A 216 20.91 16.99 26.91
C PRO A 216 20.52 18.11 27.89
N VAL A 217 19.32 18.68 27.76
CA VAL A 217 19.01 19.94 28.43
C VAL A 217 17.70 20.02 29.22
N PHE A 218 17.69 20.95 30.18
CA PHE A 218 16.54 21.22 31.04
C PHE A 218 16.25 20.12 32.05
N GLY A 219 17.28 19.43 32.50
CA GLY A 219 17.12 18.43 33.54
C GLY A 219 16.39 17.22 33.04
N GLU A 220 16.37 17.05 31.71
CA GLU A 220 15.61 15.99 31.07
C GLU A 220 16.08 14.59 31.43
N ASP A 221 17.36 14.45 31.78
CA ASP A 221 17.92 13.12 32.01
C ASP A 221 17.33 12.43 33.24
N CYS A 222 16.76 13.22 34.15
CA CYS A 222 16.18 12.70 35.38
C CYS A 222 17.17 11.86 36.17
N GLY A 223 18.41 12.33 36.25
CA GLY A 223 19.42 11.71 37.08
C GLY A 223 20.22 10.56 36.48
N GLY A 224 19.92 10.16 35.25
CA GLY A 224 20.70 9.14 34.58
C GLY A 224 20.62 7.78 35.24
N ASN A 225 21.75 7.37 35.83
CA ASN A 225 21.87 6.08 36.48
C ASN A 225 20.90 6.01 37.64
N ASN A 226 20.79 7.13 38.35
CA ASN A 226 19.78 7.24 39.37
C ASN A 226 18.54 7.82 38.70
N PRO A 227 17.60 6.94 38.39
CA PRO A 227 16.34 7.32 37.77
C PRO A 227 15.32 7.79 38.79
N VAL A 228 14.56 8.79 38.39
CA VAL A 228 13.65 9.49 39.28
C VAL A 228 12.44 9.89 38.44
N TYR A 229 11.27 10.00 39.05
CA TYR A 229 10.09 10.39 38.27
C TYR A 229 10.19 11.78 37.68
N PRO A 230 9.92 11.89 36.38
CA PRO A 230 9.87 13.16 35.64
C PRO A 230 8.83 14.11 36.22
N PHE A 231 7.75 13.55 36.73
CA PHE A 231 6.63 14.31 37.22
C PHE A 231 6.45 14.29 38.72
N GLY A 232 7.01 15.30 39.39
CA GLY A 232 6.90 15.40 40.83
C GLY A 232 8.17 14.97 41.53
N GLY A 233 9.00 14.22 40.82
CA GLY A 233 10.26 13.77 41.34
C GLY A 233 10.05 12.62 42.30
N GLY A 234 11.13 12.19 42.91
CA GLY A 234 11.09 11.10 43.88
C GLY A 234 11.31 9.75 43.26
N THR A 235 11.60 8.78 44.10
CA THR A 235 11.65 7.39 43.70
C THR A 235 10.43 6.69 44.27
N GLY A 236 9.91 5.70 43.57
CA GLY A 236 8.80 4.94 44.10
C GLY A 236 9.35 3.81 44.92
N ALA A 237 8.53 2.79 45.17
CA ALA A 237 9.00 1.63 45.91
C ALA A 237 8.30 0.36 45.45
N ILE A 238 9.03 -0.75 45.42
CA ILE A 238 8.43 -2.02 45.05
C ILE A 238 8.85 -3.14 45.99
N ALA A 239 7.92 -4.02 46.33
CA ALA A 239 8.27 -5.18 47.14
C ALA A 239 7.52 -6.42 46.71
N PHE A 240 8.24 -7.54 46.65
CA PHE A 240 7.66 -8.82 46.27
C PHE A 240 7.43 -9.70 47.48
N HIS A 241 6.24 -10.28 47.56
CA HIS A 241 5.79 -11.00 48.73
C HIS A 241 5.15 -12.30 48.29
N VAL A 242 5.29 -13.35 49.09
CA VAL A 242 4.65 -14.62 48.78
C VAL A 242 3.25 -14.68 49.38
N THR A 243 2.94 -13.71 50.23
CA THR A 243 1.70 -13.73 50.99
C THR A 243 1.29 -12.32 51.43
N LEU A 244 0.00 -12.14 51.72
CA LEU A 244 -0.46 -10.84 52.20
C LEU A 244 -0.24 -10.71 53.70
N GLN A 245 0.20 -11.80 54.32
CA GLN A 245 0.58 -11.80 55.72
C GLN A 245 1.84 -10.98 55.95
N THR A 246 2.69 -10.89 54.95
CA THR A 246 3.98 -10.21 55.09
C THR A 246 3.89 -8.72 54.80
N VAL A 247 2.95 -8.33 53.94
CA VAL A 247 2.84 -6.95 53.52
C VAL A 247 2.43 -6.12 54.72
N PRO A 248 3.05 -4.96 54.89
CA PRO A 248 2.74 -4.11 56.04
C PRO A 248 1.30 -3.62 55.98
N ASP A 249 0.63 -3.58 57.13
CA ASP A 249 -0.75 -3.11 57.18
C ASP A 249 -0.79 -1.62 56.96
N GLU A 250 -1.90 -1.13 56.43
CA GLU A 250 -1.96 0.22 55.91
C GLU A 250 -1.36 0.15 54.50
N ARG A 251 -1.00 -1.08 54.13
CA ARG A 251 -0.51 -1.39 52.78
C ARG A 251 -1.22 -2.62 52.17
N LYS A 252 -1.90 -3.37 53.03
CA LYS A 252 -2.52 -4.63 52.64
C LYS A 252 -3.61 -4.47 51.60
N SER A 253 -4.42 -3.43 51.74
CA SER A 253 -5.58 -3.27 50.88
C SER A 253 -5.17 -2.90 49.47
N TYR A 254 -3.93 -2.52 49.31
CA TYR A 254 -3.43 -2.02 48.04
C TYR A 254 -2.67 -3.09 47.26
N ALA A 255 -2.21 -4.13 47.94
CA ALA A 255 -1.37 -5.15 47.33
C ALA A 255 -2.10 -5.90 46.22
N ILE A 256 -1.38 -6.19 45.14
CA ILE A 256 -1.92 -6.84 43.96
C ILE A 256 -1.43 -8.29 43.82
N PHE A 257 -2.35 -9.22 43.65
CA PHE A 257 -1.99 -10.58 43.27
C PHE A 257 -1.52 -10.61 41.82
N VAL A 258 -0.49 -11.41 41.54
CA VAL A 258 -0.04 -11.61 40.18
C VAL A 258 -0.33 -13.06 39.82
N PRO A 259 -1.35 -13.28 39.00
CA PRO A 259 -1.74 -14.64 38.60
C PRO A 259 -0.66 -15.33 37.77
N PRO A 260 -0.59 -16.66 37.84
CA PRO A 260 0.42 -17.45 37.11
C PRO A 260 0.33 -17.21 35.62
N ALA A 261 -0.87 -16.91 35.15
CA ALA A 261 -1.12 -16.63 33.75
C ALA A 261 -0.22 -15.51 33.24
N ILE A 262 0.09 -14.55 34.10
CA ILE A 262 1.00 -13.48 33.73
C ILE A 262 2.45 -13.95 33.56
N LEU A 263 2.86 -14.89 34.40
CA LEU A 263 4.27 -15.27 34.46
C LEU A 263 4.68 -16.33 33.46
N GLN A 264 3.68 -16.89 32.79
CA GLN A 264 3.92 -17.88 31.76
C GLN A 264 3.58 -17.30 30.40
N ALA A 265 3.53 -15.97 30.36
CA ALA A 265 3.15 -15.23 29.17
C ALA A 265 4.33 -14.88 28.28
N THR A 266 5.52 -15.31 28.65
CA THR A 266 6.69 -15.00 27.85
C THR A 266 7.87 -15.93 28.09
N SER A 267 8.90 -15.78 27.26
CA SER A 267 10.11 -16.59 27.34
C SER A 267 10.90 -16.35 28.62
N ASP A 268 10.74 -15.17 29.20
CA ASP A 268 11.46 -14.80 30.41
C ASP A 268 10.48 -14.24 31.44
N ALA A 269 10.11 -15.04 32.43
CA ALA A 269 9.03 -14.68 33.34
C ALA A 269 9.29 -13.39 34.13
N ASN A 270 10.56 -13.10 34.38
CA ASN A 270 10.94 -11.89 35.08
C ASN A 270 10.59 -10.67 34.26
N GLU A 271 10.59 -10.84 32.94
CA GLU A 271 10.24 -9.76 32.04
C GLU A 271 8.73 -9.53 31.96
N ALA A 272 7.95 -10.61 31.97
CA ALA A 272 6.51 -10.45 32.02
C ALA A 272 6.13 -9.81 33.33
N LEU A 273 6.87 -10.15 34.37
CA LEU A 273 6.64 -9.60 35.68
C LEU A 273 6.92 -8.11 35.68
N ALA A 274 8.04 -7.74 35.07
CA ALA A 274 8.44 -6.34 34.97
C ALA A 274 7.44 -5.54 34.15
N LEU A 275 6.85 -6.19 33.16
CA LEU A 275 5.94 -5.50 32.27
C LEU A 275 4.57 -5.32 32.93
N PHE A 276 4.16 -6.27 33.76
CA PHE A 276 2.95 -6.11 34.56
C PHE A 276 3.15 -5.00 35.61
N ALA A 277 4.36 -4.95 36.15
CA ALA A 277 4.71 -3.92 37.11
C ALA A 277 4.70 -2.53 36.48
N LEU A 278 5.13 -2.44 35.23
CA LEU A 278 4.99 -1.20 34.48
C LEU A 278 3.53 -0.91 34.25
N SER A 279 2.78 -1.97 34.02
CA SER A 279 1.38 -1.87 33.68
C SER A 279 0.51 -1.31 34.78
N MET A 280 0.89 -1.47 36.04
CA MET A 280 0.03 -0.89 37.08
C MET A 280 0.71 0.07 38.06
N SER A 281 1.76 0.74 37.62
CA SER A 281 2.31 1.86 38.36
C SER A 281 2.17 3.16 37.56
N GLU A 282 2.84 4.22 38.02
CA GLU A 282 2.75 5.52 37.37
C GLU A 282 3.48 5.63 36.03
N TRP A 283 2.94 6.44 35.13
CA TRP A 283 3.54 6.69 33.83
C TRP A 283 3.75 8.17 33.58
N PRO A 284 4.82 8.54 32.87
CA PRO A 284 6.03 7.80 32.51
C PRO A 284 6.90 7.45 33.72
N HIS A 285 7.55 6.29 33.70
CA HIS A 285 8.49 5.98 34.78
C HIS A 285 9.85 6.60 34.46
N ALA A 286 9.99 7.07 33.23
CA ALA A 286 11.21 7.73 32.78
C ALA A 286 10.95 8.39 31.44
N LEU A 287 11.90 9.18 30.97
CA LEU A 287 11.78 9.82 29.66
C LEU A 287 12.54 9.05 28.60
N TYR A 288 11.81 8.26 27.80
CA TYR A 288 12.40 7.49 26.72
C TYR A 288 12.93 8.39 25.63
N THR A 289 13.96 7.95 24.91
CA THR A 289 14.60 8.84 23.95
C THR A 289 14.96 8.13 22.64
N VAL A 290 14.23 8.41 21.57
CA VAL A 290 14.56 7.88 20.27
C VAL A 290 15.73 8.64 19.67
N THR A 291 16.76 7.93 19.23
CA THR A 291 17.92 8.57 18.63
C THR A 291 18.04 8.09 17.20
N LYS A 292 18.40 8.99 16.29
CA LYS A 292 18.49 8.61 14.89
C LYS A 292 19.62 9.32 14.18
N GLN A 293 20.36 8.61 13.36
CA GLN A 293 21.34 9.29 12.54
C GLN A 293 20.60 10.13 11.53
N THR A 294 21.09 11.34 11.32
CA THR A 294 20.53 12.22 10.32
C THR A 294 21.66 12.98 9.72
N THR A 295 21.42 13.61 8.58
CA THR A 295 22.46 14.38 7.95
C THR A 295 21.96 15.74 7.51
N ASP A 296 22.86 16.50 6.90
CA ASP A 296 22.57 17.82 6.36
C ASP A 296 21.65 17.71 5.14
N LEU A 297 21.01 18.82 4.75
CA LEU A 297 20.25 18.85 3.51
C LEU A 297 21.16 18.52 2.32
N ALA A 298 22.42 18.92 2.42
CA ALA A 298 23.42 18.55 1.41
C ALA A 298 24.10 17.24 1.75
N GLY A 299 23.75 16.67 2.91
CA GLY A 299 24.38 15.44 3.37
C GLY A 299 25.71 15.67 4.07
N ALA A 300 26.05 16.94 4.26
CA ALA A 300 27.37 17.34 4.74
C ALA A 300 27.68 17.05 6.22
N ASN A 301 26.68 16.95 7.08
CA ASN A 301 26.94 16.95 8.52
C ASN A 301 26.21 15.88 9.30
N ALA A 302 26.60 14.62 9.11
CA ALA A 302 25.92 13.51 9.74
C ALA A 302 26.10 13.54 11.24
N GLY A 303 25.14 12.96 11.95
CA GLY A 303 25.32 12.73 13.37
C GLY A 303 24.10 12.07 13.96
N GLN A 304 24.23 11.55 15.18
CA GLN A 304 23.07 11.09 15.91
C GLN A 304 22.30 12.32 16.37
N GLN A 305 20.98 12.20 16.40
CA GLN A 305 20.14 13.30 16.85
C GLN A 305 19.03 12.76 17.74
N VAL A 306 18.72 13.50 18.80
CA VAL A 306 17.78 13.03 19.81
C VAL A 306 16.36 13.55 19.64
N PHE A 307 15.41 12.69 19.97
CA PHE A 307 14.00 12.96 19.86
C PHE A 307 13.32 12.39 21.09
N ILE A 308 12.42 13.16 21.68
CA ILE A 308 11.58 12.65 22.75
C ILE A 308 10.18 12.36 22.23
N PRO A 309 9.76 11.10 22.36
CA PRO A 309 8.43 10.65 21.93
C PRO A 309 7.34 11.37 22.68
N THR A 310 6.23 11.66 22.02
CA THR A 310 5.13 12.31 22.70
C THR A 310 4.51 11.40 23.75
N GLN A 311 4.50 10.11 23.48
CA GLN A 311 3.85 9.17 24.40
C GLN A 311 4.53 9.17 25.74
N SER A 312 5.81 9.50 25.73
CA SER A 312 6.61 9.51 26.95
C SER A 312 6.27 10.68 27.85
N THR A 313 5.53 11.65 27.34
CA THR A 313 5.25 12.86 28.11
C THR A 313 3.88 12.92 28.79
N ILE A 314 2.95 12.10 28.32
CA ILE A 314 1.62 12.04 28.90
C ILE A 314 1.73 11.49 30.31
N HIS A 315 0.94 12.03 31.22
CA HIS A 315 0.96 11.58 32.60
C HIS A 315 -0.34 10.92 32.99
N ILE A 316 -0.25 9.66 33.42
CA ILE A 316 -1.43 8.89 33.78
C ILE A 316 -1.16 8.15 35.07
N GLY A 317 -2.20 7.78 35.80
CA GLY A 317 -1.95 7.01 37.01
C GLY A 317 -1.13 7.82 37.98
N GLY A 318 0.10 7.35 38.24
CA GLY A 318 0.98 7.93 39.23
C GLY A 318 1.03 7.30 40.62
N ARG A 319 0.35 6.16 40.81
CA ARG A 319 0.46 5.43 42.06
C ARG A 319 1.95 5.20 42.24
N ARG A 320 2.43 5.36 43.46
CA ARG A 320 3.88 5.47 43.68
C ARG A 320 4.60 4.23 44.21
N VAL A 321 3.94 3.51 45.10
CA VAL A 321 4.51 2.35 45.76
C VAL A 321 3.62 1.13 45.55
N LEU A 322 4.24 -0.04 45.39
CA LEU A 322 3.45 -1.22 45.16
C LEU A 322 4.06 -2.51 45.70
N ASP A 323 3.14 -3.34 46.18
CA ASP A 323 3.44 -4.63 46.77
C ASP A 323 2.81 -5.70 45.91
N LEU A 324 3.64 -6.60 45.38
CA LEU A 324 3.15 -7.62 44.48
C LEU A 324 3.22 -8.99 45.12
N ILE A 325 2.17 -9.78 44.98
CA ILE A 325 2.15 -11.11 45.56
C ILE A 325 2.32 -12.16 44.47
N ILE A 326 3.10 -13.21 44.75
CA ILE A 326 3.54 -14.13 43.71
C ILE A 326 3.18 -15.57 44.08
N PRO A 327 2.90 -16.41 43.08
CA PRO A 327 2.63 -17.84 43.25
C PRO A 327 3.82 -18.64 43.77
N ARG A 328 3.54 -19.73 44.49
CA ARG A 328 4.57 -20.59 45.05
C ARG A 328 4.61 -21.95 44.38
N ARG A 329 5.82 -22.51 44.25
CA ARG A 329 6.02 -23.79 43.59
C ARG A 329 5.42 -24.98 44.32
N GLU A 330 5.36 -24.92 45.64
CA GLU A 330 4.98 -26.11 46.42
C GLU A 330 3.92 -25.84 47.48
N ILE A 331 3.18 -26.90 47.82
CA ILE A 331 2.13 -26.80 48.83
C ILE A 331 2.76 -26.76 50.22
N ALA A 332 3.18 -25.58 50.65
CA ALA A 332 3.87 -25.41 51.92
C ALA A 332 3.32 -24.21 52.69
N PRO A 333 3.42 -24.24 54.03
CA PRO A 333 3.07 -23.14 54.93
C PRO A 333 4.02 -21.96 54.75
N ASN A 334 3.59 -20.76 55.12
CA ASN A 334 4.32 -19.54 54.80
C ASN A 334 5.75 -19.57 55.32
N PRO A 335 6.71 -19.14 54.50
CA PRO A 335 8.13 -19.30 54.78
C PRO A 335 8.60 -18.56 56.02
N THR A 336 9.55 -19.14 56.74
CA THR A 336 10.04 -18.56 57.99
C THR A 336 11.53 -18.25 57.93
N THR A 337 12.30 -19.10 57.27
CA THR A 337 13.70 -18.77 57.03
C THR A 337 13.83 -18.14 55.65
N LEU A 338 14.94 -17.48 55.39
CA LEU A 338 15.17 -16.80 54.12
C LEU A 338 15.34 -17.76 52.94
N VAL A 339 16.09 -18.84 53.15
CA VAL A 339 16.27 -19.81 52.08
C VAL A 339 14.96 -20.51 51.78
N ALA A 340 14.13 -20.69 52.80
CA ALA A 340 12.84 -21.35 52.64
C ALA A 340 11.89 -20.45 51.88
N ALA A 341 12.18 -19.15 51.90
CA ALA A 341 11.42 -18.18 51.14
C ALA A 341 11.86 -18.10 49.69
N ASN A 342 13.16 -17.97 49.47
CA ASN A 342 13.68 -17.80 48.11
C ASN A 342 13.47 -19.01 47.18
N ALA A 343 13.49 -20.21 47.76
CA ALA A 343 13.34 -21.42 46.98
C ALA A 343 11.88 -21.70 46.67
N MET A 344 11.02 -21.10 47.49
CA MET A 344 9.57 -21.28 47.46
C MET A 344 8.77 -20.76 46.25
N CYS A 345 9.10 -19.56 45.80
CA CYS A 345 8.26 -18.84 44.84
C CYS A 345 8.40 -19.34 43.40
N MET A 346 7.34 -19.15 42.62
CA MET A 346 7.25 -19.61 41.24
C MET A 346 8.33 -19.03 40.36
N VAL A 347 8.62 -17.75 40.58
CA VAL A 347 9.71 -17.09 39.87
C VAL A 347 10.34 -16.12 40.84
N ARG A 348 11.65 -15.98 40.76
CA ARG A 348 12.35 -15.10 41.67
C ARG A 348 12.75 -13.85 40.92
N PRO A 349 12.12 -12.73 41.28
CA PRO A 349 12.26 -11.45 40.59
C PRO A 349 13.67 -10.88 40.64
N GLN A 350 14.06 -10.18 39.59
CA GLN A 350 15.40 -9.64 39.48
C GLN A 350 15.45 -8.50 38.49
N ALA A 351 16.50 -7.68 38.58
CA ALA A 351 16.72 -6.59 37.66
C ALA A 351 17.12 -7.11 36.28
N GLY A 352 16.86 -6.32 35.25
CA GLY A 352 17.25 -6.66 33.89
C GLY A 352 18.69 -6.27 33.68
N PRO A 353 19.19 -6.49 32.45
CA PRO A 353 20.61 -6.36 32.12
C PRO A 353 21.24 -5.00 32.38
N ASP A 354 20.48 -3.92 32.24
CA ASP A 354 21.04 -2.60 32.47
C ASP A 354 21.30 -2.36 33.95
N ALA A 355 22.43 -1.73 34.25
CA ALA A 355 22.83 -1.45 35.62
C ALA A 355 22.33 -0.09 36.07
N THR A 356 22.31 0.12 37.39
CA THR A 356 21.89 1.38 37.96
C THR A 356 22.79 1.76 39.14
N ALA A 357 22.93 3.07 39.36
CA ALA A 357 23.68 3.58 40.48
C ALA A 357 22.79 4.50 41.27
N GLY A 358 22.68 4.23 42.56
CA GLY A 358 21.74 4.89 43.43
C GLY A 358 22.18 4.69 44.86
N ALA A 359 21.42 5.26 45.79
CA ALA A 359 21.66 4.99 47.20
C ALA A 359 21.46 3.49 47.34
N ILE A 360 20.50 2.95 46.59
CA ILE A 360 20.27 1.52 46.56
C ILE A 360 20.61 1.03 45.17
N PRO A 361 21.91 0.87 44.90
CA PRO A 361 22.39 0.45 43.59
C PRO A 361 21.92 -0.97 43.28
N LEU A 362 21.66 -1.26 42.01
CA LEU A 362 21.31 -2.60 41.58
C LEU A 362 22.29 -3.13 40.56
N ALA A 363 23.05 -4.14 40.95
CA ALA A 363 23.95 -4.81 40.02
C ALA A 363 23.10 -5.45 38.94
N ALA A 364 23.64 -5.54 37.73
CA ALA A 364 22.85 -6.06 36.62
C ALA A 364 22.41 -7.48 36.88
N GLY A 365 21.13 -7.75 36.68
CA GLY A 365 20.60 -9.07 36.87
C GLY A 365 20.55 -9.51 38.31
N GLN A 366 20.62 -8.56 39.24
CA GLN A 366 20.61 -8.87 40.67
C GLN A 366 19.33 -9.53 41.13
N LEU A 367 19.47 -10.61 41.90
CA LEU A 367 18.32 -11.32 42.47
C LEU A 367 17.70 -10.57 43.64
N PHE A 368 16.39 -10.69 43.80
CA PHE A 368 15.69 -10.07 44.92
C PHE A 368 15.56 -11.06 46.08
N ASN A 369 15.74 -10.59 47.30
CA ASN A 369 15.58 -11.46 48.47
C ASN A 369 14.18 -11.39 49.05
N MET A 370 13.42 -12.46 48.88
CA MET A 370 11.99 -12.45 49.19
C MET A 370 11.71 -12.23 50.66
N ASN A 371 10.64 -11.50 50.94
CA ASN A 371 10.23 -11.19 52.31
C ASN A 371 9.59 -12.39 52.98
N PHE A 372 9.77 -12.47 54.31
CA PHE A 372 9.22 -13.56 55.10
C PHE A 372 8.79 -13.09 56.48
N ILE A 373 8.03 -13.92 57.18
CA ILE A 373 7.32 -13.51 58.39
C ILE A 373 8.20 -13.08 59.57
N GLY A 374 9.33 -13.77 59.76
CA GLY A 374 10.17 -13.50 60.90
C GLY A 374 11.30 -12.54 60.64
N ALA A 375 11.24 -11.86 59.50
CA ALA A 375 12.38 -11.06 59.04
C ALA A 375 12.72 -9.92 59.98
N PRO A 376 13.99 -9.86 60.38
CA PRO A 376 14.54 -8.80 61.23
C PRO A 376 14.40 -7.41 60.63
N ALA A 377 14.47 -7.33 59.30
CA ALA A 377 14.38 -6.04 58.61
C ALA A 377 13.69 -6.18 57.27
N PHE A 378 12.65 -5.38 57.06
CA PHE A 378 11.83 -5.43 55.84
C PHE A 378 12.64 -5.04 54.61
N GLU A 379 12.39 -5.72 53.50
CA GLU A 379 13.19 -5.51 52.30
C GLU A 379 12.40 -4.93 51.12
N GLU A 380 13.08 -4.15 50.28
CA GLU A 380 12.41 -3.26 49.37
C GLU A 380 13.36 -2.71 48.30
N TRP A 381 12.83 -2.35 47.14
CA TRP A 381 13.61 -1.70 46.09
C TRP A 381 13.03 -0.38 45.64
N PRO A 382 13.90 0.52 45.17
CA PRO A 382 13.47 1.72 44.43
C PRO A 382 12.77 1.31 43.14
N MET A 383 11.73 2.04 42.75
CA MET A 383 10.89 1.60 41.64
C MET A 383 11.44 2.03 40.29
N THR A 384 11.85 3.29 40.23
CA THR A 384 12.37 3.85 38.99
C THR A 384 13.66 3.15 38.59
N SER A 385 14.41 2.70 39.58
CA SER A 385 15.62 1.94 39.34
C SER A 385 15.28 0.57 38.76
N TYR A 386 14.26 -0.03 39.34
CA TYR A 386 13.81 -1.35 38.97
C TYR A 386 13.38 -1.39 37.53
N LEU A 387 12.45 -0.52 37.18
CA LEU A 387 11.97 -0.44 35.82
C LEU A 387 13.07 0.06 34.89
N TYR A 388 13.98 0.85 35.42
CA TYR A 388 15.08 1.34 34.60
C TYR A 388 15.93 0.19 34.10
N SER A 389 16.10 -0.85 34.92
CA SER A 389 16.89 -1.98 34.46
C SER A 389 16.27 -2.68 33.24
N TRP A 390 14.94 -2.74 33.19
CA TRP A 390 14.26 -3.47 32.13
C TRP A 390 13.82 -2.58 31.00
N ALA A 391 14.12 -1.28 31.10
CA ALA A 391 13.69 -0.31 30.11
C ALA A 391 14.23 -0.64 28.71
N GLY A 392 15.35 -1.36 28.65
CA GLY A 392 15.91 -1.77 27.38
C GLY A 392 15.43 -3.06 26.74
N ARG A 393 14.59 -3.84 27.41
CA ARG A 393 14.24 -5.16 26.87
C ARG A 393 12.80 -5.39 26.45
N PHE A 394 11.94 -4.43 26.65
CA PHE A 394 10.57 -4.55 26.16
C PHE A 394 10.62 -4.53 24.63
N ASP A 395 9.76 -5.30 23.98
CA ASP A 395 9.85 -5.48 22.54
C ASP A 395 8.47 -5.80 22.00
N ILE A 396 8.13 -5.26 20.84
CA ILE A 396 6.72 -5.23 20.43
C ILE A 396 6.09 -6.60 20.17
N THR A 397 6.88 -7.56 19.72
CA THR A 397 6.38 -8.92 19.60
C THR A 397 6.22 -9.63 20.95
N THR A 398 7.03 -9.24 21.93
CA THR A 398 6.87 -9.76 23.28
C THR A 398 5.60 -9.20 23.88
N ILE A 399 5.35 -7.92 23.63
CA ILE A 399 4.12 -7.27 24.06
C ILE A 399 2.95 -7.94 23.36
N ARG A 400 3.19 -8.41 22.15
CA ARG A 400 2.18 -9.13 21.41
C ARG A 400 1.84 -10.47 22.07
N GLN A 401 2.87 -11.16 22.57
CA GLN A 401 2.65 -12.43 23.28
C GLN A 401 1.82 -12.16 24.53
N TYR A 402 2.24 -11.13 25.25
CA TYR A 402 1.64 -10.73 26.51
C TYR A 402 0.16 -10.41 26.32
N MET A 403 -0.13 -9.70 25.24
CA MET A 403 -1.49 -9.38 24.83
C MET A 403 -2.33 -10.57 24.44
N GLY A 404 -1.71 -11.59 23.82
CA GLY A 404 -2.47 -12.76 23.45
C GLY A 404 -2.88 -13.51 24.72
N ARG A 405 -1.98 -13.51 25.70
CA ARG A 405 -2.26 -14.17 26.98
C ARG A 405 -3.33 -13.44 27.76
N LEU A 406 -3.26 -12.11 27.79
CA LEU A 406 -4.30 -11.33 28.45
C LEU A 406 -5.64 -11.53 27.78
N ALA A 407 -5.61 -11.63 26.46
CA ALA A 407 -6.84 -11.83 25.71
C ALA A 407 -7.44 -13.17 26.05
N THR A 408 -6.58 -14.14 26.34
CA THR A 408 -7.07 -15.46 26.71
C THR A 408 -7.65 -15.47 28.11
N MET A 409 -6.95 -14.86 29.06
CA MET A 409 -7.44 -14.81 30.45
C MET A 409 -8.72 -14.01 30.60
N VAL A 410 -8.86 -12.96 29.81
CA VAL A 410 -9.96 -12.01 29.94
C VAL A 410 -10.09 -11.27 28.62
N GLY A 411 -11.22 -10.61 28.38
CA GLY A 411 -11.42 -9.92 27.11
C GLY A 411 -10.50 -8.74 26.94
N VAL A 412 -10.06 -8.49 25.70
CA VAL A 412 -9.12 -7.41 25.42
C VAL A 412 -9.44 -6.76 24.06
N LYS A 413 -10.28 -7.41 23.27
CA LYS A 413 -10.60 -6.97 21.90
C LYS A 413 -11.02 -5.51 21.78
N ASP A 414 -12.03 -5.12 22.56
CA ASP A 414 -12.61 -3.79 22.43
C ASP A 414 -11.87 -2.73 23.22
N ALA A 415 -11.52 -3.07 24.45
CA ALA A 415 -10.94 -2.12 25.36
C ALA A 415 -9.61 -1.64 24.84
N TYR A 416 -8.87 -2.53 24.19
CA TYR A 416 -7.60 -2.14 23.65
C TYR A 416 -7.80 -1.22 22.47
N TRP A 417 -8.92 -1.37 21.78
CA TRP A 417 -9.17 -0.56 20.62
C TRP A 417 -9.48 0.87 21.05
N ALA A 418 -10.31 0.99 22.08
CA ALA A 418 -10.59 2.32 22.61
C ALA A 418 -9.35 2.96 23.22
N ALA A 419 -8.52 2.14 23.86
CA ALA A 419 -7.29 2.67 24.43
C ALA A 419 -6.37 3.17 23.35
N HIS A 420 -6.40 2.48 22.21
CA HIS A 420 -5.63 2.87 21.05
C HIS A 420 -6.14 4.21 20.47
N GLU A 421 -7.45 4.38 20.47
CA GLU A 421 -8.04 5.65 20.06
C GLU A 421 -7.57 6.80 20.94
N LEU A 422 -7.56 6.57 22.25
CA LEU A 422 -7.08 7.60 23.18
C LEU A 422 -5.61 7.89 22.95
N ASN A 423 -4.85 6.85 22.61
CA ASN A 423 -3.45 7.03 22.31
C ASN A 423 -3.24 7.93 21.10
N VAL A 424 -4.05 7.74 20.06
CA VAL A 424 -3.87 8.53 18.85
C VAL A 424 -4.30 9.95 19.12
N ALA A 425 -5.45 10.10 19.77
CA ALA A 425 -6.02 11.41 20.04
C ALA A 425 -5.12 12.27 20.91
N LEU A 426 -4.41 11.64 21.85
CA LEU A 426 -3.52 12.38 22.72
C LEU A 426 -2.10 12.56 22.24
N SER A 427 -1.57 11.61 21.48
CA SER A 427 -0.16 11.67 21.19
C SER A 427 0.20 12.09 19.78
N GLN A 428 -0.79 12.45 18.97
CA GLN A 428 -0.52 12.94 17.63
C GLN A 428 -0.66 14.45 17.58
N VAL A 429 0.28 15.10 16.90
CA VAL A 429 0.58 16.51 17.11
C VAL A 429 1.07 17.24 15.86
N ALA A 430 0.57 18.44 15.61
CA ALA A 430 1.03 19.24 14.47
C ALA A 430 1.39 20.67 14.84
N PRO A 431 2.44 21.21 14.21
CA PRO A 431 2.90 22.60 14.36
C PRO A 431 1.89 23.63 13.86
N LYS A 432 1.83 24.79 14.50
CA LYS A 432 0.90 25.84 14.07
C LYS A 432 1.30 26.42 12.72
N MET A 433 0.32 26.73 11.88
CA MET A 433 0.62 27.23 10.55
C MET A 433 1.13 28.65 10.55
N THR A 434 2.07 28.90 9.65
CA THR A 434 2.50 30.24 9.34
C THR A 434 1.69 30.81 8.19
N THR A 435 1.54 32.12 8.18
CA THR A 435 0.71 32.78 7.19
C THR A 435 1.58 33.11 5.99
N ALA A 436 0.98 33.16 4.80
CA ALA A 436 1.71 33.50 3.59
C ALA A 436 0.74 33.86 2.49
N ALA A 437 1.25 34.35 1.38
CA ALA A 437 0.43 34.48 0.18
C ALA A 437 0.51 33.22 -0.70
N GLY A 438 1.66 32.57 -0.68
CA GLY A 438 1.94 31.43 -1.53
C GLY A 438 1.73 30.07 -0.90
N GLY A 439 2.36 29.04 -1.47
CA GLY A 439 2.15 27.66 -1.05
C GLY A 439 2.90 27.10 0.14
N TRP A 440 4.08 27.63 0.44
CA TRP A 440 4.91 27.11 1.53
C TRP A 440 5.55 28.16 2.40
N ALA A 441 5.59 27.87 3.70
CA ALA A 441 6.30 28.70 4.64
C ALA A 441 6.59 27.93 5.91
N ALA A 442 7.56 28.40 6.67
CA ALA A 442 7.86 27.84 8.00
C ALA A 442 8.57 28.86 8.87
N GLN A 443 8.44 28.71 10.18
CA GLN A 443 9.10 29.61 11.13
C GLN A 443 10.59 29.39 11.27
N ALA A 444 11.31 30.43 11.65
CA ALA A 444 12.77 30.45 11.66
C ALA A 444 13.35 29.40 12.60
N ALA A 445 14.49 28.83 12.22
CA ALA A 445 15.05 27.66 12.88
C ALA A 445 15.39 27.90 14.35
N ASN A 446 15.08 26.89 15.17
CA ASN A 446 15.29 26.94 16.61
C ASN A 446 14.58 28.15 17.23
N SER A 447 13.25 28.12 17.18
CA SER A 447 12.46 29.23 17.69
C SER A 447 11.25 28.72 18.48
N ALA A 448 10.69 29.57 19.32
CA ALA A 448 9.56 29.17 20.14
C ALA A 448 8.34 28.87 19.29
N GLN A 449 8.28 29.48 18.12
CA GLN A 449 7.15 29.28 17.22
C GLN A 449 7.34 28.03 16.39
N GLN A 450 8.59 27.62 16.22
CA GLN A 450 8.89 26.41 15.46
C GLN A 450 8.36 25.18 16.16
N SER A 451 8.25 25.29 17.48
CA SER A 451 7.95 24.13 18.31
C SER A 451 6.56 24.18 18.93
N ASP A 452 5.84 25.27 18.71
CA ASP A 452 4.46 25.34 19.14
C ASP A 452 3.71 24.27 18.36
N VAL A 453 2.83 23.53 19.03
CA VAL A 453 2.13 22.45 18.37
C VAL A 453 0.75 22.25 18.96
N CYS A 454 -0.14 21.62 18.21
CA CYS A 454 -1.49 21.42 18.66
C CYS A 454 -1.93 19.98 18.50
N TYR A 455 -2.91 19.61 19.30
CA TYR A 455 -3.60 18.35 19.17
C TYR A 455 -4.45 18.28 17.92
N SER A 456 -4.93 17.09 17.62
CA SER A 456 -5.91 16.91 16.55
C SER A 456 -7.20 17.60 16.92
N SER A 457 -7.34 17.90 18.20
CA SER A 457 -8.53 18.56 18.72
C SER A 457 -8.44 20.06 18.57
N LEU A 458 -7.35 20.51 17.96
CA LEU A 458 -7.09 21.91 17.69
C LEU A 458 -6.92 22.69 19.00
N LEU A 459 -6.52 21.96 20.03
CA LEU A 459 -6.13 22.53 21.31
C LEU A 459 -4.61 22.57 21.40
N THR A 460 -4.03 23.67 21.85
CA THR A 460 -2.59 23.76 21.87
C THR A 460 -2.08 22.90 23.03
N VAL A 461 -0.87 22.37 22.90
CA VAL A 461 -0.28 21.61 23.99
C VAL A 461 0.25 22.51 25.08
N THR A 462 0.24 22.01 26.31
CA THR A 462 0.83 22.71 27.44
C THR A 462 2.35 22.57 27.33
N ARG A 463 3.10 23.57 27.77
CA ARG A 463 4.55 23.48 27.75
C ARG A 463 5.11 23.70 29.15
N SER A 464 6.05 22.85 29.54
CA SER A 464 6.67 22.94 30.86
C SER A 464 7.44 24.25 31.01
N ALA A 465 7.43 24.82 32.21
CA ALA A 465 8.05 26.12 32.43
C ALA A 465 9.31 26.07 33.29
N ALA A 466 9.74 24.88 33.67
CA ALA A 466 10.88 24.74 34.57
C ALA A 466 11.58 23.38 34.39
N ASN A 467 12.74 23.22 35.01
CA ASN A 467 13.49 21.98 34.91
C ASN A 467 12.74 20.80 35.50
N PHE A 468 12.99 19.64 34.92
CA PHE A 468 12.55 18.38 35.50
C PHE A 468 13.33 18.02 36.76
N PRO A 469 12.68 17.31 37.69
CA PRO A 469 11.25 17.02 37.77
C PRO A 469 10.37 18.25 37.97
N LEU A 470 9.19 18.25 37.38
CA LEU A 470 8.20 19.30 37.56
C LEU A 470 7.44 19.16 38.86
N ALA A 471 6.92 20.27 39.37
CA ALA A 471 6.03 20.23 40.54
C ALA A 471 4.77 21.06 40.34
N ASN A 472 3.98 20.71 39.32
CA ASN A 472 2.86 21.53 38.86
C ASN A 472 1.54 21.50 39.64
N GLN A 473 0.78 22.58 39.52
CA GLN A 473 -0.66 22.56 39.70
C GLN A 473 -1.25 21.85 38.48
N PRO A 474 -2.01 20.78 38.69
CA PRO A 474 -2.53 19.99 37.57
C PRO A 474 -3.48 20.75 36.63
N ALA A 475 -3.39 20.43 35.34
CA ALA A 475 -4.25 21.03 34.32
C ALA A 475 -4.67 19.94 33.34
N ALA A 476 -5.62 19.12 33.76
CA ALA A 476 -5.97 17.91 33.04
C ALA A 476 -6.52 18.20 31.66
N ASP A 477 -6.17 17.35 30.71
CA ASP A 477 -6.61 17.52 29.35
C ASP A 477 -7.83 16.67 29.01
N MET A 478 -7.97 15.50 29.62
CA MET A 478 -9.14 14.68 29.38
C MET A 478 -9.26 13.57 30.40
N ARG A 479 -10.50 13.13 30.66
CA ARG A 479 -10.76 12.04 31.59
C ARG A 479 -10.49 10.65 31.03
N VAL A 480 -10.11 9.74 31.93
CA VAL A 480 -10.00 8.30 31.64
C VAL A 480 -10.42 7.54 32.89
N TYR A 481 -10.88 6.30 32.74
CA TYR A 481 -11.14 5.48 33.91
C TYR A 481 -9.88 4.85 34.50
N ASP A 482 -9.92 4.54 35.79
CA ASP A 482 -8.81 3.90 36.47
C ASP A 482 -9.05 2.40 36.64
N THR A 483 -7.98 1.62 36.55
CA THR A 483 -8.05 0.18 36.78
C THR A 483 -7.91 -0.10 38.28
N ASP A 484 -8.91 -0.75 38.85
CA ASP A 484 -8.98 -0.97 40.29
C ASP A 484 -8.30 -2.26 40.73
N PRO A 485 -7.27 -2.15 41.59
CA PRO A 485 -6.52 -3.31 42.08
C PRO A 485 -7.38 -4.33 42.83
N ALA A 486 -8.37 -3.87 43.57
CA ALA A 486 -9.17 -4.75 44.41
C ALA A 486 -10.06 -5.66 43.58
N THR A 487 -10.62 -5.11 42.52
CA THR A 487 -11.49 -5.87 41.65
C THR A 487 -10.68 -6.86 40.83
N TRP A 488 -9.44 -6.46 40.53
CA TRP A 488 -8.48 -7.30 39.86
C TRP A 488 -8.14 -8.49 40.71
N ASN A 489 -8.05 -8.27 42.02
CA ASN A 489 -7.81 -9.36 42.94
C ASN A 489 -9.02 -10.26 43.06
N LYS A 490 -10.22 -9.67 43.04
CA LYS A 490 -11.44 -10.47 43.04
C LYS A 490 -11.58 -11.34 41.81
N VAL A 491 -11.06 -10.89 40.68
CA VAL A 491 -11.20 -11.63 39.42
C VAL A 491 -10.10 -12.64 39.21
N ALA A 492 -8.87 -12.27 39.58
CA ALA A 492 -7.71 -13.12 39.33
C ALA A 492 -7.79 -14.43 40.07
N LEU A 493 -8.59 -14.45 41.13
CA LEU A 493 -8.70 -15.62 41.97
C LEU A 493 -9.98 -16.39 41.69
N GLY A 494 -10.74 -15.95 40.69
CA GLY A 494 -11.95 -16.64 40.31
C GLY A 494 -13.10 -16.32 41.24
N LEU A 495 -12.88 -15.39 42.14
CA LEU A 495 -13.92 -14.98 43.07
C LEU A 495 -15.03 -14.17 42.39
N ALA A 496 -14.73 -13.53 41.27
CA ALA A 496 -15.71 -12.66 40.64
C ALA A 496 -15.56 -12.51 39.13
N THR A 497 -16.61 -12.03 38.48
CA THR A 497 -16.65 -11.79 37.04
C THR A 497 -17.45 -10.55 36.67
N ALA A 498 -17.37 -10.15 35.40
CA ALA A 498 -18.09 -8.98 34.89
C ALA A 498 -18.48 -9.18 33.44
N ALA A 499 -19.54 -8.48 33.02
CA ALA A 499 -20.18 -8.72 31.72
C ALA A 499 -19.31 -8.40 30.51
N ASN A 500 -18.31 -7.54 30.67
CA ASN A 500 -17.37 -7.29 29.59
C ASN A 500 -16.03 -8.00 29.72
N LEU A 501 -15.90 -8.89 30.70
CA LEU A 501 -14.63 -9.57 30.96
C LEU A 501 -14.54 -10.96 30.31
N VAL A 502 -15.43 -11.24 29.38
CA VAL A 502 -15.46 -12.53 28.69
C VAL A 502 -14.16 -12.82 27.92
N PRO A 503 -13.56 -14.00 28.16
CA PRO A 503 -12.32 -14.48 27.52
C PRO A 503 -12.44 -14.67 26.03
N GLU A 504 -11.35 -14.45 25.31
CA GLU A 504 -11.40 -14.48 23.86
C GLU A 504 -10.29 -15.31 23.25
N GLN A 505 -10.51 -15.73 22.01
CA GLN A 505 -9.50 -16.43 21.25
C GLN A 505 -8.33 -15.51 20.99
N SER A 506 -7.13 -16.04 21.08
CA SER A 506 -5.92 -15.23 20.99
C SER A 506 -5.77 -14.54 19.65
N MET A 507 -6.43 -15.09 18.64
CA MET A 507 -6.30 -14.64 17.27
C MET A 507 -7.11 -13.34 17.10
N ASP A 508 -7.95 -13.04 18.08
CA ASP A 508 -8.82 -11.84 18.08
C ASP A 508 -8.19 -10.55 18.59
N VAL A 509 -6.94 -10.60 19.06
CA VAL A 509 -6.25 -9.38 19.45
C VAL A 509 -6.18 -8.44 18.25
N PRO A 510 -6.50 -7.14 18.44
CA PRO A 510 -6.50 -6.26 17.27
C PRO A 510 -5.14 -6.17 16.60
N PHE A 511 -5.14 -6.09 15.28
CA PHE A 511 -3.98 -6.47 14.49
C PHE A 511 -2.88 -5.43 14.55
N VAL A 512 -3.19 -4.29 15.13
CA VAL A 512 -2.24 -3.20 15.20
C VAL A 512 -0.99 -3.56 16.00
N VAL A 513 -1.18 -4.16 17.16
CA VAL A 513 -0.08 -4.49 18.06
C VAL A 513 0.88 -5.54 17.52
N GLY A 514 2.17 -5.28 17.65
CA GLY A 514 3.21 -6.18 17.21
C GLY A 514 3.56 -5.99 15.75
N ASP A 515 2.88 -5.07 15.09
CA ASP A 515 3.12 -4.82 13.68
C ASP A 515 3.95 -3.57 13.49
N ALA A 516 4.91 -3.64 12.59
CA ALA A 516 5.91 -2.58 12.46
C ALA A 516 5.40 -1.35 11.75
N ARG A 517 4.25 -1.47 11.10
CA ARG A 517 3.65 -0.35 10.38
C ARG A 517 2.85 0.55 11.28
N ALA A 518 2.79 0.20 12.57
CA ALA A 518 1.85 0.81 13.48
C ALA A 518 2.01 2.31 13.61
N SER A 519 3.23 2.81 13.50
CA SER A 519 3.45 4.25 13.60
C SER A 519 2.79 5.05 12.48
N PHE A 520 2.97 4.54 11.28
CA PHE A 520 2.42 5.12 10.07
C PHE A 520 0.90 5.10 10.12
N TRP A 521 0.35 4.00 10.61
CA TRP A 521 -1.08 3.89 10.78
C TRP A 521 -1.59 4.86 11.83
N GLU A 522 -0.76 5.16 12.82
CA GLU A 522 -1.11 6.15 13.83
C GLU A 522 -1.28 7.51 13.20
N ARG A 523 -0.25 7.90 12.43
CA ARG A 523 -0.26 9.18 11.76
C ARG A 523 -1.47 9.31 10.87
N LEU A 524 -1.78 8.25 10.12
CA LEU A 524 -2.91 8.29 9.24
C LEU A 524 -4.23 8.39 9.98
N GLN A 525 -4.36 7.65 11.07
CA GLN A 525 -5.63 7.66 11.81
C GLN A 525 -5.89 9.01 12.43
N ALA A 526 -4.84 9.78 12.64
CA ALA A 526 -5.01 11.13 13.17
C ALA A 526 -5.76 12.11 12.26
N ILE A 527 -5.64 12.00 10.93
CA ILE A 527 -6.26 12.98 10.03
C ILE A 527 -7.80 13.12 10.09
N PRO A 528 -8.56 12.01 10.02
CA PRO A 528 -10.01 12.19 10.10
C PRO A 528 -10.52 12.85 11.37
N MET A 529 -9.82 12.64 12.49
CA MET A 529 -10.18 13.30 13.74
C MET A 529 -10.14 14.81 13.59
N CYS A 530 -9.07 15.31 12.98
CA CYS A 530 -9.00 16.71 12.65
C CYS A 530 -10.04 17.16 11.68
N ILE A 531 -10.46 16.30 10.77
CA ILE A 531 -11.48 16.74 9.84
C ILE A 531 -12.78 17.01 10.58
N ALA A 532 -13.14 16.12 11.51
CA ALA A 532 -14.37 16.34 12.26
C ALA A 532 -14.29 17.56 13.18
N TRP A 533 -13.18 17.75 13.89
CA TRP A 533 -13.11 18.95 14.71
C TRP A 533 -13.07 20.22 13.88
N THR A 534 -12.36 20.19 12.76
CA THR A 534 -12.29 21.34 11.88
C THR A 534 -13.64 21.74 11.35
N MET A 535 -14.44 20.77 10.90
CA MET A 535 -15.74 21.13 10.37
C MET A 535 -16.64 21.60 11.49
N TYR A 536 -16.35 21.18 12.72
CA TYR A 536 -17.09 21.74 13.85
C TYR A 536 -16.79 23.23 14.04
N TYR A 537 -15.52 23.56 14.16
CA TYR A 537 -15.13 24.94 14.41
C TYR A 537 -15.34 25.93 13.27
N HIS A 538 -15.33 25.46 12.03
CA HIS A 538 -15.47 26.34 10.88
C HIS A 538 -16.91 26.68 10.51
N SER A 539 -17.87 25.91 11.00
CA SER A 539 -19.27 26.18 10.68
C SER A 539 -19.76 27.49 11.25
N ARG A 540 -19.22 27.82 12.42
CA ARG A 540 -19.49 29.10 13.06
C ARG A 540 -18.19 29.89 13.08
N GLY A 541 -18.28 31.20 12.92
CA GLY A 541 -17.10 31.98 12.61
C GLY A 541 -16.33 32.55 13.78
N ILE A 542 -16.51 31.96 14.95
CA ILE A 542 -15.95 32.50 16.18
C ILE A 542 -14.43 32.59 16.07
N THR A 543 -13.87 33.71 16.46
CA THR A 543 -12.44 33.94 16.31
C THR A 543 -11.67 33.18 17.37
N THR A 544 -10.37 33.01 17.16
CA THR A 544 -9.53 32.31 18.13
C THR A 544 -9.40 33.04 19.48
N LEU A 545 -9.41 34.37 19.53
CA LEU A 545 -9.52 35.05 20.82
C LEU A 545 -10.81 34.78 21.52
N ALA A 546 -11.89 34.63 20.77
CA ALA A 546 -13.16 34.48 21.41
C ALA A 546 -13.26 33.10 22.06
N TRP A 547 -12.45 32.14 21.59
CA TRP A 547 -12.38 30.85 22.27
C TRP A 547 -11.34 30.86 23.38
N ASP A 548 -10.21 31.51 23.15
CA ASP A 548 -9.19 31.59 24.18
C ASP A 548 -9.63 32.33 25.43
N ASN A 549 -10.48 33.34 25.26
CA ASN A 549 -10.94 34.13 26.40
C ASN A 549 -12.29 33.68 26.89
N ALA A 550 -12.74 32.52 26.43
CA ALA A 550 -14.10 32.06 26.70
C ALA A 550 -14.21 31.31 28.01
N TYR A 551 -13.08 31.11 28.69
CA TYR A 551 -13.08 30.35 29.92
C TYR A 551 -12.36 31.17 31.00
N THR A 552 -12.00 32.37 30.58
CA THR A 552 -11.35 33.36 31.43
C THR A 552 -12.32 34.53 31.53
N ASP A 553 -11.81 35.68 31.96
CA ASP A 553 -12.65 36.83 32.25
C ASP A 553 -13.44 37.39 31.06
N ASN A 554 -12.84 37.44 29.87
CA ASN A 554 -13.43 38.23 28.80
C ASN A 554 -14.67 37.59 28.17
N THR A 555 -15.28 36.68 28.91
CA THR A 555 -16.36 35.85 28.40
C THR A 555 -17.66 36.60 28.12
N ASN A 556 -18.47 36.04 27.25
CA ASN A 556 -19.86 36.44 27.07
C ASN A 556 -20.79 35.44 27.73
N LYS A 557 -22.10 35.63 27.56
CA LYS A 557 -23.06 34.60 27.90
C LYS A 557 -22.93 33.44 26.94
N TRP A 558 -22.90 33.81 25.66
CA TRP A 558 -22.96 32.83 24.59
C TRP A 558 -21.66 32.08 24.46
N LEU A 559 -20.54 32.76 24.65
CA LEU A 559 -19.27 32.06 24.70
C LEU A 559 -19.17 31.16 25.92
N GLN A 560 -19.87 31.54 26.97
CA GLN A 560 -19.88 30.79 28.22
C GLN A 560 -20.57 29.46 27.98
N LYS A 561 -21.78 29.51 27.42
CA LYS A 561 -22.50 28.28 27.14
C LYS A 561 -21.81 27.52 26.03
N MET A 562 -21.03 28.22 25.23
CA MET A 562 -20.52 27.63 24.02
C MET A 562 -19.36 26.75 24.39
N VAL A 563 -18.46 27.27 25.21
CA VAL A 563 -17.36 26.47 25.71
C VAL A 563 -17.87 25.42 26.70
N ARG A 564 -18.99 25.72 27.35
CA ARG A 564 -19.50 24.80 28.36
C ARG A 564 -19.96 23.46 27.79
N ASN A 565 -20.49 23.47 26.57
CA ASN A 565 -21.08 22.26 25.99
C ASN A 565 -20.17 21.54 24.97
N THR A 566 -19.09 22.19 24.58
CA THR A 566 -18.08 21.52 23.77
C THR A 566 -17.35 20.46 24.59
N PHE A 567 -17.27 20.69 25.90
CA PHE A 567 -16.40 19.89 26.73
C PHE A 567 -17.16 19.12 27.79
N SER A 568 -16.43 18.24 28.49
CA SER A 568 -17.01 17.41 29.54
C SER A 568 -17.04 18.12 30.88
N THR A 569 -17.84 19.17 30.96
CA THR A 569 -17.94 19.96 32.18
C THR A 569 -18.48 19.12 33.34
N THR A 570 -19.44 18.26 33.02
CA THR A 570 -20.20 17.55 34.05
C THR A 570 -19.38 16.51 34.82
N GLN A 571 -19.72 16.36 36.10
CA GLN A 571 -19.03 15.43 36.97
C GLN A 571 -19.96 14.73 37.93
N SER A 572 -20.65 13.70 37.45
CA SER A 572 -21.31 12.76 38.35
C SER A 572 -20.29 11.78 38.91
N VAL A 573 -20.59 11.22 40.08
CA VAL A 573 -19.69 10.30 40.75
C VAL A 573 -19.39 9.03 39.96
N GLY A 574 -18.12 8.66 39.87
CA GLY A 574 -17.72 7.39 39.30
C GLY A 574 -17.98 7.26 37.81
N THR A 575 -18.14 8.40 37.15
CA THR A 575 -18.52 8.42 35.75
C THR A 575 -17.80 9.48 34.96
N ILE A 576 -17.87 9.34 33.64
CA ILE A 576 -17.49 10.39 32.73
C ILE A 576 -18.68 10.69 31.86
N ILE A 577 -19.33 11.83 32.09
CA ILE A 577 -20.47 12.21 31.27
C ILE A 577 -20.04 13.04 30.06
N PRO A 578 -20.43 12.59 28.86
CA PRO A 578 -20.08 13.16 27.56
C PRO A 578 -20.58 14.59 27.35
N ALA A 579 -19.81 15.37 26.60
CA ALA A 579 -20.18 16.73 26.22
C ALA A 579 -21.45 16.72 25.38
N ARG A 580 -22.30 17.72 25.57
CA ARG A 580 -23.53 17.78 24.80
C ARG A 580 -23.28 17.99 23.31
N TYR A 581 -22.28 18.80 22.97
CA TYR A 581 -22.00 19.06 21.57
C TYR A 581 -20.86 18.21 21.01
N GLY A 582 -20.40 17.21 21.75
CA GLY A 582 -19.40 16.30 21.21
C GLY A 582 -20.09 15.31 20.29
N LYS A 583 -21.38 15.15 20.56
CA LYS A 583 -22.20 14.23 19.80
C LYS A 583 -22.34 14.70 18.36
N ILE A 584 -22.35 16.01 18.15
CA ILE A 584 -22.41 16.58 16.81
C ILE A 584 -21.16 16.23 16.02
N VAL A 585 -20.03 16.23 16.71
CA VAL A 585 -18.78 15.91 16.05
C VAL A 585 -18.74 14.44 15.69
N CYS A 586 -19.27 13.57 16.56
CA CYS A 586 -19.35 12.16 16.22
C CYS A 586 -20.27 11.91 15.03
N ASN A 587 -21.35 12.68 14.96
CA ASN A 587 -22.24 12.59 13.80
C ASN A 587 -21.56 13.02 12.52
N LEU A 588 -20.75 14.08 12.59
CA LEU A 588 -20.04 14.52 11.41
C LEU A 588 -19.10 13.42 10.97
N TYR A 589 -18.47 12.76 11.94
CA TYR A 589 -17.51 11.72 11.62
C TYR A 589 -18.23 10.59 10.92
N LYS A 590 -19.36 10.16 11.47
CA LYS A 590 -20.07 9.04 10.89
C LYS A 590 -20.71 9.32 9.55
N ASN A 591 -21.09 10.56 9.28
CA ASN A 591 -21.69 10.87 7.97
C ASN A 591 -20.69 11.17 6.87
N MET A 592 -19.58 11.79 7.24
CA MET A 592 -18.57 12.13 6.26
C MET A 592 -17.63 10.98 5.88
N PHE A 593 -17.61 9.91 6.66
CA PHE A 593 -16.68 8.82 6.41
C PHE A 593 -17.36 7.46 6.33
N HIS A 594 -18.61 7.41 6.74
CA HIS A 594 -19.38 6.17 6.81
C HIS A 594 -18.64 5.10 7.60
N ARG A 595 -18.07 5.52 8.72
CA ARG A 595 -17.31 4.67 9.63
C ARG A 595 -17.63 5.17 11.03
N ALA A 596 -17.29 4.41 12.08
CA ALA A 596 -17.60 4.84 13.43
C ALA A 596 -16.39 4.81 14.34
N PRO A 597 -16.34 5.72 15.33
CA PRO A 597 -15.37 5.75 16.43
C PRO A 597 -15.61 4.67 17.47
N ALA A 598 -14.56 4.29 18.19
CA ALA A 598 -14.67 3.32 19.28
C ALA A 598 -15.55 3.83 20.42
N TYR A 599 -16.35 2.94 20.99
CA TYR A 599 -17.24 3.30 22.08
C TYR A 599 -16.81 2.74 23.43
N VAL A 600 -17.16 3.46 24.49
CA VAL A 600 -17.16 2.90 25.83
C VAL A 600 -18.54 3.07 26.42
N ALA A 601 -19.13 1.98 26.89
CA ALA A 601 -20.41 2.07 27.55
C ALA A 601 -20.25 2.70 28.93
N THR A 602 -21.25 3.47 29.34
CA THR A 602 -21.24 4.07 30.66
C THR A 602 -22.67 4.36 31.07
N SER A 603 -22.99 4.11 32.33
CA SER A 603 -24.37 4.19 32.78
C SER A 603 -24.59 5.32 33.77
N VAL A 604 -25.68 6.04 33.60
CA VAL A 604 -26.09 7.07 34.54
C VAL A 604 -27.59 7.01 34.78
N GLY A 605 -27.98 6.70 36.01
CA GLY A 605 -29.38 6.68 36.36
C GLY A 605 -30.05 5.44 35.78
N GLY A 606 -29.24 4.49 35.37
CA GLY A 606 -29.73 3.31 34.68
C GLY A 606 -29.85 3.54 33.19
N LYS A 607 -29.54 4.74 32.75
CA LYS A 607 -29.48 5.03 31.32
C LYS A 607 -28.12 4.68 30.74
N GLU A 608 -28.11 3.93 29.64
CA GLU A 608 -26.86 3.68 28.93
C GLU A 608 -26.42 4.85 28.08
N LEU A 609 -25.12 5.00 27.93
CA LEU A 609 -24.53 6.14 27.26
C LEU A 609 -23.21 5.74 26.64
N HIS A 610 -23.08 5.87 25.32
CA HIS A 610 -21.79 5.60 24.72
C HIS A 610 -20.91 6.82 24.93
N ILE A 611 -19.60 6.61 24.93
CA ILE A 611 -18.70 7.74 24.99
C ILE A 611 -17.47 7.48 24.13
N THR A 612 -16.99 8.54 23.51
CA THR A 612 -15.96 8.49 22.47
C THR A 612 -14.94 9.55 22.82
N HIS A 613 -13.75 9.54 22.23
CA HIS A 613 -12.74 10.53 22.55
C HIS A 613 -13.19 11.93 22.17
N PHE A 614 -14.16 12.00 21.26
CA PHE A 614 -14.85 13.25 20.95
C PHE A 614 -15.59 13.82 22.15
N GLU A 615 -16.09 12.96 23.03
CA GLU A 615 -16.89 13.43 24.16
C GLU A 615 -16.18 13.57 25.50
N ARG A 616 -14.86 13.40 25.57
CA ARG A 616 -14.21 13.36 26.88
C ARG A 616 -13.01 14.26 27.07
N TRP A 617 -12.92 15.33 26.31
CA TRP A 617 -11.92 16.39 26.52
C TRP A 617 -12.32 17.35 27.64
N LEU A 618 -11.35 18.12 28.12
CA LEU A 618 -11.57 19.08 29.21
C LEU A 618 -11.26 20.54 28.85
N PRO A 619 -12.10 21.46 29.32
CA PRO A 619 -11.98 22.90 29.02
C PRO A 619 -10.83 23.68 29.71
N GLY A 620 -10.48 24.84 29.15
CA GLY A 620 -9.35 25.65 29.62
C GLY A 620 -8.02 25.67 28.88
N GLY A 621 -7.93 25.03 27.71
CA GLY A 621 -6.76 25.07 26.86
C GLY A 621 -6.66 26.35 26.05
N THR A 622 -5.70 26.37 25.13
CA THR A 622 -5.53 27.47 24.20
C THR A 622 -5.58 26.88 22.79
N TYR A 623 -6.18 27.61 21.86
CA TYR A 623 -6.48 27.09 20.55
C TYR A 623 -5.42 27.39 19.52
N ALA A 624 -5.47 26.68 18.39
CA ALA A 624 -4.49 26.87 17.34
C ALA A 624 -4.61 28.28 16.77
N ASN A 625 -3.47 28.93 16.58
CA ASN A 625 -3.44 30.26 15.99
C ASN A 625 -2.33 30.36 14.95
N VAL A 626 -2.58 31.12 13.90
CA VAL A 626 -1.55 31.35 12.89
C VAL A 626 -0.50 32.39 13.29
N TYR A 627 0.74 32.20 12.83
CA TYR A 627 1.79 33.18 13.00
C TYR A 627 2.00 34.01 11.76
N SER A 628 2.49 35.23 11.94
CA SER A 628 2.99 36.06 10.85
C SER A 628 4.45 35.69 10.54
N GLY A 629 4.91 36.00 9.33
CA GLY A 629 6.32 35.84 9.01
C GLY A 629 7.05 36.78 9.94
N ALA A 630 8.20 36.37 10.47
CA ALA A 630 8.78 37.12 11.58
C ALA A 630 8.06 36.88 12.90
N GLY A 631 7.17 35.91 12.92
CA GLY A 631 6.68 35.32 14.15
C GLY A 631 5.54 35.97 14.91
N ALA A 632 5.05 37.11 14.45
CA ALA A 632 3.97 37.79 15.17
C ALA A 632 2.72 36.92 15.19
N VAL A 633 2.12 36.79 16.35
CA VAL A 633 0.89 36.02 16.48
C VAL A 633 -0.29 36.73 15.81
N VAL A 634 -1.14 35.99 15.12
CA VAL A 634 -2.38 36.57 14.62
C VAL A 634 -3.53 35.62 14.90
N ASN A 635 -4.62 36.17 15.41
CA ASN A 635 -5.69 35.36 15.95
C ASN A 635 -7.09 35.80 15.54
N CYS A 636 -7.24 36.26 14.30
CA CYS A 636 -8.54 36.63 13.77
C CYS A 636 -9.33 35.43 13.29
N PHE A 637 -8.65 34.47 12.68
CA PHE A 637 -9.32 33.33 12.08
C PHE A 637 -9.84 32.39 13.14
N SER A 638 -10.86 31.62 12.81
CA SER A 638 -11.25 30.51 13.67
C SER A 638 -10.12 29.47 13.62
N PRO A 639 -9.96 28.66 14.67
CA PRO A 639 -8.75 27.82 14.74
C PRO A 639 -8.59 26.79 13.63
N VAL A 640 -7.33 26.56 13.23
CA VAL A 640 -6.96 25.68 12.12
C VAL A 640 -5.62 25.00 12.33
N LEU A 641 -5.42 23.86 11.68
CA LEU A 641 -4.11 23.23 11.61
C LEU A 641 -3.71 22.76 10.24
N ILE A 642 -4.66 22.26 9.47
CA ILE A 642 -4.30 21.52 8.26
C ILE A 642 -4.93 22.06 6.99
N PRO A 643 -4.24 21.88 5.85
CA PRO A 643 -4.63 22.39 4.53
C PRO A 643 -5.92 21.78 4.04
N ASP A 644 -6.70 22.53 3.25
CA ASP A 644 -8.04 22.09 2.84
C ASP A 644 -8.11 20.81 2.06
N ILE A 645 -7.06 20.52 1.31
CA ILE A 645 -7.09 19.36 0.43
C ILE A 645 -7.20 18.08 1.20
N TRP A 646 -6.72 18.06 2.43
CA TRP A 646 -6.82 16.86 3.23
C TRP A 646 -8.29 16.56 3.52
N CYS A 647 -9.01 17.62 3.89
CA CYS A 647 -10.43 17.52 4.19
C CYS A 647 -11.24 17.15 2.98
N GLN A 648 -10.96 17.83 1.87
CA GLN A 648 -11.70 17.60 0.65
C GLN A 648 -11.42 16.22 0.11
N TYR A 649 -10.21 15.72 0.30
CA TYR A 649 -9.79 14.55 -0.43
C TYR A 649 -9.93 13.25 0.34
N PHE A 650 -10.02 13.27 1.67
CA PHE A 650 -10.29 11.99 2.33
C PHE A 650 -11.75 11.72 2.60
N THR A 651 -12.57 12.75 2.64
CA THR A 651 -13.99 12.61 2.93
C THR A 651 -14.80 12.05 1.78
N ALA A 652 -15.87 11.33 2.10
CA ALA A 652 -16.83 10.86 1.10
C ALA A 652 -17.94 11.86 0.86
N LYS A 653 -18.27 12.62 1.89
CA LYS A 653 -19.24 13.70 1.81
C LYS A 653 -18.75 14.85 2.66
N LEU A 654 -18.85 16.07 2.16
CA LEU A 654 -18.54 17.23 2.98
C LEU A 654 -19.61 18.28 2.78
N PRO A 655 -19.82 19.13 3.80
CA PRO A 655 -20.75 20.25 3.73
C PRO A 655 -20.36 21.27 2.68
N LEU A 656 -21.37 21.95 2.13
CA LEU A 656 -21.24 22.79 0.95
C LEU A 656 -20.22 23.90 1.07
N PHE A 657 -19.92 24.37 2.26
CA PHE A 657 -19.06 25.53 2.39
C PHE A 657 -17.60 25.19 2.27
N ALA A 658 -17.30 23.91 2.18
CA ALA A 658 -15.92 23.41 2.27
C ALA A 658 -15.33 22.85 0.98
N GLY A 659 -16.09 22.83 -0.11
CA GLY A 659 -15.63 22.16 -1.31
C GLY A 659 -14.51 22.86 -2.06
N ALA A 660 -13.83 22.11 -2.91
CA ALA A 660 -12.73 22.63 -3.71
C ALA A 660 -13.25 23.53 -4.82
N PHE A 661 -12.49 24.57 -5.14
CA PHE A 661 -12.84 25.43 -6.26
C PHE A 661 -12.57 24.66 -7.54
N PRO A 662 -13.54 24.62 -8.45
CA PRO A 662 -13.40 23.99 -9.76
C PRO A 662 -12.35 24.69 -10.61
N PRO A 663 -11.68 23.96 -11.52
CA PRO A 663 -10.58 24.50 -12.31
C PRO A 663 -10.95 25.66 -13.23
N ALA A 664 -9.97 26.54 -13.38
CA ALA A 664 -10.11 27.79 -14.11
C ALA A 664 -10.36 27.56 -15.60
N GLN A 665 -10.98 28.52 -16.26
CA GLN A 665 -11.01 28.51 -17.72
C GLN A 665 -12.02 27.54 -18.32
N GLY A 666 -12.78 26.85 -17.48
CA GLY A 666 -13.89 26.06 -17.97
C GLY A 666 -15.16 26.84 -17.86
N GLN A 667 -16.18 26.44 -18.60
CA GLN A 667 -17.53 26.91 -18.32
C GLN A 667 -17.88 26.21 -17.04
N ASN A 668 -18.72 26.81 -16.20
CA ASN A 668 -18.88 26.30 -14.83
C ASN A 668 -17.59 26.26 -14.03
N SER A 669 -16.89 27.39 -14.01
CA SER A 669 -15.83 27.76 -13.08
C SER A 669 -16.43 28.42 -11.83
N THR A 670 -15.61 28.72 -10.83
CA THR A 670 -16.16 29.11 -9.53
C THR A 670 -17.09 30.31 -9.60
N LYS A 671 -18.22 30.22 -8.90
CA LYS A 671 -19.23 31.26 -8.89
C LYS A 671 -19.64 31.48 -7.47
N GLY A 672 -20.84 32.03 -7.27
CA GLY A 672 -21.31 32.51 -5.98
C GLY A 672 -22.82 32.57 -5.82
N PHE A 673 -23.27 32.77 -4.57
CA PHE A 673 -24.70 32.82 -4.25
C PHE A 673 -25.20 34.24 -3.96
N ASN A 674 -26.35 34.58 -4.53
CA ASN A 674 -26.88 35.93 -4.50
C ASN A 674 -28.26 35.99 -3.89
N SER A 675 -29.00 37.02 -4.28
CA SER A 675 -30.23 37.43 -3.61
C SER A 675 -31.30 36.35 -3.62
N LYS A 676 -31.38 35.62 -4.72
CA LYS A 676 -32.38 34.57 -4.85
C LYS A 676 -32.19 33.54 -3.74
N GLN A 677 -30.94 33.22 -3.42
CA GLN A 677 -30.69 32.22 -2.42
C GLN A 677 -31.15 32.79 -1.08
N GLY A 678 -31.75 33.98 -1.12
CA GLY A 678 -32.10 34.71 0.09
C GLY A 678 -31.01 35.46 0.82
N LEU A 679 -30.02 35.96 0.07
CA LEU A 679 -28.89 36.66 0.64
C LEU A 679 -28.93 38.15 0.28
N MET A 680 -28.17 39.00 0.98
CA MET A 680 -28.16 40.45 0.73
C MET A 680 -26.77 41.04 0.92
N ILE A 681 -26.34 41.93 0.02
CA ILE A 681 -25.04 42.60 0.14
C ILE A 681 -25.04 43.69 1.20
N HIS A 682 -23.89 43.88 1.85
CA HIS A 682 -23.64 45.05 2.67
C HIS A 682 -22.63 45.98 2.02
N ARG A 683 -23.10 47.02 1.35
CA ARG A 683 -22.22 48.03 0.83
C ARG A 683 -21.83 49.07 1.86
N ASN A 684 -20.65 49.66 1.66
CA ASN A 684 -20.18 50.74 2.48
C ASN A 684 -19.30 51.60 1.59
N GLN A 685 -19.85 52.01 0.46
CA GLN A 685 -19.09 52.60 -0.63
C GLN A 685 -18.48 53.94 -0.31
N ASN A 686 -18.99 54.59 0.72
CA ASN A 686 -18.46 55.87 1.16
C ASN A 686 -17.02 55.72 1.62
N ASN A 687 -16.67 54.52 2.09
CA ASN A 687 -15.33 54.24 2.57
C ASN A 687 -14.54 53.26 1.71
N ASN A 688 -14.99 52.99 0.48
CA ASN A 688 -14.46 51.89 -0.33
C ASN A 688 -14.54 50.54 0.32
N LEU A 689 -15.72 50.14 0.76
CA LEU A 689 -15.86 48.86 1.40
C LEU A 689 -17.12 48.20 0.88
N VAL A 690 -16.97 47.02 0.26
CA VAL A 690 -18.12 46.26 -0.22
C VAL A 690 -17.93 44.80 0.18
N ALA A 691 -19.01 44.18 0.64
CA ALA A 691 -18.98 42.85 1.23
C ALA A 691 -19.98 41.94 0.55
N PRO A 692 -19.76 40.62 0.62
CA PRO A 692 -20.54 39.72 -0.23
C PRO A 692 -22.01 39.69 0.07
N TYR A 693 -22.76 38.90 -0.67
CA TYR A 693 -24.10 38.56 -0.25
C TYR A 693 -24.00 37.76 1.03
N LEU A 694 -24.82 38.08 2.01
CA LEU A 694 -24.77 37.43 3.29
C LEU A 694 -26.17 37.12 3.77
N GLU A 695 -26.26 36.44 4.90
CA GLU A 695 -27.54 36.13 5.51
C GLU A 695 -28.27 37.40 5.90
N LYS A 696 -29.58 37.41 5.71
CA LYS A 696 -30.39 38.54 6.13
C LYS A 696 -30.31 38.70 7.63
N PHE A 697 -30.11 39.93 8.10
CA PHE A 697 -29.87 40.16 9.52
C PHE A 697 -31.12 39.93 10.35
N ALA A 698 -30.91 39.47 11.56
CA ALA A 698 -31.99 39.21 12.48
C ALA A 698 -31.68 39.90 13.79
N ASP A 699 -31.62 41.23 13.74
CA ASP A 699 -31.28 42.07 14.88
C ASP A 699 -29.89 41.73 15.40
N ASN A 700 -28.99 41.37 14.49
CA ASN A 700 -27.65 40.97 14.87
C ASN A 700 -26.61 41.62 13.99
N SER A 701 -27.00 42.75 13.42
CA SER A 701 -26.25 43.47 12.39
C SER A 701 -24.91 44.07 12.76
N SER A 702 -24.72 44.46 14.02
CA SER A 702 -23.47 45.08 14.41
C SER A 702 -22.96 44.55 15.75
N TYR A 703 -23.87 44.43 16.71
CA TYR A 703 -23.63 43.62 17.90
C TYR A 703 -24.64 42.50 17.91
N PHE A 704 -24.20 41.29 18.27
CA PHE A 704 -25.16 40.22 18.45
C PHE A 704 -25.96 40.43 19.72
N PRO A 705 -27.24 40.06 19.68
CA PRO A 705 -28.07 40.12 20.88
C PRO A 705 -27.51 39.19 21.91
N VAL A 706 -27.62 39.53 23.19
CA VAL A 706 -26.98 38.76 24.24
C VAL A 706 -27.44 37.30 24.27
N GLY A 707 -26.47 36.39 24.37
CA GLY A 707 -26.77 34.98 24.43
C GLY A 707 -26.94 34.33 23.07
N GLN A 708 -26.86 35.13 22.00
CA GLN A 708 -26.94 34.59 20.65
C GLN A 708 -25.67 34.89 19.87
N GLY A 709 -25.39 34.05 18.89
CA GLY A 709 -24.22 34.19 18.05
C GLY A 709 -24.62 33.94 16.63
N PRO A 710 -23.65 33.91 15.70
CA PRO A 710 -23.96 33.76 14.28
C PRO A 710 -24.61 32.42 13.96
N GLU A 711 -25.52 32.42 12.99
CA GLU A 711 -26.22 31.23 12.56
C GLU A 711 -25.53 30.48 11.43
N ILE A 712 -25.70 29.15 11.39
CA ILE A 712 -25.15 28.36 10.30
C ILE A 712 -25.81 28.75 8.99
N ASN A 713 -24.99 29.03 7.98
CA ASN A 713 -25.47 29.30 6.65
C ASN A 713 -24.31 29.01 5.72
N ASP A 714 -24.40 27.94 4.94
CA ASP A 714 -23.29 27.53 4.10
C ASP A 714 -22.92 28.51 3.01
N MET A 715 -23.93 28.97 2.29
CA MET A 715 -23.72 29.75 1.09
C MET A 715 -23.00 31.06 1.38
N ALA A 716 -23.31 31.64 2.54
CA ALA A 716 -22.65 32.84 2.97
C ALA A 716 -21.17 32.62 3.30
N THR A 717 -20.84 31.46 3.85
CA THR A 717 -19.46 31.06 4.12
C THR A 717 -18.70 30.82 2.83
N TRP A 718 -19.41 30.29 1.84
CA TRP A 718 -18.83 30.10 0.53
C TRP A 718 -18.46 31.44 -0.08
N ASN A 719 -19.37 32.39 0.05
CA ASN A 719 -19.09 33.74 -0.45
C ASN A 719 -17.96 34.40 0.30
N GLY A 720 -17.84 34.08 1.58
CA GLY A 720 -16.78 34.63 2.38
C GLY A 720 -15.44 34.11 1.92
N ARG A 721 -15.40 32.83 1.55
CA ARG A 721 -14.21 32.24 0.96
C ARG A 721 -13.87 32.87 -0.38
N LEU A 722 -14.89 33.22 -1.16
CA LEU A 722 -14.64 33.89 -2.44
C LEU A 722 -14.00 35.25 -2.27
N TRP A 723 -14.52 36.03 -1.33
CA TRP A 723 -13.85 37.28 -0.96
C TRP A 723 -12.45 37.08 -0.41
N MET A 724 -12.25 36.08 0.42
CA MET A 724 -10.91 35.86 0.97
C MET A 724 -9.85 35.44 -0.02
N THR A 725 -10.25 34.69 -1.03
CA THR A 725 -9.27 34.05 -1.89
C THR A 725 -8.76 35.04 -2.94
N THR A 726 -9.40 36.20 -3.02
CA THR A 726 -8.81 37.36 -3.67
C THR A 726 -7.64 37.83 -2.80
N GLY A 727 -6.73 38.58 -3.38
CA GLY A 727 -5.51 38.90 -2.67
C GLY A 727 -5.51 40.03 -1.66
N ASN A 728 -6.64 40.70 -1.43
CA ASN A 728 -6.63 41.88 -0.57
C ASN A 728 -7.83 42.08 0.35
N VAL A 729 -8.15 41.07 1.15
CA VAL A 729 -9.32 41.10 2.00
C VAL A 729 -9.06 41.99 3.19
N GLN A 730 -10.11 42.56 3.76
CA GLN A 730 -9.92 43.52 4.83
C GLN A 730 -10.92 43.24 5.94
N TYR A 731 -10.44 42.97 7.15
CA TYR A 731 -11.31 42.47 8.21
C TYR A 731 -11.75 43.57 9.14
N LEU A 732 -12.95 44.09 8.92
CA LEU A 732 -13.39 45.27 9.66
C LEU A 732 -14.78 45.01 10.19
N ASP A 733 -15.42 46.00 10.79
CA ASP A 733 -16.78 45.78 11.25
C ASP A 733 -17.81 46.56 10.45
N TYR A 734 -19.00 46.66 11.01
CA TYR A 734 -20.19 47.16 10.32
C TYR A 734 -20.09 48.61 9.87
N SER A 735 -19.38 49.40 10.67
CA SER A 735 -19.10 50.79 10.33
C SER A 735 -17.86 50.91 9.48
N GLY A 736 -17.14 49.81 9.29
CA GLY A 736 -15.85 49.85 8.65
C GLY A 736 -14.70 50.27 9.53
N ALA A 737 -14.77 49.93 10.81
CA ALA A 737 -13.68 50.15 11.76
C ALA A 737 -12.95 48.87 12.17
N ALA A 738 -11.73 49.01 12.68
CA ALA A 738 -10.90 47.88 13.08
C ALA A 738 -11.48 47.08 14.25
N ILE A 739 -11.30 45.77 14.20
CA ILE A 739 -11.65 44.87 15.29
C ILE A 739 -10.43 44.58 16.18
N VAL A 740 -10.68 44.13 17.42
CA VAL A 740 -9.59 43.93 18.40
C VAL A 740 -8.61 42.79 18.13
N GLU A 741 -9.03 41.77 17.39
CA GLU A 741 -8.14 40.68 17.02
C GLU A 741 -6.98 41.15 16.15
N ALA A 742 -5.81 40.53 16.34
CA ALA A 742 -4.67 40.77 15.46
C ALA A 742 -4.96 40.22 14.07
N VAL A 743 -4.46 40.88 13.03
CA VAL A 743 -4.78 40.49 11.67
C VAL A 743 -3.53 40.24 10.83
N PRO A 744 -3.63 39.36 9.82
CA PRO A 744 -2.50 39.00 8.96
C PRO A 744 -2.03 40.18 8.14
N PRO A 745 -0.74 40.22 7.80
CA PRO A 745 -0.33 41.27 6.88
C PRO A 745 -1.09 41.06 5.59
N ALA A 746 -1.45 42.13 4.89
CA ALA A 746 -2.57 42.08 3.97
C ALA A 746 -2.40 41.02 2.89
N GLY A 747 -3.45 40.26 2.68
CA GLY A 747 -3.50 39.23 1.66
C GLY A 747 -3.01 37.86 2.07
N GLU A 748 -2.38 37.76 3.23
CA GLU A 748 -1.96 36.48 3.77
C GLU A 748 -3.08 35.60 4.29
N LEU A 749 -2.91 34.30 4.09
CA LEU A 749 -3.78 33.26 4.59
C LEU A 749 -2.90 32.19 5.19
N PRO A 750 -3.42 31.41 6.15
CA PRO A 750 -2.58 30.36 6.73
C PRO A 750 -2.17 29.32 5.70
N VAL A 751 -0.96 28.79 5.80
CA VAL A 751 -0.46 27.89 4.77
C VAL A 751 0.31 26.73 5.39
N GLY A 752 0.38 25.58 4.70
CA GLY A 752 0.99 24.37 5.21
C GLY A 752 2.51 24.39 5.33
N LYS A 753 3.03 23.51 6.20
CA LYS A 753 4.45 23.45 6.55
C LYS A 753 5.39 22.98 5.45
N GLN A 754 6.52 23.67 5.33
CA GLN A 754 7.57 23.34 4.39
C GLN A 754 8.41 22.14 4.83
N ILE A 755 8.79 21.29 3.88
CA ILE A 755 9.72 20.20 4.13
C ILE A 755 10.68 20.08 2.96
N PRO A 756 11.88 19.51 3.16
CA PRO A 756 12.74 19.42 1.98
C PRO A 756 12.15 18.52 0.89
N LEU A 757 12.37 18.91 -0.36
CA LEU A 757 11.91 18.15 -1.51
C LEU A 757 12.83 16.99 -1.87
N LEU A 758 12.23 15.95 -2.44
CA LEU A 758 12.95 14.89 -3.13
C LEU A 758 13.17 15.28 -4.57
N ALA A 759 13.94 14.48 -5.30
CA ALA A 759 14.18 14.78 -6.71
C ALA A 759 12.91 14.70 -7.54
N GLY A 760 12.70 15.68 -8.41
CA GLY A 760 11.59 15.66 -9.33
C GLY A 760 10.29 16.20 -8.77
N GLU A 761 10.31 16.60 -7.50
CA GLU A 761 9.13 17.16 -6.86
C GLU A 761 9.15 18.67 -6.93
N ASN A 762 8.00 19.28 -6.72
CA ASN A 762 7.89 20.72 -6.75
C ASN A 762 7.22 21.25 -5.52
N ALA A 763 7.54 22.48 -5.16
CA ALA A 763 6.79 23.16 -4.12
C ALA A 763 5.40 23.40 -4.66
N PRO A 764 4.39 23.30 -3.80
CA PRO A 764 3.03 23.64 -4.18
C PRO A 764 2.87 25.10 -4.57
N ILE A 765 1.98 25.36 -5.53
CA ILE A 765 1.82 26.68 -6.12
C ILE A 765 0.51 27.36 -5.76
N GLU A 766 0.60 28.66 -5.47
CA GLU A 766 -0.56 29.48 -5.12
C GLU A 766 -1.29 29.01 -3.86
N LEU A 767 -2.62 28.91 -3.95
CA LEU A 767 -3.43 28.63 -2.78
C LEU A 767 -3.81 27.17 -2.68
N THR A 768 -3.03 26.34 -3.37
CA THR A 768 -3.24 24.91 -3.39
C THR A 768 -2.96 24.26 -2.03
N ASN A 769 -2.07 24.85 -1.26
CA ASN A 769 -1.67 24.28 0.02
C ASN A 769 -2.00 25.18 1.20
N ALA A 770 -3.26 25.57 1.32
CA ALA A 770 -3.64 26.57 2.29
C ALA A 770 -5.00 26.28 2.89
N ALA A 771 -5.20 26.71 4.12
CA ALA A 771 -6.53 26.76 4.72
C ALA A 771 -7.28 27.95 4.14
N THR A 772 -8.59 27.81 3.96
CA THR A 772 -9.36 28.86 3.31
C THR A 772 -10.71 29.00 3.99
N THR A 773 -11.12 27.93 4.63
CA THR A 773 -12.47 27.80 5.16
C THR A 773 -12.60 28.53 6.48
N CYS A 774 -11.45 29.00 6.99
CA CYS A 774 -11.40 29.63 8.29
C CYS A 774 -11.83 31.07 8.13
N VAL A 775 -13.14 31.30 8.03
CA VAL A 775 -13.66 32.65 7.86
C VAL A 775 -14.29 33.18 9.14
N PRO A 776 -13.85 34.34 9.60
CA PRO A 776 -14.38 34.93 10.84
C PRO A 776 -15.83 35.42 10.73
N ARG A 777 -16.60 35.22 11.80
CA ARG A 777 -17.95 35.82 11.91
C ARG A 777 -18.39 36.48 13.26
N TYR A 778 -17.62 36.28 14.34
CA TYR A 778 -18.02 36.65 15.69
C TYR A 778 -16.77 37.04 16.46
N SER A 779 -16.68 38.28 16.92
CA SER A 779 -15.49 38.72 17.63
C SER A 779 -15.69 38.70 19.12
N ASN A 780 -14.60 38.82 19.86
CA ASN A 780 -14.61 38.69 21.29
C ASN A 780 -15.42 39.81 21.93
N ASP A 781 -15.52 40.93 21.24
CA ASP A 781 -16.29 42.08 21.68
C ASP A 781 -17.78 41.78 21.61
N GLY A 782 -18.14 40.76 20.84
CA GLY A 782 -19.52 40.48 20.53
C GLY A 782 -19.99 41.08 19.22
N ARG A 783 -19.13 41.83 18.55
CA ARG A 783 -19.44 42.44 17.25
C ARG A 783 -19.35 41.51 16.05
N ARG A 784 -20.09 41.82 14.98
CA ARG A 784 -19.90 41.09 13.73
C ARG A 784 -18.61 41.48 13.06
N ILE A 785 -18.07 40.56 12.28
CA ILE A 785 -16.91 40.86 11.46
C ILE A 785 -17.34 40.76 10.00
N PHE A 786 -16.81 41.68 9.19
CA PHE A 786 -17.07 41.72 7.76
C PHE A 786 -15.77 41.65 6.98
N THR A 787 -15.80 40.88 5.90
CA THR A 787 -14.71 40.82 4.94
C THR A 787 -14.97 41.77 3.80
N TYR A 788 -14.15 42.81 3.68
CA TYR A 788 -14.34 43.81 2.65
C TYR A 788 -13.30 43.76 1.55
N LEU A 789 -13.72 44.21 0.38
CA LEU A 789 -12.87 44.59 -0.75
C LEU A 789 -13.26 46.01 -1.12
N THR A 790 -12.42 46.73 -1.86
CA THR A 790 -12.73 48.08 -2.30
C THR A 790 -13.78 48.01 -3.39
N THR A 791 -14.48 49.11 -3.66
CA THR A 791 -15.57 49.07 -4.62
C THR A 791 -15.11 48.63 -6.01
N ALA A 792 -13.90 49.00 -6.38
CA ALA A 792 -13.36 48.65 -7.68
C ALA A 792 -12.97 47.18 -7.76
N GLN A 793 -12.34 46.68 -6.70
CA GLN A 793 -11.93 45.29 -6.65
C GLN A 793 -13.10 44.36 -6.58
N SER A 794 -14.23 44.87 -6.11
CA SER A 794 -15.37 44.06 -5.74
C SER A 794 -16.36 43.79 -6.85
N VAL A 795 -16.10 44.29 -8.04
CA VAL A 795 -17.10 44.24 -9.10
C VAL A 795 -17.20 42.88 -9.83
N ILE A 796 -16.06 42.29 -10.18
CA ILE A 796 -16.07 40.95 -10.78
C ILE A 796 -16.67 39.87 -9.86
N PRO A 797 -16.21 39.77 -8.60
CA PRO A 797 -16.82 38.76 -7.72
C PRO A 797 -18.32 38.91 -7.52
N VAL A 798 -18.79 40.15 -7.48
CA VAL A 798 -20.21 40.42 -7.42
C VAL A 798 -20.91 39.93 -8.68
N GLN A 799 -20.28 40.09 -9.84
CA GLN A 799 -20.85 39.53 -11.06
C GLN A 799 -20.86 38.01 -11.05
N ALA A 800 -19.88 37.41 -10.38
CA ALA A 800 -19.79 35.96 -10.28
C ALA A 800 -20.86 35.38 -9.39
N CYS A 801 -21.11 36.04 -8.27
CA CYS A 801 -22.15 35.57 -7.36
C CYS A 801 -23.49 35.68 -8.02
N ASN A 802 -23.55 36.60 -8.97
CA ASN A 802 -24.74 37.00 -9.66
C ASN A 802 -24.94 36.05 -10.83
N ARG A 803 -23.90 35.26 -11.06
CA ARG A 803 -23.70 34.30 -12.15
C ARG A 803 -23.74 34.88 -13.54
N ALA A 804 -22.94 35.92 -13.72
CA ALA A 804 -22.74 36.56 -15.01
C ALA A 804 -21.26 36.76 -15.28
N ALA A 805 -20.45 35.96 -14.59
CA ALA A 805 -19.00 35.96 -14.73
C ALA A 805 -18.45 34.73 -14.04
N ASN A 806 -17.22 34.36 -14.40
CA ASN A 806 -16.49 33.28 -13.75
C ASN A 806 -15.23 33.78 -13.07
N LEU A 807 -14.77 33.05 -12.04
CA LEU A 807 -13.53 33.38 -11.33
C LEU A 807 -12.47 32.32 -11.54
N ALA A 808 -11.22 32.73 -11.41
CA ALA A 808 -10.09 31.84 -11.71
C ALA A 808 -9.27 31.52 -10.47
N ARG A 809 -9.23 30.24 -10.12
CA ARG A 809 -8.56 29.77 -8.90
C ARG A 809 -7.84 28.45 -9.18
N SER A 810 -6.72 28.23 -8.49
CA SER A 810 -5.87 27.04 -8.68
C SER A 810 -6.41 25.75 -8.08
N CYS A 811 -6.02 24.61 -8.63
CA CYS A 811 -6.55 23.34 -8.11
C CYS A 811 -5.69 22.10 -8.34
N TRP A 812 -5.85 21.08 -7.50
CA TRP A 812 -5.27 19.77 -7.72
C TRP A 812 -5.92 19.00 -8.86
N LEU A 813 -5.10 18.41 -9.73
CA LEU A 813 -5.61 17.58 -10.83
C LEU A 813 -5.59 16.11 -10.44
N LEU A 814 -6.60 15.71 -9.67
CA LEU A 814 -6.67 14.39 -9.07
C LEU A 814 -8.03 13.83 -9.40
N SER A 815 -8.21 12.52 -9.32
CA SER A 815 -9.49 11.89 -9.64
C SER A 815 -10.03 12.28 -11.02
N ASN A 816 -11.19 12.92 -11.02
CA ASN A 816 -11.88 13.26 -12.25
C ASN A 816 -11.71 14.71 -12.67
N VAL A 817 -10.78 15.42 -12.05
CA VAL A 817 -10.55 16.80 -12.41
C VAL A 817 -9.55 16.88 -13.56
N TYR A 818 -9.95 17.50 -14.67
CA TYR A 818 -9.10 17.65 -15.83
C TYR A 818 -8.92 19.12 -16.12
N ALA A 819 -7.77 19.48 -16.69
CA ALA A 819 -7.46 20.84 -17.07
C ALA A 819 -8.36 21.38 -18.17
N GLU A 820 -8.70 22.66 -18.07
CA GLU A 820 -9.58 23.34 -19.01
C GLU A 820 -8.82 24.19 -20.02
N PRO A 821 -9.03 23.95 -21.32
CA PRO A 821 -8.49 24.79 -22.39
C PRO A 821 -8.99 26.22 -22.38
N ALA A 822 -8.16 27.17 -22.78
CA ALA A 822 -8.52 28.58 -22.76
C ALA A 822 -9.67 28.93 -23.69
N LEU A 823 -9.81 28.23 -24.82
CA LEU A 823 -10.88 28.57 -25.76
C LEU A 823 -12.29 28.14 -25.36
N GLN A 824 -12.46 26.88 -25.00
CA GLN A 824 -13.78 26.29 -24.80
C GLN A 824 -14.61 26.32 -26.07
N ALA A 825 -14.09 25.69 -27.12
CA ALA A 825 -14.83 25.51 -28.36
C ALA A 825 -15.75 24.31 -28.25
N LEU A 826 -16.85 24.48 -27.52
CA LEU A 826 -17.74 23.39 -27.17
C LEU A 826 -18.40 22.76 -28.38
N GLY A 827 -18.65 21.47 -28.31
CA GLY A 827 -19.41 20.78 -29.33
C GLY A 827 -20.69 20.27 -28.72
N ASP A 828 -21.47 19.54 -29.49
CA ASP A 828 -22.68 18.95 -28.96
C ASP A 828 -22.31 17.93 -27.90
N GLU A 829 -23.05 17.92 -26.80
CA GLU A 829 -22.75 16.98 -25.73
C GLU A 829 -22.93 15.59 -26.28
N VAL A 830 -21.95 14.72 -26.01
CA VAL A 830 -21.90 13.41 -26.63
C VAL A 830 -21.25 12.42 -25.68
N GLU A 831 -21.95 11.32 -25.41
CA GLU A 831 -21.34 10.24 -24.66
C GLU A 831 -20.26 9.57 -25.50
N ASP A 832 -19.12 9.27 -24.89
CA ASP A 832 -18.05 8.58 -25.58
C ASP A 832 -18.38 7.10 -25.70
N ALA A 833 -17.90 6.45 -26.77
CA ALA A 833 -18.21 5.05 -27.00
C ALA A 833 -17.63 4.15 -25.94
N PHE A 834 -16.42 4.48 -25.51
CA PHE A 834 -15.77 3.72 -24.46
C PHE A 834 -16.50 3.83 -23.14
N ASP A 835 -17.06 5.00 -22.86
CA ASP A 835 -17.81 5.16 -21.63
C ASP A 835 -19.09 4.33 -21.60
N THR A 836 -19.68 4.07 -22.75
CA THR A 836 -20.85 3.20 -22.79
C THR A 836 -20.48 1.73 -22.78
N LEU A 837 -19.39 1.36 -23.44
CA LEU A 837 -18.94 -0.02 -23.40
C LEU A 837 -18.58 -0.49 -22.01
N THR A 838 -18.11 0.42 -21.17
CA THR A 838 -17.64 0.02 -19.86
C THR A 838 -18.38 0.69 -18.71
N ASN A 839 -19.65 0.98 -18.92
CA ASN A 839 -20.44 1.66 -17.92
C ASN A 839 -20.94 0.76 -16.78
N SER A 840 -21.41 -0.42 -17.14
CA SER A 840 -22.01 -1.32 -16.16
C SER A 840 -20.97 -1.72 -15.12
N SER A 841 -19.74 -1.94 -15.57
CA SER A 841 -18.66 -2.35 -14.69
C SER A 841 -18.39 -1.26 -13.68
N PHE A 842 -18.41 -0.05 -14.18
CA PHE A 842 -18.19 1.15 -13.40
C PHE A 842 -19.30 1.29 -12.35
N LEU A 843 -20.50 0.87 -12.72
CA LEU A 843 -21.60 0.79 -11.76
C LEU A 843 -21.43 -0.32 -10.73
N ASP A 844 -20.87 -1.44 -11.16
CA ASP A 844 -20.63 -2.56 -10.26
C ASP A 844 -19.62 -2.21 -9.18
N VAL A 845 -18.61 -1.44 -9.56
CA VAL A 845 -17.64 -0.97 -8.59
C VAL A 845 -18.30 -0.11 -7.54
N ALA A 846 -19.09 0.85 -7.99
CA ALA A 846 -19.74 1.80 -7.10
C ALA A 846 -20.74 1.12 -6.18
N LYS A 847 -21.40 0.09 -6.70
CA LYS A 847 -22.32 -0.69 -5.90
C LYS A 847 -21.56 -1.45 -4.81
N SER A 848 -20.41 -1.99 -5.19
CA SER A 848 -19.57 -2.68 -4.23
C SER A 848 -19.05 -1.75 -3.15
N VAL A 849 -18.83 -0.48 -3.51
CA VAL A 849 -18.40 0.52 -2.56
C VAL A 849 -19.53 0.91 -1.61
N ALA A 850 -20.73 1.06 -2.15
CA ALA A 850 -21.87 1.43 -1.35
C ALA A 850 -22.26 0.33 -0.37
N GLU A 851 -22.02 -0.92 -0.74
CA GLU A 851 -22.41 -2.05 0.09
C GLU A 851 -21.68 -2.04 1.43
N SER A 852 -20.41 -1.65 1.42
CA SER A 852 -19.54 -1.79 2.57
C SER A 852 -19.98 -0.90 3.72
N PRO B 1 -9.23 -13.90 -39.17
CA PRO B 1 -8.93 -14.77 -40.32
C PRO B 1 -8.62 -14.00 -41.59
N ILE B 2 -8.00 -14.68 -42.55
CA ILE B 2 -7.80 -14.15 -43.88
C ILE B 2 -9.15 -14.14 -44.62
N SER B 3 -9.39 -13.13 -45.43
CA SER B 3 -10.64 -13.06 -46.18
C SER B 3 -10.47 -13.61 -47.59
N ALA B 4 -11.47 -14.35 -48.07
CA ALA B 4 -11.40 -14.97 -49.38
C ALA B 4 -11.93 -14.10 -50.52
N ASP B 5 -12.85 -13.20 -50.21
CA ASP B 5 -13.57 -12.42 -51.20
C ASP B 5 -13.94 -11.11 -50.52
N PHE B 6 -14.43 -10.11 -51.25
CA PHE B 6 -14.78 -8.87 -50.58
C PHE B 6 -16.07 -9.04 -49.80
N SER B 7 -16.82 -10.08 -50.12
CA SER B 7 -18.05 -10.37 -49.40
C SER B 7 -17.78 -10.70 -47.95
N GLU B 8 -16.60 -11.24 -47.67
CA GLU B 8 -16.26 -11.63 -46.32
C GLU B 8 -15.78 -10.47 -45.47
N VAL B 9 -14.97 -9.60 -46.05
CA VAL B 9 -14.59 -8.39 -45.33
C VAL B 9 -15.78 -7.49 -45.13
N GLU B 10 -16.69 -7.49 -46.08
CA GLU B 10 -17.84 -6.60 -45.96
C GLU B 10 -18.83 -7.09 -44.89
N ASN B 11 -18.75 -8.36 -44.52
CA ASN B 11 -19.61 -8.91 -43.47
C ASN B 11 -18.93 -9.14 -42.13
N ALA B 12 -17.70 -8.66 -41.99
CA ALA B 12 -16.95 -8.83 -40.75
C ALA B 12 -17.59 -8.04 -39.61
N PRO B 13 -17.41 -8.49 -38.36
CA PRO B 13 -17.95 -7.84 -37.18
C PRO B 13 -17.47 -6.41 -36.97
N SER B 14 -18.34 -5.55 -36.45
CA SER B 14 -17.96 -4.21 -36.05
C SER B 14 -17.15 -4.24 -34.76
N PHE B 15 -16.35 -3.20 -34.52
CA PHE B 15 -15.51 -3.16 -33.33
C PHE B 15 -16.32 -3.16 -32.04
N LEU B 16 -17.46 -2.48 -32.03
CA LEU B 16 -18.22 -2.40 -30.78
C LEU B 16 -18.80 -3.73 -30.39
N SER B 17 -19.10 -4.55 -31.40
CA SER B 17 -19.63 -5.88 -31.18
C SER B 17 -18.62 -6.80 -30.49
N LEU B 18 -17.35 -6.60 -30.77
CA LEU B 18 -16.29 -7.41 -30.19
C LEU B 18 -15.84 -6.91 -28.83
N ALA B 19 -16.23 -5.70 -28.47
CA ALA B 19 -15.82 -5.10 -27.21
C ALA B 19 -16.90 -5.21 -26.15
N GLU B 20 -18.01 -5.84 -26.50
CA GLU B 20 -19.11 -6.05 -25.58
C GLU B 20 -18.70 -6.96 -24.43
N ASN B 21 -19.30 -6.77 -23.27
CA ASN B 21 -19.13 -7.74 -22.20
C ASN B 21 -19.65 -9.11 -22.59
N THR B 22 -18.84 -10.12 -22.31
CA THR B 22 -19.20 -11.49 -22.57
C THR B 22 -19.29 -12.23 -21.25
N ASP B 23 -20.27 -13.11 -21.14
CA ASP B 23 -20.66 -13.66 -19.86
C ASP B 23 -20.23 -15.12 -19.70
N GLU B 24 -19.86 -15.76 -20.80
CA GLU B 24 -19.55 -17.19 -20.78
C GLU B 24 -18.19 -17.54 -20.21
N VAL B 25 -18.09 -18.74 -19.68
CA VAL B 25 -16.83 -19.30 -19.23
C VAL B 25 -15.99 -19.76 -20.42
N LEU B 26 -14.68 -19.65 -20.30
CA LEU B 26 -13.77 -19.89 -21.41
C LEU B 26 -12.47 -20.48 -20.91
N LYS B 27 -11.81 -21.29 -21.73
CA LYS B 27 -10.56 -21.95 -21.35
C LYS B 27 -9.34 -21.03 -21.49
N PRO B 28 -8.28 -21.27 -20.69
CA PRO B 28 -7.02 -20.54 -20.75
C PRO B 28 -6.27 -20.69 -22.07
N TYR B 29 -5.54 -19.66 -22.46
CA TYR B 29 -4.80 -19.65 -23.70
C TYR B 29 -3.44 -20.29 -23.48
N THR B 30 -3.28 -21.55 -23.86
CA THR B 30 -2.05 -22.27 -23.57
C THR B 30 -0.94 -22.02 -24.57
N GLY B 31 -1.27 -21.33 -25.66
CA GLY B 31 -0.29 -21.02 -26.67
C GLY B 31 -0.13 -22.10 -27.72
N LEU B 32 -0.87 -23.19 -27.59
CA LEU B 32 -0.80 -24.28 -28.55
C LEU B 32 -1.69 -24.05 -29.75
N GLU B 33 -2.49 -23.00 -29.70
CA GLU B 33 -3.29 -22.59 -30.85
C GLU B 33 -2.40 -22.15 -31.97
N ILE B 34 -1.30 -21.49 -31.64
CA ILE B 34 -0.41 -20.99 -32.66
C ILE B 34 0.54 -22.09 -33.07
N GLN B 35 0.79 -23.04 -32.16
CA GLN B 35 1.74 -24.10 -32.45
C GLN B 35 1.28 -25.01 -33.59
N THR B 36 -0.01 -25.26 -33.69
CA THR B 36 -0.47 -26.26 -34.65
C THR B 36 -0.55 -25.69 -36.04
N ILE B 37 -0.35 -24.37 -36.14
CA ILE B 37 -0.37 -23.66 -37.42
C ILE B 37 1.01 -23.35 -38.00
N ILE B 38 1.99 -23.03 -37.16
CA ILE B 38 3.31 -22.69 -37.63
C ILE B 38 4.33 -23.82 -37.50
N THR B 39 3.86 -25.04 -37.27
CA THR B 39 4.77 -26.13 -36.92
C THR B 39 4.31 -27.47 -37.50
N ASN B 40 5.22 -28.43 -37.64
CA ASN B 40 4.86 -29.81 -38.00
C ASN B 40 3.96 -30.47 -36.97
N ILE B 41 4.10 -30.04 -35.73
CA ILE B 41 3.48 -30.74 -34.62
C ILE B 41 2.01 -30.39 -34.47
N VAL B 42 1.17 -31.18 -35.09
CA VAL B 42 -0.24 -31.19 -34.74
C VAL B 42 -0.37 -32.39 -33.82
N GLY B 43 -1.06 -32.24 -32.69
CA GLY B 43 -1.06 -33.28 -31.69
C GLY B 43 0.24 -33.25 -30.88
N ASP B 44 0.52 -34.35 -30.19
CA ASP B 44 1.72 -34.43 -29.35
C ASP B 44 2.97 -34.81 -30.14
N ALA B 45 4.12 -34.47 -29.58
CA ALA B 45 5.41 -35.05 -29.99
C ALA B 45 6.46 -34.79 -28.92
N ASN B 46 7.45 -35.67 -28.85
CA ASN B 46 8.59 -35.47 -27.97
C ASN B 46 9.41 -34.30 -28.49
N PRO B 47 9.81 -33.37 -27.59
CA PRO B 47 10.58 -32.21 -28.04
C PRO B 47 11.90 -32.56 -28.74
N ASN B 48 12.54 -33.64 -28.34
CA ASN B 48 13.78 -34.08 -28.98
C ASN B 48 13.61 -34.51 -30.42
N GLN B 49 12.45 -35.08 -30.72
CA GLN B 49 12.20 -35.71 -32.00
C GLN B 49 11.70 -34.71 -33.04
N SER B 50 11.32 -33.53 -32.57
CA SER B 50 10.59 -32.56 -33.39
C SER B 50 11.44 -31.44 -33.99
N ARG B 51 12.59 -31.18 -33.39
CA ARG B 51 13.51 -30.15 -33.90
C ARG B 51 12.83 -28.78 -33.99
N ILE B 52 12.28 -28.28 -32.88
CA ILE B 52 11.50 -27.03 -32.94
C ILE B 52 12.45 -25.86 -32.97
N PHE B 53 13.72 -26.16 -33.12
CA PHE B 53 14.76 -25.21 -33.46
C PHE B 53 14.54 -24.59 -34.83
N ASP B 54 13.89 -25.32 -35.71
CA ASP B 54 13.58 -24.84 -37.07
C ASP B 54 12.12 -24.49 -37.28
N GLN B 55 11.34 -24.48 -36.22
CA GLN B 55 9.92 -24.23 -36.30
C GLN B 55 9.60 -22.80 -35.88
N ASP B 56 10.44 -21.86 -36.26
CA ASP B 56 10.42 -20.53 -35.67
C ASP B 56 10.01 -19.38 -36.59
N ARG B 57 9.11 -19.66 -37.54
CA ARG B 57 8.74 -18.66 -38.54
C ARG B 57 7.32 -18.89 -39.01
N LEU B 58 6.71 -17.85 -39.57
CA LEU B 58 5.51 -18.03 -40.37
C LEU B 58 5.93 -18.24 -41.80
N ARG B 59 5.37 -19.25 -42.45
CA ARG B 59 5.74 -19.60 -43.81
C ARG B 59 4.52 -19.69 -44.70
N GLY B 60 4.70 -19.42 -45.99
CA GLY B 60 3.63 -19.67 -46.92
C GLY B 60 3.88 -19.10 -48.29
N ASN B 61 2.97 -19.35 -49.21
CA ASN B 61 3.06 -18.76 -50.53
C ASN B 61 2.48 -17.36 -50.51
N GLN B 62 3.01 -16.49 -51.33
CA GLN B 62 2.46 -15.15 -51.43
C GLN B 62 2.07 -14.82 -52.86
N TYR B 63 1.01 -14.02 -53.01
CA TYR B 63 0.59 -13.54 -54.30
C TYR B 63 0.89 -12.05 -54.41
N SER B 64 1.47 -11.64 -55.51
CA SER B 64 1.86 -10.26 -55.74
C SER B 64 0.76 -9.48 -56.40
N ALA B 65 0.85 -8.16 -56.38
CA ALA B 65 -0.12 -7.31 -57.05
C ALA B 65 -0.02 -7.43 -58.56
N GLY B 66 1.16 -7.80 -59.04
CA GLY B 66 1.41 -7.95 -60.45
C GLY B 66 1.07 -9.31 -61.03
N GLY B 67 0.58 -10.22 -60.19
CA GLY B 67 0.17 -11.54 -60.63
C GLY B 67 1.13 -12.70 -60.49
N LEU B 68 2.33 -12.46 -60.00
CA LEU B 68 3.28 -13.53 -59.75
C LEU B 68 3.08 -14.19 -58.39
N VAL B 69 3.54 -15.42 -58.24
CA VAL B 69 3.47 -16.11 -56.96
C VAL B 69 4.86 -16.41 -56.38
N THR B 70 5.12 -15.94 -55.16
CA THR B 70 6.39 -16.19 -54.48
C THR B 70 6.25 -17.30 -53.45
N GLN B 71 6.79 -18.46 -53.81
CA GLN B 71 6.71 -19.65 -52.97
C GLN B 71 7.72 -19.64 -51.84
N ASN B 72 7.36 -20.26 -50.73
CA ASN B 72 8.22 -20.34 -49.56
C ASN B 72 8.64 -19.00 -49.02
N ALA B 73 7.71 -18.04 -49.02
CA ALA B 73 7.94 -16.74 -48.41
C ALA B 73 7.78 -16.82 -46.89
N VAL B 74 8.40 -15.89 -46.18
CA VAL B 74 8.66 -16.08 -44.75
C VAL B 74 8.42 -14.82 -43.91
N SER B 75 8.23 -15.02 -42.61
CA SER B 75 8.10 -13.93 -41.64
C SER B 75 8.55 -14.35 -40.24
N ALA B 76 9.26 -13.47 -39.56
CA ALA B 76 9.81 -13.75 -38.23
C ALA B 76 8.75 -13.73 -37.14
N ILE B 77 8.95 -14.50 -36.08
CA ILE B 77 8.15 -14.33 -34.88
C ILE B 77 8.72 -13.13 -34.15
N PRO B 78 7.89 -12.10 -33.97
CA PRO B 78 8.32 -10.79 -33.49
C PRO B 78 9.00 -10.72 -32.11
N PHE B 79 8.63 -11.58 -31.17
CA PHE B 79 9.04 -11.39 -29.76
C PHE B 79 10.26 -12.18 -29.26
N THR B 80 10.83 -11.72 -28.15
CA THR B 80 12.07 -12.26 -27.59
C THR B 80 12.26 -11.86 -26.13
N ASN B 81 13.28 -12.40 -25.49
CA ASN B 81 13.65 -11.91 -24.17
C ASN B 81 15.16 -11.73 -24.00
N LEU B 82 15.94 -12.43 -24.80
CA LEU B 82 17.39 -12.33 -24.74
C LEU B 82 17.91 -10.99 -25.26
N ILE B 83 18.87 -10.40 -24.56
CA ILE B 83 19.50 -9.15 -24.98
C ILE B 83 20.98 -9.32 -25.24
N PRO B 84 21.42 -9.15 -26.50
CA PRO B 84 22.85 -9.32 -26.77
C PRO B 84 23.71 -8.32 -26.03
N ARG B 85 24.87 -8.74 -25.53
CA ARG B 85 25.78 -7.82 -24.88
C ARG B 85 27.05 -7.78 -25.68
N THR B 86 27.02 -8.52 -26.78
CA THR B 86 28.11 -8.59 -27.73
C THR B 86 27.49 -8.78 -29.11
N ILE B 87 27.56 -7.74 -29.94
CA ILE B 87 26.92 -7.79 -31.25
C ILE B 87 27.95 -8.12 -32.33
N ARG B 88 27.55 -8.91 -33.33
CA ARG B 88 28.39 -9.13 -34.50
C ARG B 88 28.49 -7.81 -35.25
N VAL B 89 29.68 -7.43 -35.68
CA VAL B 89 29.85 -6.21 -36.47
C VAL B 89 30.97 -6.43 -37.47
N GLY B 90 30.65 -6.29 -38.75
CA GLY B 90 31.64 -6.46 -39.78
C GLY B 90 32.12 -7.90 -39.82
N ASN B 91 31.21 -8.82 -39.52
CA ASN B 91 31.45 -10.25 -39.41
C ASN B 91 32.22 -10.61 -38.14
N ILE B 92 32.67 -9.61 -37.39
CA ILE B 92 33.45 -9.86 -36.18
C ILE B 92 32.72 -9.42 -34.93
N LEU B 93 32.57 -10.35 -34.01
CA LEU B 93 31.83 -10.15 -32.77
C LEU B 93 32.53 -9.15 -31.84
N VAL B 94 31.78 -8.20 -31.27
CA VAL B 94 32.35 -7.08 -30.48
C VAL B 94 31.43 -6.57 -29.37
N ASN B 95 31.99 -5.83 -28.41
CA ASN B 95 31.21 -5.28 -27.29
C ASN B 95 30.09 -4.32 -27.65
N SER B 96 28.98 -4.45 -26.93
CA SER B 96 27.81 -3.62 -27.10
C SER B 96 28.04 -2.16 -26.70
N ALA B 97 27.52 -1.24 -27.51
CA ALA B 97 27.68 0.18 -27.26
C ALA B 97 26.54 0.77 -26.42
N ASN B 98 25.52 -0.03 -26.17
CA ASN B 98 24.28 0.48 -25.62
C ASN B 98 23.93 -0.12 -24.28
N ARG B 99 23.39 0.71 -23.39
CA ARG B 99 23.08 0.27 -22.03
C ARG B 99 21.85 -0.63 -21.92
N LEU B 100 21.81 -1.42 -20.86
CA LEU B 100 20.83 -2.48 -20.67
C LEU B 100 19.44 -1.96 -20.29
N GLN B 101 18.42 -2.75 -20.59
CA GLN B 101 17.03 -2.41 -20.30
C GLN B 101 16.74 -2.65 -18.82
N ILE B 102 15.78 -1.93 -18.25
CA ILE B 102 15.37 -2.16 -16.86
C ILE B 102 13.87 -2.02 -16.65
N THR B 103 13.36 -2.58 -15.56
CA THR B 103 11.92 -2.63 -15.32
C THR B 103 11.66 -2.56 -13.81
N GLU B 104 10.51 -2.02 -13.43
CA GLU B 104 10.22 -1.79 -12.02
C GLU B 104 8.80 -2.18 -11.66
N THR B 105 8.60 -2.64 -10.43
CA THR B 105 7.31 -3.15 -9.99
C THR B 105 6.87 -2.39 -8.75
N ASN B 106 5.57 -2.18 -8.59
CA ASN B 106 5.06 -1.56 -7.38
C ASN B 106 4.39 -2.57 -6.48
N VAL B 107 5.15 -3.15 -5.56
CA VAL B 107 4.64 -4.24 -4.75
C VAL B 107 3.82 -3.72 -3.56
N SER B 108 2.65 -4.28 -3.31
CA SER B 108 1.86 -3.84 -2.16
C SER B 108 0.73 -4.76 -1.69
N GLU B 109 0.37 -4.58 -0.43
CA GLU B 109 -0.73 -5.28 0.21
C GLU B 109 -2.10 -4.88 -0.29
N TYR B 110 -2.99 -5.84 -0.48
CA TYR B 110 -4.36 -5.59 -0.94
C TYR B 110 -5.23 -6.68 -0.38
N TYR B 111 -6.52 -6.41 -0.23
CA TYR B 111 -7.46 -7.41 0.23
C TYR B 111 -7.67 -8.52 -0.79
N SER B 112 -7.58 -9.75 -0.30
CA SER B 112 -7.75 -10.96 -1.10
C SER B 112 -8.94 -11.71 -0.51
N ASN B 113 -9.14 -12.95 -0.94
CA ASN B 113 -10.31 -13.68 -0.46
C ASN B 113 -10.25 -13.78 1.05
N PRO B 114 -11.40 -13.54 1.68
CA PRO B 114 -11.50 -13.42 3.14
C PRO B 114 -11.04 -14.65 3.91
N ILE B 115 -10.44 -14.41 5.07
CA ILE B 115 -9.65 -15.41 5.77
C ILE B 115 -10.24 -15.78 7.12
N ILE B 116 -10.06 -17.03 7.53
CA ILE B 116 -10.65 -17.52 8.76
C ILE B 116 -9.70 -18.44 9.50
N ALA B 117 -9.75 -18.38 10.84
CA ALA B 117 -8.93 -19.24 11.69
C ALA B 117 -9.43 -20.68 11.72
N THR B 118 -8.50 -21.62 11.83
CA THR B 118 -8.79 -23.05 11.79
C THR B 118 -9.03 -23.67 13.17
N LYS B 119 -9.49 -24.91 13.18
CA LYS B 119 -9.73 -25.65 14.42
C LYS B 119 -8.48 -25.87 15.24
N LEU B 120 -7.36 -26.00 14.57
CA LEU B 120 -6.09 -26.27 15.23
C LEU B 120 -5.74 -25.09 16.15
N SER B 121 -6.05 -23.88 15.69
CA SER B 121 -5.87 -22.66 16.49
C SER B 121 -6.76 -22.61 17.73
N GLU B 122 -7.99 -23.10 17.60
CA GLU B 122 -8.89 -23.12 18.74
C GLU B 122 -8.35 -24.09 19.77
N MET B 123 -7.84 -25.22 19.30
CA MET B 123 -7.29 -26.18 20.23
C MET B 123 -6.12 -25.55 20.95
N ILE B 124 -5.33 -24.77 20.24
CA ILE B 124 -4.18 -24.15 20.89
C ILE B 124 -4.60 -23.15 21.97
N SER B 125 -5.60 -22.33 21.67
CA SER B 125 -6.05 -21.37 22.67
C SER B 125 -6.61 -22.08 23.90
N ASP B 126 -7.33 -23.19 23.69
CA ASP B 126 -7.83 -23.95 24.82
C ASP B 126 -6.71 -24.59 25.62
N GLN B 127 -5.63 -24.99 24.95
CA GLN B 127 -4.47 -25.50 25.67
C GLN B 127 -3.85 -24.46 26.57
N VAL B 128 -3.80 -23.23 26.09
CA VAL B 128 -3.25 -22.15 26.91
C VAL B 128 -4.15 -21.84 28.11
N LYS B 129 -5.44 -21.70 27.82
CA LYS B 129 -6.37 -21.35 28.88
C LYS B 129 -6.42 -22.42 29.94
N ASN B 130 -6.39 -23.68 29.53
CA ASN B 130 -6.38 -24.76 30.50
C ASN B 130 -5.08 -24.78 31.25
N ASN B 131 -4.02 -24.35 30.60
CA ASN B 131 -2.72 -24.35 31.23
C ASN B 131 -2.62 -23.33 32.34
N GLN B 132 -3.54 -22.36 32.33
CA GLN B 132 -3.47 -21.28 33.32
C GLN B 132 -3.85 -21.63 34.77
N PHE B 133 -4.36 -22.83 35.02
CA PHE B 133 -4.69 -23.25 36.39
C PHE B 133 -3.53 -23.75 37.23
N SER B 134 -2.41 -24.01 36.57
CA SER B 134 -1.29 -24.67 37.22
C SER B 134 -0.06 -23.79 37.14
N THR B 135 0.67 -23.71 38.25
CA THR B 135 1.86 -22.90 38.24
C THR B 135 2.97 -23.75 37.64
N TRP B 136 2.75 -24.16 36.40
CA TRP B 136 3.78 -24.78 35.60
C TRP B 136 3.88 -24.06 34.26
N ARG B 137 5.08 -23.63 33.91
CA ARG B 137 5.34 -23.14 32.57
C ARG B 137 5.72 -24.40 31.82
N ARG B 138 4.85 -24.76 30.87
CA ARG B 138 4.87 -26.05 30.17
C ARG B 138 4.69 -25.87 28.66
N ASP B 139 5.06 -26.90 27.90
CA ASP B 139 5.19 -26.78 26.46
C ASP B 139 4.24 -27.69 25.68
N ASN B 140 2.97 -27.67 26.06
CA ASN B 140 1.94 -28.41 25.34
C ASN B 140 1.71 -27.94 23.90
N THR B 141 2.03 -26.67 23.63
CA THR B 141 1.62 -26.05 22.38
C THR B 141 2.60 -26.20 21.22
N SER B 142 3.64 -27.00 21.40
CA SER B 142 4.61 -27.20 20.33
C SER B 142 3.98 -27.88 19.11
N LEU B 143 4.42 -27.47 17.91
CA LEU B 143 4.00 -28.11 16.66
C LEU B 143 5.10 -28.17 15.63
N GLN B 144 5.24 -29.34 15.02
CA GLN B 144 6.08 -29.56 13.85
C GLN B 144 7.52 -29.15 14.07
N GLY B 145 8.00 -29.32 15.30
CA GLY B 145 9.37 -28.99 15.61
C GLY B 145 9.62 -27.55 16.00
N PHE B 146 8.56 -26.81 16.27
CA PHE B 146 8.73 -25.44 16.73
C PHE B 146 8.48 -25.30 18.22
N ASN B 147 9.16 -24.32 18.82
CA ASN B 147 9.05 -24.01 20.24
C ASN B 147 7.64 -23.65 20.65
N ALA B 148 7.24 -24.05 21.85
CA ALA B 148 5.90 -23.75 22.34
C ALA B 148 5.62 -22.25 22.49
N PHE B 149 6.65 -21.47 22.78
CA PHE B 149 6.51 -20.02 22.86
C PHE B 149 6.40 -19.34 21.51
N ASP B 150 6.76 -20.04 20.45
CA ASP B 150 6.66 -19.50 19.12
C ASP B 150 5.27 -19.73 18.53
N ILE B 151 4.72 -20.92 18.75
CA ILE B 151 3.40 -21.22 18.24
C ILE B 151 2.38 -20.32 18.90
N ALA B 152 2.67 -19.92 20.12
CA ALA B 152 1.79 -19.01 20.84
C ALA B 152 1.77 -17.64 20.20
N THR B 153 2.92 -17.17 19.74
CA THR B 153 2.99 -15.83 19.17
C THR B 153 2.64 -15.79 17.69
N ILE B 154 2.59 -16.95 17.05
CA ILE B 154 2.11 -17.04 15.67
C ILE B 154 0.59 -17.19 15.66
N ASN B 155 -0.01 -17.32 16.83
CA ASN B 155 -1.44 -17.57 16.91
C ASN B 155 -2.17 -16.29 17.28
N THR B 156 -1.51 -15.14 17.10
CA THR B 156 -2.02 -13.88 17.62
C THR B 156 -2.22 -12.79 16.54
N ALA B 157 -3.32 -12.05 16.66
CA ALA B 157 -3.57 -10.81 15.91
C ALA B 157 -3.54 -10.90 14.38
N ILE B 158 -4.46 -11.69 13.82
CA ILE B 158 -4.49 -11.96 12.39
C ILE B 158 -4.82 -10.72 11.55
N LEU B 159 -4.26 -10.67 10.34
CA LEU B 159 -4.46 -9.55 9.44
C LEU B 159 -5.60 -9.84 8.46
N PRO B 160 -6.52 -8.89 8.32
CA PRO B 160 -7.73 -9.10 7.50
C PRO B 160 -7.48 -9.35 6.02
N ASN B 161 -6.54 -8.62 5.42
CA ASN B 161 -6.32 -8.69 3.97
C ASN B 161 -6.61 -10.04 3.34
N GLY B 162 -6.01 -11.09 3.89
CA GLY B 162 -5.96 -12.37 3.24
C GLY B 162 -4.52 -12.71 2.94
N LEU B 163 -4.29 -13.72 2.11
CA LEU B 163 -2.93 -14.06 1.68
C LEU B 163 -2.88 -14.19 0.17
N SER B 164 -1.77 -13.77 -0.42
CA SER B 164 -1.66 -13.66 -1.86
C SER B 164 -0.82 -14.76 -2.48
N LEU B 165 0.47 -14.77 -2.13
CA LEU B 165 1.49 -15.67 -2.69
C LEU B 165 2.02 -15.26 -4.05
N GLU B 166 1.45 -14.23 -4.63
CA GLU B 166 1.81 -13.82 -5.98
C GLU B 166 3.26 -13.42 -6.23
N SER B 167 3.87 -12.62 -5.36
CA SER B 167 5.24 -12.16 -5.65
C SER B 167 6.23 -13.32 -5.55
N MET B 168 5.90 -14.27 -4.68
CA MET B 168 6.65 -15.47 -4.50
C MET B 168 6.68 -16.26 -5.80
N LEU B 169 5.49 -16.43 -6.36
CA LEU B 169 5.30 -17.15 -7.59
C LEU B 169 5.87 -16.42 -8.79
N LEU B 170 5.93 -15.09 -8.75
CA LEU B 170 6.67 -14.37 -9.77
C LEU B 170 8.13 -14.70 -9.75
N LYS B 171 8.73 -14.65 -8.57
CA LYS B 171 10.16 -14.86 -8.51
C LYS B 171 10.49 -16.28 -8.96
N LEU B 172 9.64 -17.22 -8.59
CA LEU B 172 9.85 -18.59 -9.03
C LEU B 172 9.73 -18.75 -10.53
N SER B 173 8.71 -18.13 -11.10
CA SER B 173 8.49 -18.25 -12.53
C SER B 173 9.60 -17.57 -13.34
N LEU B 174 10.12 -16.47 -12.83
CA LEU B 174 11.22 -15.79 -13.55
C LEU B 174 12.46 -16.66 -13.53
N LEU B 175 12.71 -17.26 -12.38
CA LEU B 175 13.86 -18.15 -12.26
C LEU B 175 13.75 -19.33 -13.22
N HIS B 176 12.57 -19.94 -13.27
CA HIS B 176 12.33 -21.06 -14.18
C HIS B 176 12.50 -20.65 -15.62
N SER B 177 12.01 -19.46 -15.94
CA SER B 177 12.09 -18.97 -17.30
C SER B 177 13.53 -18.80 -17.71
N ILE B 178 14.40 -18.50 -16.75
CA ILE B 178 15.82 -18.41 -17.05
C ILE B 178 16.52 -19.77 -17.15
N LYS B 179 16.21 -20.69 -16.25
CA LYS B 179 16.90 -21.98 -16.27
C LYS B 179 16.42 -22.84 -17.43
N ALA B 180 15.32 -22.46 -18.07
CA ALA B 180 14.81 -23.23 -19.19
C ALA B 180 15.67 -23.05 -20.44
N MET B 181 16.58 -22.09 -20.39
CA MET B 181 17.52 -21.86 -21.49
C MET B 181 18.65 -22.86 -21.50
N ASN B 182 18.72 -23.64 -20.44
CA ASN B 182 19.87 -24.49 -20.15
C ASN B 182 19.77 -25.83 -20.87
N VAL B 183 18.62 -26.10 -21.48
CA VAL B 183 18.36 -27.35 -22.17
C VAL B 183 19.01 -27.35 -23.54
N ASP B 184 19.02 -28.49 -24.22
CA ASP B 184 19.77 -28.63 -25.47
C ASP B 184 19.23 -27.76 -26.60
N ALA B 185 20.11 -27.40 -27.51
CA ALA B 185 19.84 -26.41 -28.54
C ALA B 185 18.79 -26.86 -29.54
N ALA B 186 18.51 -28.15 -29.59
CA ALA B 186 17.56 -28.70 -30.55
C ALA B 186 16.14 -28.21 -30.31
N SER B 187 15.85 -27.75 -29.10
CA SER B 187 14.48 -27.37 -28.75
C SER B 187 14.29 -25.93 -28.29
N ILE B 188 15.22 -25.05 -28.66
CA ILE B 188 15.01 -23.60 -28.57
C ILE B 188 15.04 -23.03 -29.97
N ASN B 189 14.14 -22.09 -30.27
CA ASN B 189 14.11 -21.46 -31.59
C ASN B 189 15.44 -20.81 -31.94
N ARG B 190 15.82 -20.92 -33.19
CA ARG B 190 16.97 -20.21 -33.71
C ARG B 190 16.78 -18.70 -33.69
N SER B 191 15.54 -18.28 -33.94
CA SER B 191 15.20 -16.88 -34.13
C SER B 191 15.36 -16.10 -32.84
N GLN B 192 15.19 -16.81 -31.74
CA GLN B 192 15.15 -16.20 -30.43
C GLN B 192 16.47 -15.53 -30.11
N TYR B 193 17.53 -16.01 -30.75
CA TYR B 193 18.83 -15.39 -30.62
C TYR B 193 19.07 -14.26 -31.60
N GLN B 194 18.17 -14.05 -32.55
CA GLN B 194 18.49 -13.12 -33.62
C GLN B 194 17.34 -12.18 -33.99
N VAL B 195 16.49 -11.89 -33.01
CA VAL B 195 15.50 -10.85 -33.15
C VAL B 195 16.17 -9.47 -33.12
N ILE B 196 17.16 -9.32 -32.26
CA ILE B 196 17.84 -8.05 -32.11
C ILE B 196 19.17 -8.04 -32.85
N ASP B 197 19.91 -9.14 -32.77
CA ASP B 197 21.12 -9.27 -33.56
C ASP B 197 20.84 -10.10 -34.79
N HIS B 198 20.54 -9.43 -35.90
CA HIS B 198 20.12 -10.11 -37.11
C HIS B 198 21.28 -10.63 -37.95
N ASN B 199 22.51 -10.35 -37.51
CA ASN B 199 23.69 -10.78 -38.22
C ASN B 199 24.42 -11.99 -37.63
N THR B 200 23.80 -12.67 -36.68
CA THR B 200 24.44 -13.80 -36.02
C THR B 200 23.69 -15.09 -36.33
N VAL B 201 24.37 -16.22 -36.25
CA VAL B 201 23.71 -17.51 -36.43
C VAL B 201 24.10 -18.50 -35.34
N PRO B 202 23.14 -18.91 -34.49
CA PRO B 202 23.37 -19.91 -33.45
C PRO B 202 23.68 -21.31 -33.98
N THR B 203 24.41 -22.09 -33.20
CA THR B 203 24.77 -23.45 -33.62
C THR B 203 23.98 -24.49 -32.83
N ILE B 204 23.33 -25.40 -33.56
CA ILE B 204 22.42 -26.38 -32.99
C ILE B 204 23.08 -27.36 -32.02
N GLY B 205 24.30 -27.76 -32.32
CA GLY B 205 24.96 -28.84 -31.60
C GLY B 205 25.20 -28.62 -30.12
N ALA B 206 25.56 -27.39 -29.74
CA ALA B 206 25.91 -27.12 -28.35
C ALA B 206 24.87 -26.30 -27.59
N PRO B 207 24.46 -26.82 -26.43
CA PRO B 207 23.57 -26.11 -25.51
C PRO B 207 24.12 -24.78 -24.99
N ALA B 208 23.22 -23.85 -24.68
CA ALA B 208 23.57 -22.59 -24.03
C ALA B 208 24.03 -22.78 -22.59
N VAL B 209 24.95 -21.93 -22.14
CA VAL B 209 25.44 -21.98 -20.77
C VAL B 209 24.93 -20.82 -19.94
N VAL B 210 24.30 -21.12 -18.80
CA VAL B 210 23.76 -20.09 -17.93
C VAL B 210 24.70 -19.76 -16.78
N GLY B 211 25.29 -18.58 -16.81
CA GLY B 211 26.19 -18.14 -15.75
C GLY B 211 25.66 -16.96 -14.97
N VAL B 212 26.52 -16.35 -14.15
CA VAL B 212 26.14 -15.24 -13.31
C VAL B 212 27.27 -14.25 -13.16
N ASN B 213 26.98 -12.96 -13.32
CA ASN B 213 27.98 -11.90 -13.20
C ASN B 213 29.19 -12.06 -14.10
N ASN B 214 28.95 -12.25 -15.40
CA ASN B 214 30.03 -12.45 -16.36
C ASN B 214 30.21 -11.36 -17.40
N SER B 215 29.30 -10.39 -17.42
CA SER B 215 29.20 -9.43 -18.51
C SER B 215 30.40 -8.50 -18.67
N PRO B 216 30.84 -8.33 -19.92
CA PRO B 216 31.98 -7.46 -20.24
C PRO B 216 31.80 -5.96 -19.97
N VAL B 217 30.62 -5.41 -20.26
CA VAL B 217 30.46 -3.96 -20.38
C VAL B 217 29.52 -3.25 -19.40
N PHE B 218 29.79 -1.96 -19.23
CA PHE B 218 29.07 -1.06 -18.32
C PHE B 218 28.90 -1.57 -16.90
N GLY B 219 29.89 -2.28 -16.38
CA GLY B 219 29.87 -2.66 -14.99
C GLY B 219 28.78 -3.67 -14.68
N GLU B 220 28.33 -4.38 -15.71
CA GLU B 220 27.20 -5.30 -15.56
C GLU B 220 27.49 -6.41 -14.58
N ASP B 221 28.74 -6.85 -14.49
CA ASP B 221 29.07 -7.77 -13.42
C ASP B 221 28.91 -7.01 -12.11
N CYS B 222 28.18 -7.60 -11.18
CA CYS B 222 27.89 -6.88 -9.96
C CYS B 222 28.93 -7.20 -8.93
N GLY B 223 30.16 -6.77 -9.23
CA GLY B 223 31.31 -7.07 -8.39
C GLY B 223 31.93 -8.41 -8.71
N GLY B 224 31.37 -9.12 -9.68
CA GLY B 224 31.90 -10.42 -10.05
C GLY B 224 31.77 -11.45 -8.95
N ASN B 225 32.90 -12.07 -8.60
CA ASN B 225 32.95 -13.11 -7.60
C ASN B 225 32.52 -12.57 -6.22
N ASN B 226 32.76 -11.28 -5.99
CA ASN B 226 32.26 -10.61 -4.80
C ASN B 226 31.03 -9.78 -5.13
N PRO B 227 29.85 -10.22 -4.68
CA PRO B 227 28.64 -9.66 -5.28
C PRO B 227 27.92 -8.59 -4.47
N VAL B 228 27.06 -7.84 -5.17
CA VAL B 228 26.20 -6.80 -4.63
C VAL B 228 24.89 -6.81 -5.40
N TYR B 229 23.81 -6.30 -4.82
CA TYR B 229 22.56 -6.20 -5.56
C TYR B 229 22.68 -5.25 -6.74
N PRO B 230 22.19 -5.66 -7.91
CA PRO B 230 22.27 -4.84 -9.12
C PRO B 230 21.61 -3.48 -9.02
N PHE B 231 20.51 -3.39 -8.27
CA PHE B 231 19.79 -2.12 -8.16
C PHE B 231 20.18 -1.31 -6.95
N GLY B 232 19.99 -1.85 -5.75
CA GLY B 232 20.32 -1.11 -4.56
C GLY B 232 21.82 -0.86 -4.47
N GLY B 233 22.58 -1.81 -4.99
CA GLY B 233 24.03 -1.75 -4.89
C GLY B 233 24.55 -2.32 -3.59
N GLY B 234 23.65 -2.80 -2.76
CA GLY B 234 24.04 -3.25 -1.44
C GLY B 234 24.35 -4.72 -1.37
N THR B 235 24.40 -5.23 -0.15
CA THR B 235 24.59 -6.64 0.11
C THR B 235 23.60 -7.03 1.19
N GLY B 236 23.03 -8.22 1.09
CA GLY B 236 21.98 -8.57 2.02
C GLY B 236 22.52 -9.15 3.30
N ALA B 237 21.66 -9.79 4.06
CA ALA B 237 22.08 -10.52 5.23
C ALA B 237 21.08 -11.63 5.49
N ILE B 238 21.56 -12.78 5.92
CA ILE B 238 20.67 -13.89 6.20
C ILE B 238 21.13 -14.66 7.42
N ALA B 239 20.18 -15.06 8.25
CA ALA B 239 20.53 -15.77 9.45
C ALA B 239 19.52 -16.85 9.77
N PHE B 240 20.01 -17.98 10.26
CA PHE B 240 19.15 -19.12 10.55
C PHE B 240 19.00 -19.26 12.06
N HIS B 241 17.79 -19.54 12.52
CA HIS B 241 17.53 -19.62 13.95
C HIS B 241 16.72 -20.86 14.31
N VAL B 242 17.15 -21.58 15.32
CA VAL B 242 16.39 -22.69 15.86
C VAL B 242 15.11 -22.19 16.50
N THR B 243 15.21 -21.00 17.10
CA THR B 243 14.11 -20.43 17.84
C THR B 243 14.15 -18.92 17.69
N LEU B 244 13.01 -18.28 17.94
CA LEU B 244 12.85 -16.88 17.64
C LEU B 244 13.61 -15.98 18.61
N GLN B 245 14.00 -16.52 19.75
CA GLN B 245 14.68 -15.75 20.79
C GLN B 245 16.03 -15.17 20.40
N THR B 246 16.71 -15.83 19.48
CA THR B 246 18.07 -15.43 19.15
C THR B 246 18.05 -14.33 18.10
N VAL B 247 16.87 -14.04 17.57
CA VAL B 247 16.71 -12.96 16.60
C VAL B 247 16.87 -11.62 17.32
N PRO B 248 17.70 -10.73 16.78
CA PRO B 248 17.85 -9.42 17.41
C PRO B 248 16.56 -8.62 17.41
N ASP B 249 16.35 -7.81 18.45
CA ASP B 249 15.10 -7.12 18.69
C ASP B 249 14.72 -6.20 17.55
N GLU B 250 15.72 -5.75 16.82
CA GLU B 250 15.52 -4.84 15.71
C GLU B 250 14.66 -5.49 14.66
N ARG B 251 14.68 -6.82 14.61
CA ARG B 251 13.92 -7.54 13.59
C ARG B 251 13.33 -8.89 13.98
N LYS B 252 12.66 -8.96 15.12
CA LYS B 252 11.96 -10.18 15.48
C LYS B 252 10.58 -10.24 14.85
N SER B 253 10.14 -9.13 14.27
CA SER B 253 8.81 -9.07 13.71
C SER B 253 8.78 -9.51 12.25
N TYR B 254 9.95 -9.54 11.61
CA TYR B 254 10.01 -9.85 10.19
C TYR B 254 10.37 -11.30 9.92
N ALA B 255 10.45 -12.11 10.98
CA ALA B 255 10.93 -13.49 10.85
C ALA B 255 9.95 -14.41 10.14
N ILE B 256 10.49 -15.31 9.33
CA ILE B 256 9.68 -16.26 8.57
C ILE B 256 9.97 -17.69 8.98
N PHE B 257 8.93 -18.47 9.25
CA PHE B 257 9.14 -19.89 9.49
C PHE B 257 9.33 -20.64 8.19
N VAL B 258 10.08 -21.73 8.25
CA VAL B 258 10.30 -22.55 7.09
C VAL B 258 9.71 -23.90 7.40
N PRO B 259 8.48 -24.15 6.93
CA PRO B 259 7.76 -25.36 7.34
C PRO B 259 8.46 -26.63 6.92
N PRO B 260 8.37 -27.68 7.75
CA PRO B 260 8.92 -29.00 7.51
C PRO B 260 8.36 -29.72 6.29
N ALA B 261 7.16 -29.37 5.83
CA ALA B 261 6.55 -30.08 4.71
C ALA B 261 7.34 -29.94 3.41
N ILE B 262 7.97 -28.80 3.19
CA ILE B 262 9.02 -28.75 2.20
C ILE B 262 10.22 -29.33 2.91
N LEU B 263 11.17 -29.88 2.15
CA LEU B 263 12.37 -30.55 2.67
C LEU B 263 12.09 -32.02 3.01
N GLN B 264 10.89 -32.49 2.73
CA GLN B 264 10.49 -33.88 2.99
C GLN B 264 11.05 -34.88 1.98
N ALA B 265 11.56 -34.37 0.86
CA ALA B 265 12.20 -35.24 -0.12
C ALA B 265 13.56 -35.69 0.40
N THR B 266 14.01 -36.85 -0.06
CA THR B 266 15.35 -37.33 0.26
C THR B 266 16.36 -36.73 -0.73
N SER B 267 15.82 -35.86 -1.57
CA SER B 267 16.58 -35.07 -2.52
C SER B 267 17.25 -34.01 -1.69
N ASP B 268 18.35 -33.45 -2.15
CA ASP B 268 19.07 -32.58 -1.26
C ASP B 268 18.03 -31.56 -0.82
N ALA B 269 17.92 -31.38 0.49
CA ALA B 269 17.01 -30.41 1.08
C ALA B 269 17.68 -29.08 1.44
N ASN B 270 19.00 -29.06 1.42
CA ASN B 270 19.75 -27.84 1.68
C ASN B 270 19.58 -26.86 0.53
N GLU B 271 19.26 -27.40 -0.64
CA GLU B 271 18.98 -26.58 -1.82
C GLU B 271 17.54 -26.06 -1.82
N ALA B 272 16.60 -26.88 -1.38
CA ALA B 272 15.21 -26.44 -1.30
C ALA B 272 15.09 -25.28 -0.33
N LEU B 273 15.93 -25.30 0.71
CA LEU B 273 16.00 -24.20 1.64
C LEU B 273 16.47 -22.94 0.94
N ALA B 274 17.46 -23.07 0.06
CA ALA B 274 18.01 -21.93 -0.67
C ALA B 274 17.01 -21.35 -1.64
N LEU B 275 16.13 -22.19 -2.15
CA LEU B 275 15.14 -21.74 -3.11
C LEU B 275 13.93 -21.19 -2.40
N PHE B 276 13.73 -21.55 -1.13
CA PHE B 276 12.75 -20.85 -0.31
C PHE B 276 13.28 -19.47 0.06
N ALA B 277 14.57 -19.40 0.38
CA ALA B 277 15.18 -18.13 0.72
C ALA B 277 15.25 -17.16 -0.45
N LEU B 278 15.44 -17.69 -1.66
CA LEU B 278 15.50 -16.86 -2.86
C LEU B 278 14.16 -16.24 -3.22
N SER B 279 13.08 -16.92 -2.86
CA SER B 279 11.78 -16.51 -3.34
C SER B 279 11.14 -15.52 -2.40
N MET B 280 11.91 -15.01 -1.45
CA MET B 280 11.41 -14.03 -0.52
C MET B 280 12.35 -12.86 -0.27
N SER B 281 13.58 -12.99 -0.73
CA SER B 281 14.49 -11.86 -0.72
C SER B 281 14.24 -11.01 -1.94
N GLU B 282 14.99 -9.90 -2.04
CA GLU B 282 14.88 -9.01 -3.18
C GLU B 282 15.37 -9.67 -4.47
N TRP B 283 14.68 -9.37 -5.57
CA TRP B 283 15.04 -9.88 -6.88
C TRP B 283 15.33 -8.73 -7.82
N PRO B 284 16.26 -8.92 -8.77
CA PRO B 284 17.30 -9.94 -8.91
C PRO B 284 18.38 -9.89 -7.83
N HIS B 285 18.93 -11.03 -7.44
CA HIS B 285 20.08 -11.02 -6.53
C HIS B 285 21.38 -10.94 -7.32
N ALA B 286 21.31 -11.20 -8.62
CA ALA B 286 22.46 -11.05 -9.53
C ALA B 286 21.99 -11.08 -10.96
N LEU B 287 22.82 -10.58 -11.86
CA LEU B 287 22.47 -10.59 -13.28
C LEU B 287 22.88 -11.88 -13.96
N TYR B 288 21.90 -12.74 -14.22
CA TYR B 288 22.13 -13.97 -14.95
C TYR B 288 22.57 -13.71 -16.37
N THR B 289 23.31 -14.66 -16.93
CA THR B 289 23.83 -14.52 -18.28
C THR B 289 23.59 -15.80 -19.06
N VAL B 290 23.31 -15.67 -20.35
CA VAL B 290 23.25 -16.81 -21.25
C VAL B 290 24.33 -16.71 -22.31
N THR B 291 25.35 -17.55 -22.22
CA THR B 291 26.40 -17.59 -23.24
C THR B 291 26.19 -18.72 -24.24
N LYS B 292 26.19 -18.37 -25.52
CA LYS B 292 25.90 -19.35 -26.57
C LYS B 292 26.86 -19.26 -27.74
N GLN B 293 27.29 -20.40 -28.27
CA GLN B 293 28.13 -20.39 -29.47
C GLN B 293 27.33 -19.94 -30.68
N THR B 294 27.93 -19.09 -31.50
CA THR B 294 27.27 -18.55 -32.67
C THR B 294 28.29 -18.35 -33.75
N THR B 295 27.81 -18.06 -34.95
CA THR B 295 28.70 -17.89 -36.08
C THR B 295 28.22 -16.80 -37.04
N ASP B 296 29.13 -16.44 -37.93
CA ASP B 296 28.92 -15.43 -38.96
C ASP B 296 27.90 -15.92 -39.98
N LEU B 297 27.27 -14.98 -40.68
CA LEU B 297 26.26 -15.34 -41.69
C LEU B 297 26.84 -16.23 -42.78
N ALA B 298 28.12 -16.10 -43.06
CA ALA B 298 28.79 -16.99 -44.00
C ALA B 298 29.17 -18.31 -43.34
N GLY B 299 29.00 -18.38 -42.03
CA GLY B 299 29.38 -19.55 -41.26
C GLY B 299 30.84 -19.52 -40.86
N ALA B 300 31.54 -18.50 -41.37
CA ALA B 300 33.01 -18.40 -41.29
C ALA B 300 33.67 -18.21 -39.92
N ASN B 301 33.10 -17.34 -39.08
CA ASN B 301 33.73 -16.96 -37.81
C ASN B 301 32.88 -17.36 -36.63
N ALA B 302 33.49 -17.96 -35.61
CA ALA B 302 32.67 -18.57 -34.57
C ALA B 302 33.06 -17.94 -33.26
N GLY B 303 32.13 -17.93 -32.30
CA GLY B 303 32.43 -17.32 -31.03
C GLY B 303 31.40 -17.63 -29.97
N GLN B 304 31.62 -17.06 -28.79
CA GLN B 304 30.69 -17.20 -27.67
C GLN B 304 30.00 -15.88 -27.40
N GLN B 305 28.75 -15.70 -27.84
CA GLN B 305 28.01 -14.50 -27.45
C GLN B 305 27.43 -14.55 -26.06
N VAL B 306 27.27 -13.35 -25.50
CA VAL B 306 26.74 -13.15 -24.18
C VAL B 306 25.36 -12.51 -24.27
N PHE B 307 24.42 -13.00 -23.48
CA PHE B 307 23.06 -12.46 -23.47
C PHE B 307 22.58 -12.22 -22.06
N ILE B 308 21.70 -11.23 -21.87
CA ILE B 308 21.02 -11.04 -20.60
C ILE B 308 19.54 -11.34 -20.78
N PRO B 309 19.01 -12.27 -20.00
CA PRO B 309 17.56 -12.51 -20.03
C PRO B 309 16.79 -11.29 -19.57
N THR B 310 15.62 -11.05 -20.16
CA THR B 310 14.76 -9.96 -19.75
C THR B 310 14.17 -10.23 -18.36
N GLN B 311 14.07 -11.50 -17.96
CA GLN B 311 13.58 -11.82 -16.62
C GLN B 311 14.55 -11.39 -15.55
N SER B 312 15.82 -11.31 -15.90
CA SER B 312 16.86 -11.07 -14.91
C SER B 312 17.05 -9.61 -14.58
N THR B 313 16.38 -8.73 -15.31
CA THR B 313 16.55 -7.30 -15.14
C THR B 313 15.32 -6.61 -14.57
N ILE B 314 14.28 -7.36 -14.21
CA ILE B 314 13.09 -6.71 -13.68
C ILE B 314 13.11 -6.77 -12.15
N HIS B 315 12.84 -5.62 -11.53
CA HIS B 315 13.07 -5.44 -10.10
C HIS B 315 11.82 -5.65 -9.26
N ILE B 316 11.74 -6.75 -8.54
CA ILE B 316 10.68 -6.93 -7.57
C ILE B 316 11.23 -6.64 -6.18
N GLY B 317 10.83 -5.51 -5.61
CA GLY B 317 11.42 -5.05 -4.38
C GLY B 317 11.02 -5.90 -3.20
N GLY B 318 11.78 -5.81 -2.13
CA GLY B 318 11.51 -6.64 -0.97
C GLY B 318 12.58 -6.56 0.09
N ARG B 319 12.97 -7.73 0.58
CA ARG B 319 13.70 -7.83 1.83
C ARG B 319 15.19 -8.13 1.70
N ARG B 320 16.03 -7.17 2.07
CA ARG B 320 17.47 -7.38 2.04
C ARG B 320 17.94 -8.51 2.98
N VAL B 321 17.36 -8.61 4.17
CA VAL B 321 17.82 -9.58 5.17
C VAL B 321 16.73 -10.53 5.66
N LEU B 322 17.10 -11.76 5.98
CA LEU B 322 16.13 -12.74 6.43
C LEU B 322 16.57 -13.52 7.67
N ASP B 323 15.63 -13.75 8.57
CA ASP B 323 15.83 -14.69 9.65
C ASP B 323 14.98 -15.87 9.26
N LEU B 324 15.62 -17.03 9.09
CA LEU B 324 14.88 -18.22 8.70
C LEU B 324 14.84 -19.10 9.92
N ILE B 325 13.63 -19.45 10.35
CA ILE B 325 13.51 -20.21 11.57
C ILE B 325 13.22 -21.70 11.32
N ILE B 326 14.26 -22.51 11.50
CA ILE B 326 14.28 -23.92 11.10
C ILE B 326 13.59 -24.88 12.08
N PRO B 327 12.84 -25.87 11.58
CA PRO B 327 12.22 -26.91 12.39
C PRO B 327 13.21 -27.81 13.15
N ARG B 328 12.78 -28.25 14.32
CA ARG B 328 13.56 -29.12 15.19
C ARG B 328 13.26 -30.59 14.94
N ARG B 329 14.31 -31.41 14.87
CA ARG B 329 14.20 -32.81 14.47
C ARG B 329 13.49 -33.68 15.50
N GLU B 330 13.80 -33.43 16.76
CA GLU B 330 13.33 -34.24 17.88
C GLU B 330 12.68 -33.28 18.86
N ILE B 331 11.47 -33.58 19.32
CA ILE B 331 10.86 -32.72 20.34
C ILE B 331 11.73 -32.76 21.58
N ALA B 332 12.01 -31.59 22.15
CA ALA B 332 13.03 -31.50 23.19
C ALA B 332 13.03 -30.14 23.87
N PRO B 333 13.68 -30.04 25.04
CA PRO B 333 13.95 -28.75 25.66
C PRO B 333 14.85 -27.92 24.76
N ASN B 334 14.68 -26.59 24.77
CA ASN B 334 15.43 -25.74 23.87
C ASN B 334 16.93 -25.89 24.10
N PRO B 335 17.67 -26.09 23.01
CA PRO B 335 19.09 -26.44 23.08
C PRO B 335 19.96 -25.32 23.64
N THR B 336 20.11 -25.29 24.96
CA THR B 336 20.97 -24.33 25.62
C THR B 336 22.43 -24.56 25.23
N THR B 337 22.77 -25.82 24.96
CA THR B 337 24.08 -26.14 24.42
C THR B 337 24.00 -26.39 22.92
N LEU B 338 25.14 -26.23 22.24
CA LEU B 338 25.25 -26.35 20.79
C LEU B 338 24.99 -27.76 20.24
N VAL B 339 25.58 -28.77 20.88
CA VAL B 339 25.45 -30.14 20.38
C VAL B 339 24.02 -30.63 20.51
N ALA B 340 23.28 -30.09 21.46
CA ALA B 340 21.86 -30.36 21.55
C ALA B 340 21.13 -29.77 20.35
N ALA B 341 21.69 -28.70 19.78
CA ALA B 341 21.03 -27.99 18.70
C ALA B 341 21.31 -28.63 17.35
N ASN B 342 22.58 -28.76 16.98
CA ASN B 342 22.92 -29.26 15.66
C ASN B 342 22.45 -30.68 15.40
N ALA B 343 22.44 -31.50 16.44
CA ALA B 343 22.09 -32.90 16.29
C ALA B 343 20.58 -33.03 16.36
N MET B 344 19.90 -31.90 16.25
CA MET B 344 18.48 -31.85 16.46
C MET B 344 17.80 -30.88 15.48
N CYS B 345 18.61 -30.12 14.74
CA CYS B 345 18.09 -29.36 13.62
C CYS B 345 17.64 -30.35 12.57
N MET B 346 16.49 -30.11 11.96
CA MET B 346 15.98 -31.03 10.94
C MET B 346 16.82 -30.94 9.66
N VAL B 347 17.43 -29.79 9.43
CA VAL B 347 18.40 -29.59 8.35
C VAL B 347 19.45 -28.62 8.83
N ARG B 348 20.71 -28.86 8.51
CA ARG B 348 21.75 -27.91 8.90
C ARG B 348 22.31 -27.20 7.70
N PRO B 349 21.96 -25.92 7.54
CA PRO B 349 22.31 -25.17 6.33
C PRO B 349 23.80 -25.01 6.09
N GLN B 350 24.16 -25.03 4.81
CA GLN B 350 25.52 -24.82 4.36
C GLN B 350 25.51 -24.23 2.97
N ALA B 351 26.57 -23.49 2.64
CA ALA B 351 26.68 -22.78 1.39
C ALA B 351 26.75 -23.72 0.20
N GLY B 352 26.30 -23.25 -0.96
CA GLY B 352 26.31 -24.07 -2.15
C GLY B 352 27.69 -24.14 -2.75
N PRO B 353 27.86 -25.00 -3.77
CA PRO B 353 29.14 -25.34 -4.36
C PRO B 353 29.80 -24.23 -5.16
N ASP B 354 30.02 -23.07 -4.56
CA ASP B 354 30.78 -22.04 -5.25
C ASP B 354 31.42 -21.06 -4.26
N ALA B 355 32.66 -20.70 -4.55
CA ALA B 355 33.43 -19.81 -3.69
C ALA B 355 33.10 -18.34 -3.93
N THR B 356 33.28 -17.52 -2.89
CA THR B 356 33.07 -16.08 -2.98
C THR B 356 34.13 -15.31 -2.21
N ALA B 357 34.44 -14.10 -2.67
CA ALA B 357 35.48 -13.29 -2.05
C ALA B 357 34.89 -12.13 -1.25
N GLY B 358 35.74 -11.20 -0.85
CA GLY B 358 35.32 -10.04 -0.09
C GLY B 358 35.16 -10.31 1.39
N ALA B 359 34.62 -9.34 2.12
CA ALA B 359 34.37 -9.50 3.54
C ALA B 359 33.39 -10.64 3.77
N ILE B 360 33.60 -11.39 4.85
CA ILE B 360 32.98 -12.68 5.06
C ILE B 360 33.14 -13.52 3.79
N PRO B 361 34.37 -13.91 3.47
CA PRO B 361 34.55 -14.84 2.34
C PRO B 361 33.92 -16.20 2.63
N LEU B 362 33.41 -16.86 1.60
CA LEU B 362 32.79 -18.18 1.77
C LEU B 362 33.44 -19.26 0.92
N ALA B 363 34.14 -20.19 1.56
CA ALA B 363 34.64 -21.37 0.89
C ALA B 363 33.46 -22.26 0.49
N ALA B 364 33.63 -23.02 -0.58
CA ALA B 364 32.54 -23.84 -1.10
C ALA B 364 32.09 -24.88 -0.07
N GLY B 365 30.78 -24.98 0.12
CA GLY B 365 30.22 -25.99 1.00
C GLY B 365 30.33 -25.67 2.48
N GLN B 366 30.72 -24.45 2.82
CA GLN B 366 30.94 -24.03 4.20
C GLN B 366 29.69 -24.14 5.06
N LEU B 367 29.86 -24.54 6.32
CA LEU B 367 28.71 -24.71 7.21
C LEU B 367 28.41 -23.50 8.07
N PHE B 368 27.13 -23.15 8.17
CA PHE B 368 26.66 -22.07 9.02
C PHE B 368 26.82 -22.47 10.49
N ASN B 369 27.28 -21.55 11.32
CA ASN B 369 27.42 -21.81 12.75
C ASN B 369 26.18 -21.41 13.53
N MET B 370 25.43 -22.40 13.99
CA MET B 370 24.10 -22.16 14.53
C MET B 370 24.02 -21.18 15.69
N ASN B 371 22.93 -20.44 15.68
CA ASN B 371 22.59 -19.47 16.69
C ASN B 371 21.77 -20.10 17.80
N PHE B 372 22.19 -19.88 19.04
CA PHE B 372 21.45 -20.37 20.20
C PHE B 372 21.81 -19.50 21.38
N ILE B 373 20.98 -19.51 22.42
CA ILE B 373 21.14 -18.57 23.53
C ILE B 373 22.46 -18.78 24.24
N GLY B 374 23.12 -17.69 24.60
CA GLY B 374 24.37 -17.78 25.32
C GLY B 374 25.56 -18.06 24.43
N ALA B 375 25.36 -17.92 23.12
CA ALA B 375 26.44 -18.12 22.17
C ALA B 375 27.49 -17.02 22.33
N PRO B 376 28.76 -17.37 22.05
CA PRO B 376 29.89 -16.43 22.18
C PRO B 376 29.76 -15.19 21.30
N ALA B 377 29.14 -15.33 20.13
CA ALA B 377 28.91 -14.21 19.22
C ALA B 377 27.78 -14.53 18.25
N PHE B 378 27.17 -13.48 17.71
CA PHE B 378 26.14 -13.60 16.68
C PHE B 378 26.80 -13.89 15.34
N GLU B 379 26.13 -14.66 14.47
CA GLU B 379 26.71 -14.97 13.15
C GLU B 379 25.71 -14.81 12.03
N GLU B 380 26.16 -14.25 10.92
CA GLU B 380 25.33 -14.12 9.73
C GLU B 380 26.18 -14.11 8.48
N TRP B 381 25.51 -14.23 7.34
CA TRP B 381 26.17 -14.21 6.05
C TRP B 381 25.56 -13.13 5.17
N PRO B 382 26.37 -12.55 4.29
CA PRO B 382 25.80 -11.73 3.22
C PRO B 382 24.91 -12.60 2.35
N MET B 383 23.78 -12.10 1.85
CA MET B 383 22.85 -13.01 1.21
C MET B 383 23.07 -13.05 -0.28
N THR B 384 23.67 -12.00 -0.80
CA THR B 384 24.02 -11.96 -2.20
C THR B 384 25.06 -13.04 -2.49
N SER B 385 25.92 -13.33 -1.53
CA SER B 385 26.98 -14.31 -1.71
C SER B 385 26.48 -15.70 -1.41
N TYR B 386 25.59 -15.80 -0.44
CA TYR B 386 24.97 -17.08 -0.15
C TYR B 386 24.11 -17.56 -1.31
N LEU B 387 23.45 -16.62 -1.99
CA LEU B 387 22.67 -16.96 -3.18
C LEU B 387 23.52 -17.07 -4.42
N TYR B 388 24.68 -16.43 -4.42
CA TYR B 388 25.58 -16.55 -5.57
C TYR B 388 26.07 -17.97 -5.73
N SER B 389 26.16 -18.69 -4.62
CA SER B 389 26.77 -20.01 -4.62
C SER B 389 25.83 -21.10 -5.12
N TRP B 390 24.55 -21.00 -4.79
CA TRP B 390 23.58 -21.97 -5.28
C TRP B 390 23.09 -21.64 -6.67
N ALA B 391 23.51 -20.51 -7.20
CA ALA B 391 22.94 -19.96 -8.42
C ALA B 391 23.09 -20.87 -9.63
N GLY B 392 24.11 -21.71 -9.63
CA GLY B 392 24.30 -22.64 -10.73
C GLY B 392 23.60 -23.98 -10.57
N ARG B 393 22.91 -24.18 -9.46
CA ARG B 393 22.44 -25.51 -9.10
C ARG B 393 20.94 -25.73 -9.32
N PHE B 394 20.17 -24.66 -9.49
CA PHE B 394 18.75 -24.86 -9.72
C PHE B 394 18.52 -25.36 -11.12
N ASP B 395 17.44 -26.09 -11.35
CA ASP B 395 17.07 -26.46 -12.70
C ASP B 395 15.60 -26.77 -12.79
N ILE B 396 15.08 -26.80 -14.01
CA ILE B 396 13.66 -26.89 -14.26
C ILE B 396 12.98 -28.05 -13.53
N THR B 397 13.63 -29.18 -13.62
CA THR B 397 13.11 -30.41 -13.06
C THR B 397 13.04 -30.41 -11.54
N THR B 398 13.88 -29.63 -10.88
CA THR B 398 13.82 -29.57 -9.42
C THR B 398 12.80 -28.53 -8.98
N ILE B 399 12.61 -27.48 -9.77
CA ILE B 399 11.58 -26.48 -9.49
C ILE B 399 10.21 -27.12 -9.61
N ARG B 400 10.09 -28.07 -10.53
CA ARG B 400 8.84 -28.79 -10.69
C ARG B 400 8.44 -29.63 -9.47
N GLN B 401 9.41 -30.28 -8.84
CA GLN B 401 9.12 -31.10 -7.66
C GLN B 401 8.94 -30.24 -6.43
N TYR B 402 9.73 -29.18 -6.36
CA TYR B 402 9.60 -28.19 -5.30
C TYR B 402 8.18 -27.66 -5.27
N MET B 403 7.73 -27.17 -6.42
CA MET B 403 6.40 -26.60 -6.51
C MET B 403 5.35 -27.68 -6.38
N GLY B 404 5.73 -28.92 -6.67
CA GLY B 404 4.82 -30.02 -6.47
C GLY B 404 4.52 -30.31 -5.02
N ARG B 405 5.52 -30.17 -4.15
CA ARG B 405 5.26 -30.26 -2.71
C ARG B 405 4.61 -28.99 -2.18
N LEU B 406 4.98 -27.85 -2.76
CA LEU B 406 4.41 -26.59 -2.34
C LEU B 406 2.92 -26.58 -2.58
N ALA B 407 2.49 -27.25 -3.64
CA ALA B 407 1.07 -27.36 -3.98
C ALA B 407 0.29 -28.13 -2.93
N THR B 408 0.94 -29.06 -2.26
CA THR B 408 0.28 -29.86 -1.24
C THR B 408 -0.07 -29.04 0.00
N MET B 409 0.71 -28.00 0.28
CA MET B 409 0.43 -27.13 1.41
C MET B 409 -0.63 -26.10 1.11
N VAL B 410 -0.50 -25.48 -0.05
CA VAL B 410 -1.41 -24.43 -0.49
C VAL B 410 -1.72 -24.71 -1.95
N GLY B 411 -2.94 -24.46 -2.38
CA GLY B 411 -3.25 -24.57 -3.79
C GLY B 411 -2.40 -23.58 -4.55
N VAL B 412 -1.83 -23.99 -5.67
CA VAL B 412 -0.95 -23.10 -6.42
C VAL B 412 -1.27 -23.05 -7.91
N LYS B 413 -2.35 -23.67 -8.30
CA LYS B 413 -2.69 -23.78 -9.73
C LYS B 413 -2.96 -22.42 -10.37
N ASP B 414 -4.10 -21.83 -10.04
CA ASP B 414 -4.56 -20.59 -10.65
C ASP B 414 -3.66 -19.40 -10.35
N ALA B 415 -3.08 -19.40 -9.17
CA ALA B 415 -2.18 -18.34 -8.75
C ALA B 415 -0.92 -18.37 -9.57
N TYR B 416 -0.39 -19.57 -9.78
CA TYR B 416 0.83 -19.67 -10.56
C TYR B 416 0.52 -19.30 -11.98
N TRP B 417 -0.67 -19.64 -12.46
CA TRP B 417 -0.93 -19.38 -13.85
C TRP B 417 -1.01 -17.89 -14.09
N ALA B 418 -1.61 -17.17 -13.14
CA ALA B 418 -1.63 -15.72 -13.26
C ALA B 418 -0.23 -15.11 -13.13
N ALA B 419 0.61 -15.67 -12.27
CA ALA B 419 1.98 -15.17 -12.15
C ALA B 419 2.77 -15.39 -13.43
N HIS B 420 2.50 -16.49 -14.11
CA HIS B 420 3.10 -16.79 -15.41
C HIS B 420 2.62 -15.83 -16.49
N GLU B 421 1.36 -15.43 -16.41
CA GLU B 421 0.82 -14.38 -17.28
C GLU B 421 1.55 -13.05 -17.09
N LEU B 422 1.86 -12.71 -15.83
CA LEU B 422 2.66 -11.51 -15.55
C LEU B 422 4.08 -11.63 -16.07
N ASN B 423 4.61 -12.84 -15.95
CA ASN B 423 5.92 -13.18 -16.46
C ASN B 423 6.03 -12.90 -17.95
N VAL B 424 5.06 -13.43 -18.70
CA VAL B 424 5.06 -13.26 -20.14
C VAL B 424 4.85 -11.81 -20.47
N ALA B 425 3.96 -11.15 -19.74
CA ALA B 425 3.61 -9.76 -20.04
C ALA B 425 4.76 -8.80 -19.82
N LEU B 426 5.62 -9.08 -18.85
CA LEU B 426 6.75 -8.20 -18.57
C LEU B 426 8.06 -8.59 -19.24
N SER B 427 8.16 -9.83 -19.73
CA SER B 427 9.46 -10.27 -20.24
C SER B 427 9.57 -10.37 -21.76
N GLN B 428 8.50 -10.78 -22.43
CA GLN B 428 8.53 -10.83 -23.89
C GLN B 428 8.54 -9.42 -24.46
N VAL B 429 9.31 -9.21 -25.51
CA VAL B 429 9.75 -7.89 -25.95
C VAL B 429 10.08 -7.87 -27.45
N ALA B 430 9.80 -6.77 -28.15
CA ALA B 430 10.10 -6.66 -29.57
C ALA B 430 10.66 -5.32 -29.99
N PRO B 431 11.61 -5.31 -30.95
CA PRO B 431 12.24 -4.13 -31.55
C PRO B 431 11.31 -3.23 -32.36
N LYS B 432 11.59 -1.94 -32.37
CA LYS B 432 10.79 -1.00 -33.15
C LYS B 432 10.97 -1.13 -34.65
N MET B 433 9.90 -0.84 -35.37
CA MET B 433 9.81 -1.06 -36.81
C MET B 433 10.51 -0.02 -37.65
N THR B 434 10.89 -0.42 -38.86
CA THR B 434 11.53 0.46 -39.83
C THR B 434 10.56 0.69 -40.98
N THR B 435 10.40 1.92 -41.44
CA THR B 435 9.54 2.14 -42.60
C THR B 435 10.28 1.79 -43.87
N ALA B 436 9.53 1.32 -44.85
CA ALA B 436 10.07 1.02 -46.16
C ALA B 436 8.93 0.90 -47.16
N ALA B 437 9.29 0.75 -48.43
CA ALA B 437 8.35 0.37 -49.46
C ALA B 437 8.16 -1.15 -49.52
N GLY B 438 9.25 -1.90 -49.41
CA GLY B 438 9.26 -3.34 -49.59
C GLY B 438 8.97 -4.09 -48.33
N GLY B 439 9.28 -5.39 -48.31
CA GLY B 439 8.89 -6.26 -47.21
C GLY B 439 9.83 -6.44 -46.04
N TRP B 440 11.07 -5.99 -46.14
CA TRP B 440 12.04 -6.16 -45.05
C TRP B 440 12.86 -4.93 -44.77
N ALA B 441 13.22 -4.78 -43.51
CA ALA B 441 14.17 -3.75 -43.11
C ALA B 441 14.73 -4.04 -41.73
N ALA B 442 15.89 -3.46 -41.44
CA ALA B 442 16.48 -3.52 -40.12
C ALA B 442 17.39 -2.32 -39.89
N GLN B 443 17.54 -1.91 -38.64
CA GLN B 443 18.42 -0.81 -38.26
C GLN B 443 19.90 -1.20 -38.28
N ALA B 444 20.76 -0.21 -38.46
CA ALA B 444 22.20 -0.42 -38.56
C ALA B 444 22.78 -1.09 -37.33
N ALA B 445 23.76 -1.95 -37.56
CA ALA B 445 24.30 -2.80 -36.50
C ALA B 445 24.93 -1.99 -35.36
N ASN B 446 24.63 -2.43 -34.14
CA ASN B 446 25.15 -1.82 -32.92
C ASN B 446 24.75 -0.35 -32.79
N SER B 447 23.59 0.01 -33.31
CA SER B 447 23.03 1.35 -33.17
C SER B 447 22.07 1.41 -31.99
N ALA B 448 21.74 2.61 -31.53
CA ALA B 448 20.78 2.75 -30.45
C ALA B 448 19.40 2.33 -30.89
N GLN B 449 19.09 2.56 -32.16
CA GLN B 449 17.80 2.18 -32.72
C GLN B 449 17.63 0.68 -32.86
N GLN B 450 18.75 -0.03 -33.02
CA GLN B 450 18.70 -1.47 -33.22
C GLN B 450 18.19 -2.17 -31.99
N SER B 451 18.47 -1.58 -30.83
CA SER B 451 18.25 -2.25 -29.56
C SER B 451 17.05 -1.73 -28.80
N ASP B 452 16.44 -0.66 -29.30
CA ASP B 452 15.26 -0.09 -28.67
C ASP B 452 14.10 -1.06 -28.79
N VAL B 453 13.34 -1.26 -27.71
CA VAL B 453 12.35 -2.33 -27.68
C VAL B 453 11.08 -1.98 -26.91
N CYS B 454 10.03 -2.78 -27.07
CA CYS B 454 8.72 -2.49 -26.48
C CYS B 454 8.03 -3.71 -25.89
N TYR B 455 7.07 -3.49 -25.00
CA TYR B 455 6.27 -4.52 -24.37
C TYR B 455 5.14 -4.95 -25.29
N SER B 456 4.42 -6.01 -24.92
CA SER B 456 3.23 -6.42 -25.65
C SER B 456 2.18 -5.31 -25.61
N SER B 457 2.09 -4.64 -24.48
CA SER B 457 1.41 -3.35 -24.40
C SER B 457 2.31 -2.42 -25.15
N LEU B 458 1.78 -1.50 -25.91
CA LEU B 458 2.65 -0.81 -26.84
C LEU B 458 3.37 0.35 -26.15
N LEU B 459 4.04 0.00 -25.06
CA LEU B 459 4.79 0.92 -24.22
C LEU B 459 6.27 0.59 -24.34
N THR B 460 7.14 1.58 -24.46
CA THR B 460 8.56 1.30 -24.59
C THR B 460 9.22 0.91 -23.26
N VAL B 461 10.30 0.13 -23.35
CA VAL B 461 11.07 -0.28 -22.19
C VAL B 461 12.20 0.72 -21.91
N THR B 462 12.34 1.12 -20.66
CA THR B 462 13.33 2.14 -20.26
C THR B 462 14.76 1.60 -20.19
N ARG B 463 15.73 2.48 -20.42
CA ARG B 463 17.14 2.11 -20.30
C ARG B 463 17.85 2.70 -19.09
N SER B 464 18.87 1.99 -18.63
CA SER B 464 19.77 2.48 -17.60
C SER B 464 20.56 3.68 -18.11
N ALA B 465 20.89 4.60 -17.22
CA ALA B 465 21.67 5.77 -17.60
C ALA B 465 23.06 5.78 -16.97
N ALA B 466 23.41 4.72 -16.24
CA ALA B 466 24.74 4.62 -15.64
C ALA B 466 25.12 3.18 -15.29
N ASN B 467 26.42 2.95 -15.05
CA ASN B 467 26.95 1.62 -14.78
C ASN B 467 26.37 1.00 -13.54
N PHE B 468 26.14 -0.32 -13.55
CA PHE B 468 25.62 -0.98 -12.36
C PHE B 468 26.71 -1.06 -11.28
N PRO B 469 26.29 -1.17 -10.01
CA PRO B 469 24.92 -1.07 -9.52
C PRO B 469 24.30 0.32 -9.69
N LEU B 470 23.02 0.33 -10.00
CA LEU B 470 22.31 1.57 -10.27
C LEU B 470 22.23 2.40 -8.99
N ALA B 471 22.47 3.69 -9.11
CA ALA B 471 22.45 4.54 -7.92
C ALA B 471 21.05 4.98 -7.55
N ASN B 472 20.11 4.84 -8.49
CA ASN B 472 18.81 5.45 -8.33
C ASN B 472 17.68 4.72 -9.05
N GLN B 473 16.54 4.62 -8.36
CA GLN B 473 15.42 3.81 -8.82
C GLN B 473 14.60 4.42 -9.95
N PRO B 474 14.28 3.61 -10.97
CA PRO B 474 13.32 3.86 -12.04
C PRO B 474 11.86 3.87 -11.58
N ALA B 475 10.99 4.52 -12.33
CA ALA B 475 9.55 4.51 -12.07
C ALA B 475 8.93 3.13 -12.28
N ALA B 476 7.90 2.81 -11.48
CA ALA B 476 7.21 1.54 -11.58
C ALA B 476 6.44 1.40 -12.89
N ASP B 477 6.47 0.20 -13.45
CA ASP B 477 5.79 -0.08 -14.71
C ASP B 477 4.46 -0.80 -14.50
N MET B 478 4.35 -1.53 -13.40
CA MET B 478 3.18 -2.34 -13.15
C MET B 478 3.08 -2.67 -11.69
N ARG B 479 1.88 -2.85 -11.16
CA ARG B 479 1.77 -3.12 -9.73
C ARG B 479 1.29 -4.52 -9.39
N VAL B 480 1.94 -5.15 -8.41
CA VAL B 480 1.67 -6.54 -8.03
C VAL B 480 1.35 -6.70 -6.55
N TYR B 481 0.87 -7.88 -6.15
CA TYR B 481 0.60 -8.13 -4.74
C TYR B 481 1.84 -8.54 -3.97
N ASP B 482 1.79 -8.34 -2.66
CA ASP B 482 2.90 -8.71 -1.81
C ASP B 482 2.50 -9.87 -0.89
N THR B 483 3.49 -10.56 -0.37
CA THR B 483 3.24 -11.71 0.49
C THR B 483 3.70 -11.47 1.92
N ASP B 484 2.74 -11.29 2.84
CA ASP B 484 3.07 -11.01 4.24
C ASP B 484 3.69 -12.18 4.98
N PRO B 485 4.85 -11.94 5.61
CA PRO B 485 5.49 -12.94 6.44
C PRO B 485 4.62 -13.41 7.59
N ALA B 486 3.81 -12.51 8.14
CA ALA B 486 3.01 -12.84 9.31
C ALA B 486 1.93 -13.86 9.02
N THR B 487 1.13 -13.59 8.02
CA THR B 487 0.06 -14.50 7.67
C THR B 487 0.58 -15.68 6.87
N TRP B 488 1.80 -15.57 6.34
CA TRP B 488 2.49 -16.73 5.82
C TRP B 488 2.78 -17.69 6.95
N ASN B 489 3.28 -17.16 8.06
CA ASN B 489 3.57 -17.99 9.21
C ASN B 489 2.31 -18.61 9.72
N LYS B 490 1.21 -17.87 9.66
CA LYS B 490 -0.04 -18.45 10.11
C LYS B 490 -0.56 -19.55 9.22
N VAL B 491 -0.34 -19.40 7.91
CA VAL B 491 -0.92 -20.33 6.94
C VAL B 491 -0.13 -21.61 6.78
N ALA B 492 1.19 -21.48 6.84
CA ALA B 492 2.08 -22.63 6.74
C ALA B 492 1.88 -23.60 7.90
N LEU B 493 1.47 -23.09 9.05
CA LEU B 493 1.28 -23.95 10.23
C LEU B 493 -0.17 -24.36 10.43
N GLY B 494 -1.01 -24.11 9.44
CA GLY B 494 -2.36 -24.63 9.47
C GLY B 494 -3.29 -23.85 10.34
N LEU B 495 -2.84 -22.68 10.78
CA LEU B 495 -3.58 -21.87 11.73
C LEU B 495 -4.61 -20.96 11.07
N ALA B 496 -4.56 -20.84 9.74
CA ALA B 496 -5.47 -19.96 9.02
C ALA B 496 -5.74 -20.45 7.60
N THR B 497 -6.90 -20.10 7.05
CA THR B 497 -7.27 -20.57 5.72
C THR B 497 -8.24 -19.65 4.98
N ALA B 498 -8.18 -19.69 3.66
CA ALA B 498 -9.03 -18.88 2.78
C ALA B 498 -9.43 -19.72 1.59
N ALA B 499 -10.48 -19.31 0.89
CA ALA B 499 -11.01 -20.10 -0.23
C ALA B 499 -10.06 -20.22 -1.40
N ASN B 500 -9.14 -19.27 -1.54
CA ASN B 500 -8.12 -19.37 -2.59
C ASN B 500 -6.93 -20.24 -2.20
N LEU B 501 -6.85 -20.64 -0.94
CA LEU B 501 -5.67 -21.28 -0.41
C LEU B 501 -5.86 -22.77 -0.18
N VAL B 502 -6.96 -23.31 -0.67
CA VAL B 502 -7.26 -24.73 -0.47
C VAL B 502 -6.22 -25.62 -1.15
N PRO B 503 -5.66 -26.59 -0.39
CA PRO B 503 -4.55 -27.44 -0.84
C PRO B 503 -4.89 -28.31 -2.04
N GLU B 504 -3.88 -28.55 -2.86
CA GLU B 504 -4.04 -29.27 -4.11
C GLU B 504 -2.96 -30.32 -4.27
N GLN B 505 -3.15 -31.19 -5.24
CA GLN B 505 -2.23 -32.26 -5.57
C GLN B 505 -1.03 -31.80 -6.37
N SER B 506 0.06 -32.54 -6.27
CA SER B 506 1.29 -32.21 -6.98
C SER B 506 1.16 -32.29 -8.49
N MET B 507 0.13 -33.00 -8.95
CA MET B 507 -0.13 -33.15 -10.37
C MET B 507 -0.82 -31.94 -10.98
N ASP B 508 -1.28 -31.03 -10.15
CA ASP B 508 -2.04 -29.87 -10.61
C ASP B 508 -1.17 -28.75 -11.17
N VAL B 509 0.13 -28.88 -10.98
CA VAL B 509 1.07 -27.88 -11.46
C VAL B 509 1.02 -27.82 -12.99
N PRO B 510 0.86 -26.62 -13.56
CA PRO B 510 0.68 -26.40 -15.00
C PRO B 510 1.88 -26.86 -15.82
N PHE B 511 1.64 -27.29 -17.05
CA PHE B 511 2.64 -27.99 -17.85
C PHE B 511 3.93 -27.20 -18.13
N VAL B 512 3.83 -25.88 -18.28
CA VAL B 512 4.98 -25.07 -18.63
C VAL B 512 6.09 -25.22 -17.61
N VAL B 513 5.70 -25.50 -16.38
CA VAL B 513 6.63 -25.53 -15.26
C VAL B 513 7.65 -26.64 -15.44
N GLY B 514 7.28 -27.70 -16.15
CA GLY B 514 8.23 -28.79 -16.31
C GLY B 514 9.00 -28.83 -17.62
N ASP B 515 8.34 -28.49 -18.72
CA ASP B 515 8.86 -28.73 -20.07
C ASP B 515 10.05 -27.90 -20.52
N ALA B 516 10.80 -28.48 -21.47
CA ALA B 516 11.89 -27.78 -22.14
C ALA B 516 11.39 -26.92 -23.27
N ARG B 517 10.14 -27.14 -23.64
CA ARG B 517 9.50 -26.41 -24.73
C ARG B 517 8.98 -25.08 -24.25
N ALA B 518 9.13 -24.84 -22.95
CA ALA B 518 8.49 -23.72 -22.27
C ALA B 518 8.93 -22.35 -22.78
N SER B 519 10.15 -22.24 -23.27
CA SER B 519 10.65 -20.98 -23.77
C SER B 519 9.92 -20.56 -25.05
N PHE B 520 9.75 -21.53 -25.93
CA PHE B 520 9.02 -21.40 -27.19
C PHE B 520 7.56 -21.07 -26.92
N TRP B 521 7.00 -21.74 -25.93
CA TRP B 521 5.63 -21.54 -25.53
C TRP B 521 5.35 -20.19 -24.88
N GLU B 522 6.31 -19.66 -24.14
CA GLU B 522 6.18 -18.31 -23.61
C GLU B 522 6.27 -17.33 -24.75
N ARG B 523 7.09 -17.67 -25.74
CA ARG B 523 7.27 -16.80 -26.88
C ARG B 523 5.97 -16.68 -27.68
N LEU B 524 5.20 -17.76 -27.72
CA LEU B 524 3.93 -17.76 -28.47
C LEU B 524 2.73 -17.16 -27.71
N GLN B 525 2.85 -16.95 -26.41
CA GLN B 525 1.73 -16.44 -25.61
C GLN B 525 1.61 -14.93 -25.58
N ALA B 526 2.60 -14.25 -26.13
CA ALA B 526 2.61 -12.81 -26.11
C ALA B 526 1.98 -12.20 -27.34
N ILE B 527 1.84 -12.99 -28.41
CA ILE B 527 1.20 -12.49 -29.62
C ILE B 527 -0.26 -12.06 -29.44
N PRO B 528 -1.12 -12.90 -28.84
CA PRO B 528 -2.50 -12.46 -28.67
C PRO B 528 -2.64 -11.19 -27.83
N MET B 529 -1.73 -10.98 -26.89
CA MET B 529 -1.68 -9.76 -26.12
C MET B 529 -1.47 -8.50 -26.98
N CYS B 530 -0.48 -8.52 -27.86
CA CYS B 530 -0.37 -7.44 -28.84
C CYS B 530 -1.53 -7.32 -29.78
N ILE B 531 -2.17 -8.43 -30.12
CA ILE B 531 -3.29 -8.29 -31.03
C ILE B 531 -4.40 -7.50 -30.33
N ALA B 532 -4.60 -7.79 -29.05
CA ALA B 532 -5.60 -7.08 -28.26
C ALA B 532 -5.27 -5.60 -28.09
N TRP B 533 -4.05 -5.31 -27.65
CA TRP B 533 -3.67 -3.92 -27.47
C TRP B 533 -3.61 -3.14 -28.78
N THR B 534 -3.25 -3.81 -29.86
CA THR B 534 -3.22 -3.17 -31.17
C THR B 534 -4.60 -2.80 -31.65
N MET B 535 -5.57 -3.70 -31.49
CA MET B 535 -6.90 -3.34 -31.95
C MET B 535 -7.41 -2.20 -31.10
N TYR B 536 -7.00 -2.19 -29.83
CA TYR B 536 -7.40 -1.11 -28.94
C TYR B 536 -6.88 0.25 -29.40
N TYR B 537 -5.57 0.39 -29.56
CA TYR B 537 -5.03 1.70 -29.96
C TYR B 537 -5.40 2.09 -31.38
N HIS B 538 -5.62 1.10 -32.26
CA HIS B 538 -5.96 1.43 -33.64
C HIS B 538 -7.43 1.67 -33.91
N SER B 539 -8.30 1.36 -32.96
CA SER B 539 -9.71 1.68 -33.15
C SER B 539 -9.89 3.19 -33.26
N ARG B 540 -9.13 3.94 -32.47
CA ARG B 540 -9.08 5.40 -32.57
C ARG B 540 -7.84 5.80 -33.36
N GLY B 541 -7.84 6.97 -33.95
CA GLY B 541 -6.71 7.36 -34.78
C GLY B 541 -5.53 8.06 -34.15
N ILE B 542 -5.52 8.21 -32.84
CA ILE B 542 -4.56 9.08 -32.16
C ILE B 542 -3.11 8.69 -32.43
N THR B 543 -2.27 9.67 -32.73
CA THR B 543 -0.90 9.46 -33.16
C THR B 543 0.03 9.21 -31.98
N THR B 544 1.26 8.81 -32.26
CA THR B 544 2.22 8.48 -31.21
C THR B 544 2.64 9.71 -30.41
N LEU B 545 2.92 10.81 -31.10
CA LEU B 545 3.30 12.06 -30.43
C LEU B 545 2.14 12.55 -29.59
N ALA B 546 0.94 12.17 -29.97
CA ALA B 546 -0.25 12.60 -29.27
C ALA B 546 -0.53 11.79 -28.00
N TRP B 547 -0.29 10.49 -28.02
CA TRP B 547 -0.33 9.71 -26.79
C TRP B 547 0.80 10.10 -25.87
N ASP B 548 1.91 10.48 -26.47
CA ASP B 548 3.14 10.74 -25.74
C ASP B 548 3.01 11.93 -24.79
N ASN B 549 2.20 12.91 -25.18
CA ASN B 549 1.99 14.13 -24.39
C ASN B 549 0.62 14.23 -23.75
N ALA B 550 -0.19 13.20 -23.88
CA ALA B 550 -1.60 13.27 -23.56
C ALA B 550 -1.98 13.46 -22.10
N TYR B 551 -1.16 12.99 -21.17
CA TYR B 551 -1.62 12.83 -19.78
C TYR B 551 -1.83 14.19 -19.17
N THR B 552 -1.13 15.16 -19.73
CA THR B 552 -0.99 16.49 -19.15
C THR B 552 -1.67 17.58 -19.95
N ASP B 553 -1.82 17.38 -21.26
CA ASP B 553 -2.09 18.51 -22.17
C ASP B 553 -3.40 19.20 -21.85
N ASN B 554 -3.46 20.48 -22.16
CA ASN B 554 -4.66 21.26 -21.91
C ASN B 554 -5.33 21.73 -23.18
N THR B 555 -4.84 21.26 -24.33
CA THR B 555 -5.47 21.55 -25.60
C THR B 555 -6.84 20.88 -25.71
N ASN B 556 -6.97 19.71 -25.10
CA ASN B 556 -8.20 18.95 -25.26
C ASN B 556 -8.49 18.08 -24.05
N LYS B 557 -9.67 18.28 -23.51
CA LYS B 557 -10.17 17.63 -22.32
C LYS B 557 -10.42 16.13 -22.49
N TRP B 558 -10.82 15.74 -23.69
CA TRP B 558 -11.08 14.33 -24.04
C TRP B 558 -9.85 13.43 -24.00
N LEU B 559 -8.71 13.97 -24.39
CA LEU B 559 -7.50 13.19 -24.51
C LEU B 559 -6.94 12.83 -23.15
N GLN B 560 -7.04 13.77 -22.21
CA GLN B 560 -6.60 13.54 -20.85
C GLN B 560 -7.38 12.43 -20.21
N LYS B 561 -8.67 12.38 -20.49
CA LYS B 561 -9.48 11.28 -20.00
C LYS B 561 -9.13 9.96 -20.63
N MET B 562 -8.90 10.02 -21.93
CA MET B 562 -8.63 8.82 -22.70
C MET B 562 -7.35 8.16 -22.23
N VAL B 563 -6.36 8.92 -21.77
CA VAL B 563 -5.21 8.25 -21.13
C VAL B 563 -5.36 7.97 -19.65
N ARG B 564 -6.06 8.81 -18.90
CA ARG B 564 -6.08 8.61 -17.47
C ARG B 564 -6.79 7.34 -17.15
N ASN B 565 -7.72 6.95 -18.02
CA ASN B 565 -8.52 5.75 -17.77
C ASN B 565 -7.96 4.41 -18.24
N THR B 566 -6.75 4.39 -18.77
CA THR B 566 -6.19 3.12 -19.22
C THR B 566 -5.20 2.53 -18.23
N PHE B 567 -4.85 3.30 -17.22
CA PHE B 567 -3.89 2.86 -16.23
C PHE B 567 -4.55 2.64 -14.88
N SER B 568 -3.96 1.80 -14.06
CA SER B 568 -4.55 1.45 -12.77
C SER B 568 -4.07 2.39 -11.67
N THR B 569 -4.85 3.43 -11.40
CA THR B 569 -4.49 4.41 -10.38
C THR B 569 -5.69 4.86 -9.58
N THR B 570 -6.50 3.91 -9.13
CA THR B 570 -7.73 4.20 -8.39
C THR B 570 -7.84 3.20 -7.24
N GLN B 571 -8.58 3.55 -6.19
CA GLN B 571 -8.76 2.60 -5.10
C GLN B 571 -10.11 2.81 -4.44
N SER B 572 -10.53 1.82 -3.67
CA SER B 572 -11.66 1.96 -2.77
C SER B 572 -11.60 0.92 -1.68
N VAL B 573 -11.92 1.32 -0.46
CA VAL B 573 -12.01 0.43 0.69
C VAL B 573 -10.68 -0.31 0.86
N GLY B 574 -9.60 0.40 0.60
CA GLY B 574 -8.27 -0.12 0.89
C GLY B 574 -7.73 -1.13 -0.07
N THR B 575 -8.37 -1.26 -1.22
CA THR B 575 -7.90 -2.23 -2.19
C THR B 575 -7.72 -1.61 -3.56
N ILE B 576 -6.94 -2.28 -4.39
CA ILE B 576 -6.73 -1.90 -5.77
C ILE B 576 -8.00 -2.05 -6.58
N ILE B 577 -8.19 -1.17 -7.55
CA ILE B 577 -9.29 -1.28 -8.47
C ILE B 577 -8.77 -1.24 -9.88
N PRO B 578 -9.27 -2.15 -10.74
CA PRO B 578 -8.83 -2.32 -12.12
C PRO B 578 -9.07 -1.09 -13.01
N ALA B 579 -8.17 -0.87 -13.97
CA ALA B 579 -8.27 0.28 -14.87
C ALA B 579 -9.55 0.20 -15.67
N ARG B 580 -10.21 1.33 -15.88
CA ARG B 580 -11.55 1.30 -16.44
C ARG B 580 -11.58 0.83 -17.89
N TYR B 581 -10.60 1.25 -18.69
CA TYR B 581 -10.61 0.85 -20.08
C TYR B 581 -9.75 -0.38 -20.35
N GLY B 582 -9.21 -1.00 -19.31
CA GLY B 582 -8.50 -2.25 -19.48
C GLY B 582 -9.47 -3.39 -19.71
N LYS B 583 -10.69 -3.19 -19.22
CA LYS B 583 -11.77 -4.14 -19.38
C LYS B 583 -12.18 -4.26 -20.84
N ILE B 584 -12.04 -3.16 -21.58
CA ILE B 584 -12.34 -3.20 -23.00
C ILE B 584 -11.38 -4.14 -23.70
N VAL B 585 -10.09 -4.02 -23.38
CA VAL B 585 -9.08 -4.84 -24.02
C VAL B 585 -9.26 -6.31 -23.63
N CYS B 586 -9.72 -6.52 -22.40
CA CYS B 586 -9.99 -7.86 -21.90
C CYS B 586 -11.15 -8.52 -22.64
N ASN B 587 -12.20 -7.75 -22.86
CA ASN B 587 -13.36 -8.21 -23.61
C ASN B 587 -13.03 -8.48 -25.04
N LEU B 588 -12.14 -7.66 -25.55
CA LEU B 588 -11.75 -7.67 -26.94
C LEU B 588 -11.00 -8.97 -27.17
N TYR B 589 -10.18 -9.33 -26.18
CA TYR B 589 -9.41 -10.58 -26.15
C TYR B 589 -10.32 -11.79 -26.11
N LYS B 590 -11.27 -11.78 -25.18
CA LYS B 590 -12.19 -12.90 -25.00
C LYS B 590 -13.05 -13.15 -26.22
N ASN B 591 -13.42 -12.07 -26.89
CA ASN B 591 -14.26 -12.15 -28.06
C ASN B 591 -13.51 -12.54 -29.31
N MET B 592 -12.27 -12.10 -29.46
CA MET B 592 -11.50 -12.51 -30.62
C MET B 592 -10.91 -13.92 -30.53
N PHE B 593 -10.39 -14.32 -29.37
CA PHE B 593 -9.69 -15.60 -29.29
C PHE B 593 -10.52 -16.70 -28.69
N HIS B 594 -11.67 -16.33 -28.17
CA HIS B 594 -12.58 -17.27 -27.55
C HIS B 594 -11.87 -18.01 -26.42
N ARG B 595 -10.97 -17.31 -25.74
CA ARG B 595 -10.22 -17.82 -24.59
C ARG B 595 -10.20 -16.77 -23.50
N ALA B 596 -10.16 -17.21 -22.25
CA ALA B 596 -10.17 -16.32 -21.09
C ALA B 596 -8.79 -16.08 -20.50
N PRO B 597 -8.40 -14.80 -20.32
CA PRO B 597 -7.18 -14.43 -19.60
C PRO B 597 -7.22 -14.84 -18.13
N ALA B 598 -6.06 -15.18 -17.57
CA ALA B 598 -5.97 -15.47 -16.15
C ALA B 598 -6.15 -14.22 -15.30
N TYR B 599 -6.84 -14.38 -14.18
CA TYR B 599 -7.17 -13.24 -13.32
C TYR B 599 -6.97 -13.55 -11.85
N VAL B 600 -6.99 -12.51 -11.01
CA VAL B 600 -6.98 -12.72 -9.56
C VAL B 600 -8.00 -11.81 -8.89
N ALA B 601 -8.57 -12.27 -7.79
CA ALA B 601 -9.60 -11.50 -7.09
C ALA B 601 -9.08 -10.37 -6.19
N THR B 602 -9.88 -9.32 -6.07
CA THR B 602 -9.72 -8.30 -5.06
C THR B 602 -11.03 -8.14 -4.36
N SER B 603 -10.98 -8.08 -3.04
CA SER B 603 -12.21 -7.99 -2.28
C SER B 603 -12.53 -6.57 -1.93
N VAL B 604 -13.51 -6.01 -2.61
CA VAL B 604 -13.99 -4.70 -2.24
C VAL B 604 -15.12 -4.86 -1.24
N GLY B 605 -14.79 -4.78 0.04
CA GLY B 605 -15.79 -4.86 1.07
C GLY B 605 -16.46 -6.22 1.07
N GLY B 606 -15.70 -7.25 0.75
CA GLY B 606 -16.23 -8.59 0.65
C GLY B 606 -16.82 -8.95 -0.71
N LYS B 607 -16.77 -8.04 -1.67
CA LYS B 607 -17.21 -8.37 -3.03
C LYS B 607 -16.04 -8.53 -3.99
N GLU B 608 -15.83 -9.76 -4.47
CA GLU B 608 -14.71 -10.07 -5.32
C GLU B 608 -14.83 -9.46 -6.71
N LEU B 609 -13.73 -8.93 -7.22
CA LEU B 609 -13.63 -8.42 -8.59
C LEU B 609 -12.38 -9.00 -9.21
N HIS B 610 -12.40 -9.19 -10.52
CA HIS B 610 -11.29 -9.82 -11.20
C HIS B 610 -10.33 -8.80 -11.76
N ILE B 611 -9.06 -8.91 -11.45
CA ILE B 611 -8.06 -8.08 -12.11
C ILE B 611 -7.24 -8.96 -13.03
N THR B 612 -6.99 -8.43 -14.22
CA THR B 612 -6.20 -9.13 -15.23
C THR B 612 -4.99 -8.24 -15.44
N HIS B 613 -3.98 -8.72 -16.18
CA HIS B 613 -2.77 -7.95 -16.40
C HIS B 613 -3.01 -6.80 -17.37
N PHE B 614 -4.14 -6.86 -18.07
CA PHE B 614 -4.55 -5.75 -18.93
C PHE B 614 -4.86 -4.53 -18.09
N GLU B 615 -5.32 -4.75 -16.86
CA GLU B 615 -5.72 -3.65 -15.99
C GLU B 615 -4.73 -3.13 -14.96
N ARG B 616 -3.46 -3.52 -14.98
CA ARG B 616 -2.59 -3.09 -13.88
C ARG B 616 -1.32 -2.31 -14.23
N TRP B 617 -1.26 -1.74 -15.42
CA TRP B 617 -0.13 -0.93 -15.87
C TRP B 617 -0.12 0.47 -15.27
N LEU B 618 1.05 1.10 -15.21
CA LEU B 618 1.21 2.43 -14.61
C LEU B 618 1.80 3.43 -15.60
N PRO B 619 1.38 4.69 -15.52
CA PRO B 619 1.81 5.80 -16.40
C PRO B 619 3.27 6.21 -16.30
N GLY B 620 3.83 6.65 -17.42
CA GLY B 620 5.17 7.21 -17.41
C GLY B 620 5.93 6.99 -18.70
N GLY B 621 5.69 5.86 -19.34
CA GLY B 621 6.48 5.46 -20.50
C GLY B 621 6.17 6.20 -21.77
N THR B 622 7.14 6.17 -22.68
CA THR B 622 6.96 6.62 -24.05
C THR B 622 6.21 5.53 -24.81
N TYR B 623 5.50 5.89 -25.86
CA TYR B 623 4.80 4.93 -26.71
C TYR B 623 5.61 4.52 -27.94
N ALA B 624 5.27 3.37 -28.49
CA ALA B 624 6.02 2.75 -29.58
C ALA B 624 5.95 3.51 -30.89
N ASN B 625 7.12 3.74 -31.49
CA ASN B 625 7.21 4.45 -32.77
C ASN B 625 8.22 3.85 -33.74
N VAL B 626 7.90 3.91 -35.04
CA VAL B 626 8.79 3.44 -36.11
C VAL B 626 9.94 4.41 -36.40
N TYR B 627 11.03 3.89 -36.94
CA TYR B 627 12.16 4.71 -37.37
C TYR B 627 12.22 4.81 -38.87
N SER B 628 12.86 5.87 -39.35
CA SER B 628 13.12 6.02 -40.76
C SER B 628 14.18 5.01 -41.17
N GLY B 629 14.42 4.88 -42.46
CA GLY B 629 15.48 4.00 -42.90
C GLY B 629 16.83 4.53 -42.49
N ALA B 630 16.93 5.86 -42.34
CA ALA B 630 18.15 6.51 -41.90
C ALA B 630 18.28 6.57 -40.39
N GLY B 631 17.23 6.18 -39.67
CA GLY B 631 17.25 6.25 -38.23
C GLY B 631 16.49 7.38 -37.58
N ALA B 632 15.98 8.32 -38.38
CA ALA B 632 15.15 9.40 -37.88
C ALA B 632 13.84 8.86 -37.35
N VAL B 633 13.30 9.41 -36.27
CA VAL B 633 12.04 8.92 -35.73
C VAL B 633 10.84 9.36 -36.58
N VAL B 634 9.76 8.59 -36.50
CA VAL B 634 8.52 8.93 -37.17
C VAL B 634 7.37 8.93 -36.17
N ASN B 635 6.74 10.09 -36.02
CA ASN B 635 5.69 10.26 -35.02
C ASN B 635 4.27 10.03 -35.50
N CYS B 636 4.04 10.14 -36.81
CA CYS B 636 2.68 10.34 -37.30
C CYS B 636 1.72 9.17 -37.09
N PHE B 637 2.22 7.95 -37.06
CA PHE B 637 1.36 6.78 -36.95
C PHE B 637 0.83 6.54 -35.54
N SER B 638 -0.29 5.83 -35.43
CA SER B 638 -0.75 5.27 -34.16
C SER B 638 0.28 4.24 -33.71
N PRO B 639 0.33 3.90 -32.42
CA PRO B 639 1.32 2.92 -31.98
C PRO B 639 1.21 1.56 -32.68
N VAL B 640 2.36 0.99 -33.04
CA VAL B 640 2.42 -0.31 -33.69
C VAL B 640 3.62 -1.11 -33.19
N LEU B 641 3.45 -2.44 -33.14
CA LEU B 641 4.54 -3.38 -32.80
C LEU B 641 4.80 -4.55 -33.77
N ILE B 642 3.77 -5.00 -34.48
CA ILE B 642 3.82 -6.21 -35.29
C ILE B 642 3.10 -6.07 -36.63
N PRO B 643 3.55 -6.82 -37.66
CA PRO B 643 2.86 -6.87 -38.96
C PRO B 643 1.45 -7.41 -38.83
N ASP B 644 0.52 -6.91 -39.64
CA ASP B 644 -0.88 -7.23 -39.42
C ASP B 644 -1.30 -8.63 -39.85
N ILE B 645 -0.45 -9.36 -40.56
CA ILE B 645 -0.74 -10.76 -40.83
C ILE B 645 -0.84 -11.57 -39.54
N TRP B 646 -0.07 -11.19 -38.53
CA TRP B 646 -0.16 -11.83 -37.23
C TRP B 646 -1.50 -11.56 -36.60
N CYS B 647 -1.93 -10.31 -36.68
CA CYS B 647 -3.19 -9.92 -36.09
C CYS B 647 -4.37 -10.60 -36.75
N GLN B 648 -4.26 -10.79 -38.07
CA GLN B 648 -5.37 -11.29 -38.88
C GLN B 648 -5.36 -12.78 -39.29
N TYR B 649 -4.31 -13.51 -38.97
CA TYR B 649 -4.29 -14.93 -39.29
C TYR B 649 -4.54 -15.80 -38.07
N PHE B 650 -4.45 -15.20 -36.89
CA PHE B 650 -4.55 -15.95 -35.65
C PHE B 650 -5.72 -15.60 -34.78
N THR B 651 -6.69 -14.90 -35.31
CA THR B 651 -7.90 -14.61 -34.56
C THR B 651 -9.05 -15.40 -35.12
N ALA B 652 -9.90 -15.89 -34.22
CA ALA B 652 -11.12 -16.61 -34.60
C ALA B 652 -12.09 -15.66 -35.30
N LYS B 653 -12.20 -14.46 -34.74
CA LYS B 653 -13.06 -13.41 -35.26
C LYS B 653 -12.26 -12.12 -35.22
N LEU B 654 -12.58 -11.19 -36.10
CA LEU B 654 -11.78 -9.96 -36.20
C LEU B 654 -12.61 -8.71 -36.50
N PRO B 655 -12.07 -7.54 -36.15
CA PRO B 655 -12.68 -6.26 -36.51
C PRO B 655 -12.62 -6.01 -38.02
N LEU B 656 -13.63 -5.33 -38.56
CA LEU B 656 -13.75 -5.11 -39.99
C LEU B 656 -12.63 -4.27 -40.63
N PHE B 657 -12.23 -3.19 -39.96
CA PHE B 657 -11.23 -2.28 -40.52
C PHE B 657 -9.86 -2.91 -40.64
N ALA B 658 -9.70 -4.10 -40.08
CA ALA B 658 -8.39 -4.74 -40.02
C ALA B 658 -8.25 -6.00 -40.86
N GLY B 659 -9.30 -6.36 -41.59
CA GLY B 659 -9.26 -7.58 -42.36
C GLY B 659 -8.28 -7.51 -43.49
N ALA B 660 -7.89 -8.67 -44.00
CA ALA B 660 -6.93 -8.76 -45.09
C ALA B 660 -7.54 -8.33 -46.41
N PHE B 661 -6.72 -7.85 -47.34
CA PHE B 661 -7.24 -7.55 -48.66
C PHE B 661 -7.45 -8.86 -49.40
N PRO B 662 -8.64 -9.03 -50.00
CA PRO B 662 -9.04 -10.26 -50.70
C PRO B 662 -8.22 -10.56 -51.93
N PRO B 663 -8.06 -11.85 -52.26
CA PRO B 663 -7.35 -12.34 -53.44
C PRO B 663 -7.99 -11.92 -54.74
N ALA B 664 -7.19 -11.70 -55.78
CA ALA B 664 -7.75 -11.44 -57.09
C ALA B 664 -8.50 -12.66 -57.62
N GLN B 665 -9.70 -12.46 -58.13
CA GLN B 665 -10.52 -13.54 -58.64
C GLN B 665 -11.25 -13.13 -59.88
N GLY B 666 -10.65 -13.39 -61.03
CA GLY B 666 -11.26 -12.99 -62.28
C GLY B 666 -11.33 -11.49 -62.32
N GLN B 667 -12.51 -10.94 -62.53
CA GLN B 667 -12.66 -9.48 -62.56
C GLN B 667 -12.34 -8.76 -61.24
N ASN B 668 -12.86 -9.28 -60.13
CA ASN B 668 -12.77 -8.64 -58.82
C ASN B 668 -11.39 -8.68 -58.14
N SER B 669 -11.07 -7.63 -57.39
CA SER B 669 -9.83 -7.58 -56.60
C SER B 669 -10.02 -7.05 -55.18
N THR B 670 -10.30 -5.75 -55.06
CA THR B 670 -10.52 -5.08 -53.78
C THR B 670 -11.55 -3.97 -53.99
N LYS B 671 -12.22 -3.53 -52.92
CA LYS B 671 -13.26 -2.51 -53.13
C LYS B 671 -13.46 -1.56 -51.94
N GLY B 672 -14.11 -0.43 -52.16
CA GLY B 672 -14.28 0.60 -51.12
C GLY B 672 -15.70 1.10 -50.86
N PHE B 673 -15.93 1.64 -49.67
CA PHE B 673 -17.24 2.07 -49.21
C PHE B 673 -17.56 3.50 -49.59
N ASN B 674 -18.83 3.79 -49.81
CA ASN B 674 -19.23 5.08 -50.34
C ASN B 674 -20.41 5.67 -49.59
N SER B 675 -21.08 6.62 -50.22
CA SER B 675 -22.16 7.38 -49.60
C SER B 675 -23.37 6.54 -49.28
N LYS B 676 -23.44 5.37 -49.90
CA LYS B 676 -24.52 4.42 -49.67
C LYS B 676 -24.30 3.75 -48.33
N GLN B 677 -23.11 3.98 -47.78
CA GLN B 677 -22.73 3.45 -46.49
C GLN B 677 -22.83 4.54 -45.43
N GLY B 678 -23.15 5.76 -45.86
CA GLY B 678 -23.22 6.90 -44.95
C GLY B 678 -21.99 7.79 -44.94
N LEU B 679 -21.08 7.57 -45.88
CA LEU B 679 -19.81 8.27 -45.92
C LEU B 679 -19.85 9.45 -46.90
N MET B 680 -18.84 10.32 -46.89
CA MET B 680 -18.76 11.39 -47.91
C MET B 680 -17.36 11.99 -48.11
N ILE B 681 -17.01 12.28 -49.35
CA ILE B 681 -15.67 12.78 -49.72
C ILE B 681 -15.32 14.19 -49.22
N HIS B 682 -14.09 14.37 -48.73
CA HIS B 682 -13.59 15.69 -48.35
C HIS B 682 -12.89 16.43 -49.47
N ARG B 683 -13.24 17.70 -49.66
CA ARG B 683 -12.57 18.58 -50.60
C ARG B 683 -12.28 19.93 -49.95
N ASN B 684 -11.22 20.59 -50.39
CA ASN B 684 -10.81 21.87 -49.82
C ASN B 684 -10.60 22.93 -50.89
N GLN B 685 -9.93 24.02 -50.55
CA GLN B 685 -9.72 25.08 -51.52
C GLN B 685 -8.82 24.65 -52.67
N ASN B 686 -7.89 23.75 -52.37
CA ASN B 686 -6.98 23.20 -53.38
C ASN B 686 -7.73 22.26 -54.32
N ASN B 687 -7.43 22.32 -55.62
CA ASN B 687 -8.09 21.43 -56.56
C ASN B 687 -7.26 20.20 -56.90
N ASN B 688 -6.18 19.97 -56.16
CA ASN B 688 -5.33 18.84 -56.48
C ASN B 688 -5.01 18.01 -55.24
N LEU B 689 -6.01 17.90 -54.38
CA LEU B 689 -5.94 17.03 -53.22
C LEU B 689 -7.28 16.38 -53.00
N VAL B 690 -7.29 15.06 -52.86
CA VAL B 690 -8.54 14.34 -52.68
C VAL B 690 -8.40 13.36 -51.52
N ALA B 691 -9.39 13.36 -50.64
CA ALA B 691 -9.41 12.49 -49.47
C ALA B 691 -10.60 11.56 -49.56
N PRO B 692 -10.51 10.39 -48.92
CA PRO B 692 -11.51 9.35 -49.19
C PRO B 692 -12.90 9.67 -48.70
N TYR B 693 -13.86 8.79 -48.96
CA TYR B 693 -15.13 8.88 -48.27
C TYR B 693 -14.83 8.72 -46.81
N LEU B 694 -15.38 9.59 -45.98
CA LEU B 694 -15.10 9.55 -44.56
C LEU B 694 -16.39 9.77 -43.83
N GLU B 695 -16.34 10.14 -42.57
CA GLU B 695 -17.54 10.40 -41.79
C GLU B 695 -18.16 11.70 -42.25
N LYS B 696 -19.44 11.90 -41.99
CA LYS B 696 -20.07 13.18 -42.24
C LYS B 696 -19.68 14.29 -41.26
N PHE B 697 -19.19 13.93 -40.09
CA PHE B 697 -18.73 14.92 -39.13
C PHE B 697 -17.36 15.46 -39.52
N ALA B 698 -16.70 14.77 -40.44
CA ALA B 698 -15.38 15.15 -40.90
C ALA B 698 -15.44 16.48 -41.63
N ASP B 699 -16.61 16.79 -42.15
CA ASP B 699 -16.86 18.06 -42.83
C ASP B 699 -16.85 19.23 -41.85
N ASN B 700 -17.24 18.97 -40.60
CA ASN B 700 -17.33 20.03 -39.60
C ASN B 700 -16.38 19.93 -38.43
N SER B 701 -15.10 19.64 -38.68
CA SER B 701 -14.12 19.64 -37.61
C SER B 701 -12.70 19.62 -38.11
N SER B 702 -12.17 20.76 -38.50
CA SER B 702 -10.74 20.87 -38.72
C SER B 702 -9.96 20.66 -37.44
N TYR B 703 -10.56 21.14 -36.35
CA TYR B 703 -10.16 20.85 -34.98
C TYR B 703 -11.30 20.13 -34.31
N PHE B 704 -11.02 19.13 -33.49
CA PHE B 704 -12.10 18.49 -32.77
C PHE B 704 -12.56 19.44 -31.68
N PRO B 705 -13.87 19.46 -31.40
CA PRO B 705 -14.37 20.25 -30.29
C PRO B 705 -13.81 19.70 -28.99
N VAL B 706 -13.55 20.55 -28.01
CA VAL B 706 -13.05 20.09 -26.74
C VAL B 706 -14.06 19.14 -26.12
N GLY B 707 -13.60 18.09 -25.45
CA GLY B 707 -14.52 17.12 -24.89
C GLY B 707 -14.90 16.03 -25.87
N GLN B 708 -14.31 16.07 -27.06
CA GLN B 708 -14.67 15.12 -28.11
C GLN B 708 -13.50 14.72 -29.00
N GLY B 709 -13.49 13.48 -29.47
CA GLY B 709 -12.44 13.01 -30.35
C GLY B 709 -13.02 12.12 -31.42
N PRO B 710 -12.18 11.59 -32.32
CA PRO B 710 -12.67 10.78 -33.43
C PRO B 710 -13.39 9.50 -32.99
N GLU B 711 -14.45 9.10 -33.69
CA GLU B 711 -15.29 8.00 -33.22
C GLU B 711 -15.05 6.76 -34.04
N ILE B 712 -15.36 5.61 -33.48
CA ILE B 712 -15.17 4.37 -34.19
C ILE B 712 -16.05 4.31 -35.43
N ASN B 713 -15.43 3.91 -36.54
CA ASN B 713 -16.12 3.76 -37.81
C ASN B 713 -15.21 2.95 -38.71
N ASP B 714 -15.53 1.69 -38.89
CA ASP B 714 -14.67 0.75 -39.59
C ASP B 714 -14.44 1.04 -41.05
N MET B 715 -15.46 1.61 -41.69
CA MET B 715 -15.47 1.72 -43.14
C MET B 715 -14.62 2.88 -43.60
N ALA B 716 -14.68 3.99 -42.87
CA ALA B 716 -13.84 5.12 -43.15
C ALA B 716 -12.37 4.77 -42.92
N THR B 717 -12.11 3.92 -41.93
CA THR B 717 -10.77 3.44 -41.63
C THR B 717 -10.27 2.54 -42.74
N TRP B 718 -11.19 1.75 -43.30
CA TRP B 718 -10.89 0.92 -44.43
C TRP B 718 -10.47 1.77 -45.61
N ASN B 719 -11.23 2.82 -45.89
CA ASN B 719 -10.90 3.75 -46.97
C ASN B 719 -9.59 4.44 -46.73
N GLY B 720 -9.28 4.68 -45.45
CA GLY B 720 -8.03 5.31 -45.12
C GLY B 720 -6.88 4.38 -45.42
N ARG B 721 -7.08 3.09 -45.18
CA ARG B 721 -6.10 2.08 -45.55
C ARG B 721 -5.94 1.96 -47.06
N LEU B 722 -7.00 2.19 -47.81
CA LEU B 722 -6.90 2.14 -49.27
C LEU B 722 -6.11 3.29 -49.83
N TRP B 723 -6.33 4.49 -49.30
CA TRP B 723 -5.46 5.61 -49.61
C TRP B 723 -4.03 5.39 -49.18
N MET B 724 -3.81 4.80 -48.02
CA MET B 724 -2.45 4.57 -47.54
C MET B 724 -1.68 3.53 -48.34
N THR B 725 -2.37 2.51 -48.82
CA THR B 725 -1.71 1.36 -49.43
C THR B 725 -1.31 1.62 -50.89
N THR B 726 -1.81 2.69 -51.48
CA THR B 726 -1.22 3.21 -52.71
C THR B 726 0.15 3.73 -52.34
N GLY B 727 1.05 3.81 -53.30
CA GLY B 727 2.43 4.09 -52.93
C GLY B 727 2.74 5.54 -52.68
N ASN B 728 1.72 6.39 -52.69
CA ASN B 728 1.98 7.81 -52.67
C ASN B 728 0.92 8.68 -51.99
N VAL B 729 0.77 8.46 -50.69
CA VAL B 729 -0.17 9.18 -49.84
C VAL B 729 0.45 10.48 -49.38
N GLN B 730 -0.37 11.40 -48.92
CA GLN B 730 0.16 12.62 -48.35
C GLN B 730 -0.59 12.97 -47.06
N TYR B 731 0.17 13.17 -45.98
CA TYR B 731 -0.42 13.35 -44.64
C TYR B 731 -0.54 14.81 -44.27
N LEU B 732 -1.75 15.34 -44.27
CA LEU B 732 -1.93 16.78 -44.24
C LEU B 732 -3.15 17.27 -43.47
N ASP B 733 -3.19 18.57 -43.24
CA ASP B 733 -4.23 19.31 -42.54
C ASP B 733 -5.54 19.50 -43.36
N TYR B 734 -6.60 20.01 -42.74
CA TYR B 734 -7.91 20.14 -43.40
C TYR B 734 -7.75 21.03 -44.62
N SER B 735 -6.81 21.96 -44.49
CA SER B 735 -6.47 22.93 -45.50
C SER B 735 -5.37 22.48 -46.45
N GLY B 736 -4.79 21.32 -46.18
CA GLY B 736 -3.63 20.88 -46.92
C GLY B 736 -2.29 21.34 -46.38
N ALA B 737 -2.29 21.84 -45.15
CA ALA B 737 -1.04 22.22 -44.48
C ALA B 737 -0.34 21.04 -43.79
N ALA B 738 0.98 21.15 -43.61
CA ALA B 738 1.75 20.11 -42.94
C ALA B 738 1.39 20.02 -41.46
N ILE B 739 1.29 18.79 -40.95
CA ILE B 739 1.09 18.58 -39.52
C ILE B 739 2.42 18.61 -38.79
N VAL B 740 2.38 18.86 -37.49
CA VAL B 740 3.59 19.01 -36.68
C VAL B 740 4.39 17.72 -36.48
N GLU B 741 3.70 16.60 -36.59
CA GLU B 741 4.30 15.30 -36.38
C GLU B 741 5.24 14.88 -37.49
N ALA B 742 6.34 14.22 -37.13
CA ALA B 742 7.31 13.76 -38.12
C ALA B 742 6.73 12.68 -39.00
N VAL B 743 6.99 12.77 -40.30
CA VAL B 743 6.34 11.90 -41.27
C VAL B 743 7.38 11.12 -42.05
N PRO B 744 7.01 9.91 -42.51
CA PRO B 744 7.93 9.03 -43.23
C PRO B 744 8.33 9.58 -44.57
N PRO B 745 9.48 9.17 -45.08
CA PRO B 745 9.84 9.52 -46.46
C PRO B 745 8.80 8.93 -47.40
N ALA B 746 8.49 9.64 -48.48
CA ALA B 746 7.20 9.50 -49.14
C ALA B 746 6.88 8.09 -49.60
N GLY B 747 5.65 7.66 -49.30
CA GLY B 747 5.15 6.38 -49.74
C GLY B 747 5.56 5.16 -48.94
N GLU B 748 6.21 5.38 -47.80
CA GLU B 748 6.69 4.29 -46.98
C GLU B 748 5.80 3.95 -45.79
N LEU B 749 5.81 2.70 -45.39
CA LEU B 749 4.98 2.21 -44.31
C LEU B 749 5.85 1.37 -43.39
N PRO B 750 5.50 1.28 -42.09
CA PRO B 750 6.33 0.43 -41.22
C PRO B 750 6.30 -1.03 -41.64
N VAL B 751 7.41 -1.73 -41.48
CA VAL B 751 7.51 -3.08 -42.02
C VAL B 751 8.30 -3.96 -41.04
N GLY B 752 8.02 -5.26 -41.06
CA GLY B 752 8.56 -6.16 -40.06
C GLY B 752 10.03 -6.47 -40.16
N LYS B 753 10.60 -6.96 -39.06
CA LYS B 753 12.04 -7.15 -38.92
C LYS B 753 12.65 -8.25 -39.79
N GLN B 754 13.79 -7.94 -40.38
CA GLN B 754 14.60 -8.90 -41.13
C GLN B 754 15.36 -9.90 -40.26
N ILE B 755 15.41 -11.16 -40.70
CA ILE B 755 16.25 -12.19 -40.09
C ILE B 755 16.92 -12.97 -41.20
N PRO B 756 18.05 -13.63 -40.93
CA PRO B 756 18.67 -14.45 -41.98
C PRO B 756 17.80 -15.63 -42.47
N LEU B 757 17.90 -15.91 -43.77
CA LEU B 757 17.12 -16.95 -44.44
C LEU B 757 17.75 -18.33 -44.42
N LEU B 758 16.90 -19.35 -44.42
CA LEU B 758 17.34 -20.73 -44.61
C LEU B 758 17.28 -21.09 -46.08
N ALA B 759 17.92 -22.18 -46.48
CA ALA B 759 17.90 -22.54 -47.88
C ALA B 759 16.49 -22.88 -48.32
N GLY B 760 16.07 -22.30 -49.44
CA GLY B 760 14.73 -22.50 -49.94
C GLY B 760 13.69 -21.45 -49.58
N GLU B 761 13.96 -20.65 -48.54
CA GLU B 761 13.10 -19.51 -48.21
C GLU B 761 13.25 -18.33 -49.15
N ASN B 762 12.19 -17.54 -49.23
CA ASN B 762 12.22 -16.26 -49.90
C ASN B 762 11.83 -15.15 -48.94
N ALA B 763 12.34 -13.93 -49.17
CA ALA B 763 11.92 -12.77 -48.40
C ALA B 763 10.50 -12.38 -48.74
N PRO B 764 9.76 -11.81 -47.77
CA PRO B 764 8.44 -11.28 -48.07
C PRO B 764 8.45 -10.12 -49.07
N ILE B 765 7.42 -10.08 -49.91
CA ILE B 765 7.33 -9.10 -50.97
C ILE B 765 6.36 -7.99 -50.63
N GLU B 766 6.63 -6.80 -51.14
CA GLU B 766 5.69 -5.68 -51.08
C GLU B 766 5.14 -5.44 -49.68
N LEU B 767 3.82 -5.38 -49.56
CA LEU B 767 3.22 -5.06 -48.28
C LEU B 767 2.72 -6.27 -47.56
N THR B 768 3.42 -7.37 -47.71
CA THR B 768 2.97 -8.64 -47.17
C THR B 768 3.41 -8.76 -45.72
N ASN B 769 4.31 -7.90 -45.29
CA ASN B 769 4.93 -8.00 -43.98
C ASN B 769 4.90 -6.64 -43.29
N ALA B 770 4.03 -5.78 -43.78
CA ALA B 770 3.87 -4.43 -43.24
C ALA B 770 2.72 -4.31 -42.27
N ALA B 771 2.72 -3.26 -41.47
CA ALA B 771 1.53 -2.85 -40.75
C ALA B 771 0.76 -1.87 -41.61
N THR B 772 -0.56 -1.95 -41.60
CA THR B 772 -1.38 -1.15 -42.50
C THR B 772 -2.44 -0.36 -41.75
N THR B 773 -2.91 -0.94 -40.65
CA THR B 773 -4.08 -0.44 -39.93
C THR B 773 -3.82 0.86 -39.16
N CYS B 774 -2.56 1.19 -38.95
CA CYS B 774 -2.20 2.36 -38.14
C CYS B 774 -2.49 3.66 -38.85
N VAL B 775 -3.76 4.05 -38.92
CA VAL B 775 -4.15 5.20 -39.71
C VAL B 775 -4.33 6.40 -38.82
N PRO B 776 -3.44 7.40 -38.94
CA PRO B 776 -3.54 8.57 -38.06
C PRO B 776 -4.81 9.38 -38.28
N ARG B 777 -5.39 9.92 -37.21
CA ARG B 777 -6.55 10.79 -37.37
C ARG B 777 -6.52 11.97 -36.41
N TYR B 778 -5.90 11.78 -35.25
CA TYR B 778 -5.86 12.84 -34.23
C TYR B 778 -4.46 13.39 -34.02
N SER B 779 -4.25 14.65 -34.38
CA SER B 779 -2.95 15.33 -34.26
C SER B 779 -2.66 15.81 -32.84
N ASN B 780 -1.39 16.05 -32.55
CA ASN B 780 -0.97 16.51 -31.23
C ASN B 780 -1.59 17.82 -30.79
N ASP B 781 -1.85 18.72 -31.73
CA ASP B 781 -2.38 20.02 -31.37
C ASP B 781 -3.87 20.13 -31.60
N GLY B 782 -4.53 19.01 -31.87
CA GLY B 782 -5.98 18.98 -31.94
C GLY B 782 -6.60 19.00 -33.31
N ARG B 783 -5.76 19.09 -34.35
CA ARG B 783 -6.23 19.02 -35.74
C ARG B 783 -6.60 17.62 -36.18
N ARG B 784 -7.49 17.49 -37.18
CA ARG B 784 -7.63 16.23 -37.91
C ARG B 784 -6.43 16.04 -38.81
N ILE B 785 -6.16 14.79 -39.16
CA ILE B 785 -5.19 14.48 -40.18
C ILE B 785 -5.96 13.85 -41.33
N PHE B 786 -5.66 14.27 -42.56
CA PHE B 786 -6.26 13.71 -43.75
C PHE B 786 -5.21 13.07 -44.63
N THR B 787 -5.58 11.93 -45.22
CA THR B 787 -4.78 11.28 -46.24
C THR B 787 -5.19 11.78 -47.61
N TYR B 788 -4.28 12.45 -48.31
CA TYR B 788 -4.61 12.99 -49.60
C TYR B 788 -3.90 12.33 -50.76
N LEU B 789 -4.56 12.36 -51.91
CA LEU B 789 -3.99 11.99 -53.19
C LEU B 789 -4.26 13.10 -54.19
N THR B 790 -3.39 13.25 -55.17
CA THR B 790 -3.64 14.20 -56.25
C THR B 790 -4.77 13.66 -57.10
N THR B 791 -5.46 14.53 -57.82
CA THR B 791 -6.65 14.16 -58.58
C THR B 791 -6.48 12.95 -59.51
N ALA B 792 -5.44 13.00 -60.32
CA ALA B 792 -5.17 11.95 -61.28
C ALA B 792 -4.82 10.64 -60.59
N GLN B 793 -4.14 10.72 -59.46
CA GLN B 793 -3.90 9.57 -58.62
C GLN B 793 -5.18 9.14 -57.96
N SER B 794 -6.11 10.06 -57.83
CA SER B 794 -7.30 9.81 -57.05
C SER B 794 -8.41 9.10 -57.79
N VAL B 795 -8.36 9.06 -59.11
CA VAL B 795 -9.53 8.53 -59.83
C VAL B 795 -9.87 7.02 -59.68
N ILE B 796 -8.91 6.12 -59.85
CA ILE B 796 -9.20 4.69 -59.69
C ILE B 796 -9.67 4.30 -58.27
N PRO B 797 -8.99 4.77 -57.20
CA PRO B 797 -9.49 4.43 -55.85
C PRO B 797 -10.92 4.87 -55.52
N VAL B 798 -11.34 6.03 -55.99
CA VAL B 798 -12.69 6.52 -55.72
C VAL B 798 -13.71 5.68 -56.42
N GLN B 799 -13.38 5.26 -57.63
CA GLN B 799 -14.27 4.37 -58.35
C GLN B 799 -14.32 3.00 -57.70
N ALA B 800 -13.22 2.61 -57.07
CA ALA B 800 -13.21 1.38 -56.28
C ALA B 800 -14.14 1.45 -55.07
N CYS B 801 -14.25 2.62 -54.45
CA CYS B 801 -15.25 2.82 -53.41
C CYS B 801 -16.66 2.78 -53.98
N ASN B 802 -16.80 3.23 -55.23
CA ASN B 802 -18.09 3.24 -55.92
C ASN B 802 -18.43 1.92 -56.58
N ARG B 803 -17.54 0.94 -56.41
CA ARG B 803 -17.72 -0.43 -56.87
C ARG B 803 -17.73 -0.51 -58.39
N ALA B 804 -17.01 0.39 -59.05
CA ALA B 804 -16.96 0.44 -60.50
C ALA B 804 -15.56 0.19 -61.07
N ALA B 805 -14.62 -0.08 -60.16
CA ALA B 805 -13.22 -0.33 -60.48
C ALA B 805 -12.56 -1.18 -59.38
N ASN B 806 -11.41 -1.77 -59.70
CA ASN B 806 -10.72 -2.65 -58.74
C ASN B 806 -9.26 -2.25 -58.46
N LEU B 807 -8.83 -2.44 -57.22
CA LEU B 807 -7.46 -2.09 -56.84
C LEU B 807 -6.63 -3.33 -56.53
N ALA B 808 -5.47 -3.44 -57.18
CA ALA B 808 -4.57 -4.57 -56.98
C ALA B 808 -3.93 -4.56 -55.60
N ARG B 809 -3.72 -5.75 -55.05
CA ARG B 809 -3.08 -5.89 -53.74
C ARG B 809 -2.37 -7.22 -53.60
N SER B 810 -1.39 -7.28 -52.70
CA SER B 810 -0.77 -8.55 -52.37
C SER B 810 -1.42 -9.27 -51.19
N CYS B 811 -1.27 -10.60 -51.14
CA CYS B 811 -1.81 -11.36 -50.02
C CYS B 811 -1.02 -12.64 -49.74
N TRP B 812 -1.18 -13.19 -48.55
CA TRP B 812 -0.73 -14.54 -48.26
C TRP B 812 -1.71 -15.56 -48.82
N LEU B 813 -1.21 -16.71 -49.27
CA LEU B 813 -2.08 -17.74 -49.80
C LEU B 813 -2.33 -18.80 -48.73
N LEU B 814 -3.06 -18.42 -47.69
CA LEU B 814 -3.26 -19.24 -46.50
C LEU B 814 -4.73 -19.38 -46.18
N SER B 815 -5.18 -20.59 -45.87
CA SER B 815 -6.59 -20.85 -45.56
C SER B 815 -6.85 -20.74 -44.06
N ASN B 816 -8.11 -20.72 -43.66
CA ASN B 816 -8.46 -20.53 -42.25
C ASN B 816 -8.76 -21.80 -41.49
N VAL B 817 -8.17 -21.92 -40.31
CA VAL B 817 -8.46 -22.96 -39.35
C VAL B 817 -8.30 -22.42 -37.93
N TYR B 818 -9.19 -22.79 -37.02
CA TYR B 818 -9.03 -22.37 -35.63
C TYR B 818 -9.57 -23.47 -34.73
N ALA B 819 -8.69 -24.06 -33.94
CA ALA B 819 -9.00 -25.26 -33.15
C ALA B 819 -9.83 -25.01 -31.88
N GLU B 820 -10.61 -26.02 -31.50
CA GLU B 820 -11.24 -26.08 -30.20
C GLU B 820 -10.15 -26.33 -29.18
N PRO B 821 -10.34 -25.91 -27.91
CA PRO B 821 -9.17 -25.91 -27.02
C PRO B 821 -8.56 -27.30 -26.80
N ALA B 822 -7.23 -27.32 -26.80
CA ALA B 822 -6.46 -28.56 -26.70
C ALA B 822 -6.57 -29.23 -25.35
N LEU B 823 -6.61 -28.43 -24.28
CA LEU B 823 -6.74 -28.97 -22.91
C LEU B 823 -7.57 -28.12 -21.93
N GLN B 824 -8.51 -28.77 -21.24
CA GLN B 824 -9.29 -28.15 -20.16
C GLN B 824 -8.56 -27.79 -18.86
N ALA B 825 -7.76 -28.72 -18.36
CA ALA B 825 -7.18 -28.62 -17.02
C ALA B 825 -6.21 -27.46 -16.77
N LEU B 826 -5.41 -27.17 -17.78
CA LEU B 826 -4.27 -26.26 -17.62
C LEU B 826 -3.07 -27.07 -17.14
N GLY B 827 -3.27 -28.38 -17.01
CA GLY B 827 -2.19 -29.31 -16.71
C GLY B 827 -2.26 -30.57 -17.55
N ASP B 828 -1.13 -31.00 -18.10
CA ASP B 828 -1.05 -32.26 -18.82
C ASP B 828 -1.06 -33.46 -17.87
N GLU B 829 -1.63 -34.57 -18.29
CA GLU B 829 -1.65 -35.76 -17.45
C GLU B 829 -2.29 -36.91 -18.21
N VAL B 830 -1.76 -38.12 -18.01
CA VAL B 830 -2.23 -39.29 -18.74
C VAL B 830 -2.28 -40.47 -17.78
N GLU B 831 -3.36 -41.25 -17.81
CA GLU B 831 -3.36 -42.46 -17.00
C GLU B 831 -2.31 -43.46 -17.45
N ASP B 832 -1.57 -43.97 -16.47
CA ASP B 832 -0.67 -45.07 -16.66
C ASP B 832 -1.52 -46.27 -16.24
N ALA B 833 -1.05 -47.49 -16.47
CA ALA B 833 -1.86 -48.63 -16.05
C ALA B 833 -2.04 -48.64 -14.53
N PHE B 834 -1.01 -48.21 -13.83
CA PHE B 834 -1.03 -48.20 -12.37
C PHE B 834 -1.98 -47.15 -11.83
N ASP B 835 -2.21 -46.10 -12.59
CA ASP B 835 -3.17 -45.08 -12.17
C ASP B 835 -4.57 -45.66 -12.17
N THR B 836 -4.81 -46.63 -13.04
CA THR B 836 -6.11 -47.26 -13.11
C THR B 836 -6.23 -48.39 -12.10
N LEU B 837 -5.12 -49.07 -11.83
CA LEU B 837 -5.10 -50.10 -10.79
C LEU B 837 -5.38 -49.52 -9.41
N THR B 838 -4.97 -48.27 -9.21
CA THR B 838 -5.07 -47.63 -7.92
C THR B 838 -5.82 -46.33 -8.07
N ASN B 839 -7.08 -46.41 -8.48
CA ASN B 839 -7.83 -45.22 -8.83
C ASN B 839 -8.71 -44.67 -7.72
N SER B 840 -9.63 -45.50 -7.25
CA SER B 840 -10.65 -45.03 -6.31
C SER B 840 -10.06 -44.57 -4.99
N SER B 841 -9.03 -45.27 -4.55
CA SER B 841 -8.36 -44.95 -3.29
C SER B 841 -7.77 -43.55 -3.35
N PHE B 842 -7.14 -43.24 -4.47
CA PHE B 842 -6.62 -41.90 -4.64
C PHE B 842 -7.77 -40.91 -4.70
N LEU B 843 -8.83 -41.27 -5.41
CA LEU B 843 -9.93 -40.34 -5.61
C LEU B 843 -10.58 -39.92 -4.31
N ASP B 844 -10.67 -40.81 -3.32
CA ASP B 844 -11.33 -40.39 -2.09
C ASP B 844 -10.34 -39.87 -1.05
N VAL B 845 -9.12 -40.41 -1.03
CA VAL B 845 -8.12 -39.89 -0.10
C VAL B 845 -7.82 -38.42 -0.43
N ALA B 846 -7.89 -38.10 -1.72
CA ALA B 846 -7.67 -36.73 -2.17
C ALA B 846 -8.71 -35.78 -1.58
N LYS B 847 -9.98 -36.11 -1.77
CA LYS B 847 -11.07 -35.31 -1.24
C LYS B 847 -11.03 -35.26 0.28
N SER B 848 -10.53 -36.34 0.89
CA SER B 848 -10.47 -36.40 2.35
C SER B 848 -9.34 -35.54 2.88
N VAL B 849 -8.40 -35.16 2.02
CA VAL B 849 -7.40 -34.19 2.44
C VAL B 849 -7.82 -32.75 2.12
N ALA B 850 -8.54 -32.55 1.02
CA ALA B 850 -8.95 -31.22 0.61
C ALA B 850 -9.86 -30.57 1.64
N GLU B 851 -10.67 -31.38 2.30
CA GLU B 851 -11.53 -30.91 3.38
C GLU B 851 -10.80 -30.87 4.72
N SER B 852 -9.62 -31.45 4.74
CA SER B 852 -8.90 -31.68 5.98
C SER B 852 -7.97 -30.55 6.35
N ALA B 853 -8.14 -29.39 5.72
CA ALA B 853 -7.30 -28.24 6.01
C ALA B 853 -7.54 -27.77 7.44
N GLY B 854 -6.52 -27.88 8.27
CA GLY B 854 -6.62 -27.41 9.65
C GLY B 854 -7.38 -28.36 10.55
N GLU B 855 -7.60 -29.59 10.09
CA GLU B 855 -8.26 -30.61 10.89
C GLU B 855 -7.25 -31.50 11.62
N VAL B 856 -7.66 -32.03 12.77
CA VAL B 856 -6.97 -33.11 13.46
C VAL B 856 -8.00 -34.13 13.91
N PRO B 857 -7.60 -35.41 14.05
CA PRO B 857 -8.56 -36.42 14.49
C PRO B 857 -9.21 -36.14 15.85
N ALA B 858 -8.47 -35.55 16.78
CA ALA B 858 -9.10 -35.12 18.02
C ALA B 858 -10.06 -33.99 17.73
N THR B 859 -11.25 -34.04 18.31
CA THR B 859 -12.23 -32.99 18.10
C THR B 859 -12.44 -32.27 19.40
N LYS B 860 -13.21 -31.18 19.38
CA LYS B 860 -13.41 -30.41 20.59
C LYS B 860 -14.12 -31.26 21.64
N ALA B 861 -14.96 -32.19 21.19
CA ALA B 861 -15.72 -33.03 22.11
C ALA B 861 -14.83 -33.92 22.97
N LEU B 862 -13.65 -34.29 22.47
CA LEU B 862 -12.69 -35.06 23.26
C LEU B 862 -11.83 -34.23 24.18
N THR B 863 -11.35 -33.11 23.68
CA THR B 863 -10.40 -32.30 24.43
C THR B 863 -11.12 -31.46 25.47
N ASP B 864 -12.44 -31.41 25.37
CA ASP B 864 -13.28 -30.85 26.41
C ASP B 864 -13.20 -31.69 27.68
N LEU B 865 -13.16 -33.01 27.51
CA LEU B 865 -13.20 -33.92 28.63
C LEU B 865 -12.00 -33.76 29.54
N GLN B 866 -10.86 -33.41 28.95
CA GLN B 866 -9.63 -33.19 29.71
C GLN B 866 -9.58 -31.83 30.39
N ALA B 867 -10.44 -30.92 29.95
CA ALA B 867 -10.43 -29.54 30.45
C ALA B 867 -10.91 -29.45 31.88
N VAL B 868 -10.36 -28.50 32.61
CA VAL B 868 -10.75 -28.25 33.99
C VAL B 868 -12.10 -27.57 34.08
N ASP B 869 -12.26 -26.48 33.34
CA ASP B 869 -13.44 -25.65 33.39
C ASP B 869 -13.88 -25.29 31.97
N VAL B 870 -14.77 -26.11 31.42
CA VAL B 870 -15.11 -26.06 30.01
C VAL B 870 -15.80 -24.76 29.56
N SER B 871 -16.57 -24.16 30.44
CA SER B 871 -17.31 -22.93 30.12
C SER B 871 -16.39 -21.74 29.86
N SER B 872 -15.21 -21.75 30.44
CA SER B 872 -14.31 -20.62 30.35
C SER B 872 -13.29 -20.78 29.23
N LEU B 873 -13.40 -21.85 28.48
CA LEU B 873 -12.55 -22.04 27.30
C LEU B 873 -13.00 -21.10 26.20
N PRO B 874 -12.07 -20.33 25.63
CA PRO B 874 -12.40 -19.32 24.62
C PRO B 874 -13.12 -19.90 23.40
N SER B 875 -12.84 -21.15 23.06
CA SER B 875 -13.54 -21.80 21.96
C SER B 875 -15.04 -21.91 22.25
N THR B 876 -15.40 -21.88 23.52
CA THR B 876 -16.80 -21.93 23.88
C THR B 876 -17.49 -20.58 23.73
N SER B 877 -16.84 -19.54 24.24
CA SER B 877 -17.44 -18.20 24.24
C SER B 877 -17.19 -17.45 22.92
N ASP B 878 -16.27 -17.95 22.12
CA ASP B 878 -15.98 -17.38 20.82
C ASP B 878 -15.96 -18.41 19.71
N PRO B 879 -17.15 -18.83 19.27
CA PRO B 879 -17.07 -19.64 18.05
C PRO B 879 -16.46 -18.79 16.94
N SER B 880 -15.61 -19.40 16.11
CA SER B 880 -14.83 -18.63 15.15
C SER B 880 -15.62 -18.30 13.88
N ASN B 881 -15.31 -17.17 13.28
CA ASN B 881 -15.98 -16.73 12.07
C ASN B 881 -15.02 -16.05 11.11
N VAL B 882 -15.38 -16.02 9.85
CA VAL B 882 -14.56 -15.36 8.85
C VAL B 882 -14.53 -13.86 9.09
N LEU B 883 -13.33 -13.29 9.06
CA LEU B 883 -13.20 -11.86 9.29
C LEU B 883 -13.79 -11.10 8.14
N SER B 884 -14.49 -10.01 8.45
CA SER B 884 -15.04 -9.17 7.42
C SER B 884 -13.97 -8.20 6.96
N GLN B 885 -14.27 -7.49 5.89
CA GLN B 885 -13.34 -6.53 5.30
C GLN B 885 -14.07 -5.22 5.06
N PRO B 886 -13.37 -4.08 5.06
CA PRO B 886 -11.96 -3.79 5.33
C PRO B 886 -11.48 -4.20 6.72
N ALA B 887 -12.36 -4.13 7.70
CA ALA B 887 -12.04 -4.60 9.06
C ALA B 887 -13.29 -5.12 9.75
N PRO B 888 -13.14 -6.11 10.65
CA PRO B 888 -14.23 -6.68 11.46
C PRO B 888 -14.78 -5.68 12.47
N LEU B 889 -16.06 -5.76 12.80
CA LEU B 889 -16.65 -4.79 13.73
C LEU B 889 -16.01 -4.86 15.10
N MET B 890 -15.81 -3.69 15.70
CA MET B 890 -15.26 -3.58 17.03
C MET B 890 -16.01 -2.51 17.78
N SER B 891 -16.08 -2.67 19.10
CA SER B 891 -16.78 -1.76 20.00
C SER B 891 -18.17 -1.35 19.54
N PRO B 892 -19.04 -2.33 19.21
CA PRO B 892 -20.39 -1.93 18.80
C PRO B 892 -21.13 -1.22 19.92
N PRO B 893 -21.98 -0.24 19.59
CA PRO B 893 -22.75 0.44 20.63
C PRO B 893 -23.87 -0.46 21.15
N THR B 894 -23.51 -1.46 21.93
CA THR B 894 -24.44 -2.46 22.45
C THR B 894 -25.29 -3.07 21.34
#